data_5HHM
#
_entry.id   5HHM
#
_cell.length_a   242.876
_cell.length_b   47.296
_cell.length_c   185.945
_cell.angle_alpha   90.00
_cell.angle_beta   115.49
_cell.angle_gamma   90.00
#
_symmetry.space_group_name_H-M   'C 1 2 1'
#
loop_
_entity.id
_entity.type
_entity.pdbx_description
1 polymer 'HLA class I histocompatibility antigen, A-2 alpha chain'
2 polymer Beta-2-microglobulin
3 polymer 'M1-F5L, GILGLVFTL'
4 polymer 'JM22 TCR alpha chain'
5 polymer 'JM22 TCR beta chain'
6 water water
#
loop_
_entity_poly.entity_id
_entity_poly.type
_entity_poly.pdbx_seq_one_letter_code
_entity_poly.pdbx_strand_id
1 'polypeptide(L)'
;GSHSMRYFFTSVSRPGRGEPRFIAVGYVDDTQFVRFDSDAASQRMEPRAPWIEQEGPEYWDGETRKVKAHSQTHRVDLGT
LRGYYNQSEAGSHTVQRMYGCDVGSDWRFLRGYHQYAYDGKDYIALKEDLRSWTAADMAAQTTKHKWEAAHVAEQLRAYL
EGTCVEWLRRYLENGKETLQRTDAPKTHMTHHAVSDHEATLRCWALSFYPAEITLTWQRDGEDQTQDTELVETRPAGDGT
FQKWAAVVVPSGQEQRYTCHVQHEGLPKPLTLRWEP
;
A,F
2 'polypeptide(L)'
;MIQRTPKIQVYSRHPAENGKSNFLNCYVSGFHPSDIEVDLLKNGERIEKVEHSDLSFSKDWSFYLLYYTEFTPTEKDEYA
CRVNHVTLSQPKIVKWDRDM
;
B,G
3 'polypeptide(L)' GILGLVFTL C,H
4 'polypeptide(L)'
;QLLEQSPQFLSIQEGENLTVYCNSSSVFSSLQWYRQEPGEGPVLLVTVVTGGEVKKLKRLTFQFGDARKDSSLHITAAQP
GDTGLYLCAGAGSQGNLIFGKGTKLSVKPNIQNPDPAVYQLRDSKSSSDKSVCLFTDFDSQTNVSQSKDSDVYITDKTVL
DMRSMDFKSNSAVAWSNKSDFACANAFNNSIIPEDTFFPS
;
D,I
5 'polypeptide(L)'
;GGITQSPKYLFRKEGQNVTLSCEQNLNHDAMYWYRQDPGQGLRLIYYSQIVNDFQKGDIAEGYSVSREKKESFPLTVTSA
QKNPTAFYLCASSSRSSYEQYFGPGTRLTVTEDLKNVFPPEVAVFEPSEAEISHTQKATLVCLATGFYPDHVELSWWVNG
KEVHSGVSTDPQPLKEQPALNDSRYSLSSRLRVSATFWQNPRNHFRCQVQFYGLSENDEWTQDRAKPVTQIVSAEAWGRA
D
;
E,J
#
# COMPACT_ATOMS: atom_id res chain seq x y z
N GLY A 1 55.28 -4.29 66.03
CA GLY A 1 56.20 -4.60 64.93
C GLY A 1 55.50 -4.79 63.60
N SER A 2 56.28 -5.15 62.58
CA SER A 2 55.76 -5.37 61.22
C SER A 2 55.10 -6.73 61.02
N HIS A 3 53.86 -6.72 60.48
CA HIS A 3 53.09 -7.93 60.14
C HIS A 3 52.72 -7.97 58.66
N SER A 4 52.28 -9.13 58.18
CA SER A 4 51.87 -9.30 56.80
C SER A 4 50.75 -10.33 56.70
N MET A 5 49.92 -10.24 55.65
CA MET A 5 48.91 -11.25 55.35
C MET A 5 49.12 -11.64 53.90
N ARG A 6 49.32 -12.94 53.63
CA ARG A 6 49.54 -13.38 52.25
C ARG A 6 48.69 -14.54 51.83
N TYR A 7 48.35 -14.54 50.55
CA TYR A 7 47.57 -15.57 49.90
C TYR A 7 48.40 -16.15 48.77
N PHE A 8 48.59 -17.49 48.78
CA PHE A 8 49.39 -18.22 47.80
C PHE A 8 48.56 -19.20 47.04
N PHE A 9 48.50 -19.08 45.71
CA PHE A 9 47.72 -20.01 44.87
C PHE A 9 48.62 -20.70 43.86
N THR A 10 48.48 -22.02 43.78
CA THR A 10 49.18 -22.90 42.85
C THR A 10 48.06 -23.61 42.10
N SER A 11 48.25 -23.85 40.82
CA SER A 11 47.29 -24.58 40.01
C SER A 11 48.10 -25.36 39.00
N VAL A 12 47.97 -26.69 39.01
CA VAL A 12 48.76 -27.58 38.17
C VAL A 12 47.88 -28.37 37.25
N SER A 13 48.17 -28.31 35.93
CA SER A 13 47.45 -29.06 34.89
C SER A 13 47.94 -30.49 34.88
N ARG A 14 47.04 -31.42 34.55
CA ARG A 14 47.34 -32.85 34.50
C ARG A 14 47.21 -33.35 33.05
N PRO A 15 48.13 -34.23 32.58
CA PRO A 15 48.08 -34.71 31.17
C PRO A 15 46.73 -35.15 30.61
N GLY A 16 46.39 -34.56 29.47
CA GLY A 16 45.16 -34.81 28.73
C GLY A 16 43.89 -34.35 29.41
N ARG A 17 42.95 -35.31 29.56
CA ARG A 17 41.62 -35.11 30.12
C ARG A 17 41.54 -34.96 31.65
N GLY A 18 42.64 -35.26 32.36
CA GLY A 18 42.72 -35.10 33.82
C GLY A 18 42.47 -33.65 34.25
N GLU A 19 41.50 -33.44 35.16
CA GLU A 19 41.19 -32.09 35.66
C GLU A 19 42.39 -31.53 36.45
N PRO A 20 42.63 -30.21 36.55
CA PRO A 20 43.84 -29.75 37.21
C PRO A 20 43.81 -29.64 38.75
N ARG A 21 44.98 -29.59 39.36
CA ARG A 21 45.03 -29.39 40.78
C ARG A 21 44.94 -27.92 41.09
N PHE A 22 44.40 -27.60 42.27
CA PHE A 22 44.32 -26.25 42.80
C PHE A 22 44.52 -26.28 44.33
N ILE A 23 45.53 -25.56 44.83
CA ILE A 23 45.85 -25.35 46.27
C ILE A 23 45.77 -23.84 46.60
N ALA A 24 44.94 -23.50 47.55
CA ALA A 24 44.87 -22.15 48.08
C ALA A 24 45.38 -22.17 49.54
N VAL A 25 46.42 -21.42 49.88
CA VAL A 25 46.86 -21.33 51.28
C VAL A 25 46.94 -19.88 51.74
N GLY A 26 46.59 -19.62 52.99
CA GLY A 26 46.65 -18.27 53.54
C GLY A 26 47.53 -18.18 54.75
N TYR A 27 48.34 -17.12 54.86
CA TYR A 27 49.20 -16.89 56.01
C TYR A 27 49.00 -15.48 56.57
N VAL A 28 49.21 -15.35 57.88
CA VAL A 28 49.35 -14.10 58.65
C VAL A 28 50.76 -14.34 59.21
N ASP A 29 51.75 -13.67 58.63
CA ASP A 29 53.17 -13.83 58.97
C ASP A 29 53.68 -15.21 58.54
N ASP A 30 54.14 -16.02 59.51
CA ASP A 30 54.70 -17.36 59.33
C ASP A 30 53.74 -18.45 59.83
N THR A 31 52.48 -18.05 60.11
CA THR A 31 51.40 -18.94 60.55
C THR A 31 50.29 -19.04 59.48
N GLN A 32 50.16 -20.23 58.90
CA GLN A 32 49.13 -20.59 57.95
C GLN A 32 47.82 -20.66 58.73
N PHE A 33 46.73 -20.22 58.11
CA PHE A 33 45.47 -20.14 58.83
C PHE A 33 44.31 -20.72 58.08
N VAL A 34 44.41 -20.82 56.75
CA VAL A 34 43.35 -21.35 55.91
C VAL A 34 43.92 -22.18 54.78
N ARG A 35 43.11 -23.10 54.25
CA ARG A 35 43.46 -23.93 53.12
C ARG A 35 42.26 -24.32 52.33
N PHE A 36 42.49 -24.59 51.05
CA PHE A 36 41.48 -25.09 50.14
C PHE A 36 42.23 -25.97 49.17
N ASP A 37 41.84 -27.24 49.10
CA ASP A 37 42.45 -28.18 48.17
C ASP A 37 41.42 -28.71 47.19
N SER A 38 41.83 -28.86 45.92
CA SER A 38 41.02 -29.40 44.83
C SER A 38 40.79 -30.92 45.08
N ASP A 39 41.86 -31.67 45.47
CA ASP A 39 41.82 -33.10 45.79
C ASP A 39 41.51 -33.32 47.29
N ALA A 40 40.34 -32.86 47.71
CA ALA A 40 39.82 -32.97 49.06
C ALA A 40 38.30 -33.12 48.92
N ALA A 41 37.68 -33.98 49.75
CA ALA A 41 36.24 -34.23 49.67
C ALA A 41 35.43 -33.03 50.12
N SER A 42 35.93 -32.33 51.18
CA SER A 42 35.30 -31.16 51.82
C SER A 42 34.86 -30.11 50.83
N GLN A 43 35.73 -29.75 49.86
CA GLN A 43 35.48 -28.73 48.83
C GLN A 43 35.05 -27.45 49.53
N ARG A 44 35.84 -27.07 50.53
CA ARG A 44 35.57 -25.94 51.38
C ARG A 44 36.85 -25.38 51.83
N MET A 45 36.86 -24.06 52.08
CA MET A 45 38.02 -23.40 52.65
C MET A 45 38.01 -23.93 54.08
N GLU A 46 39.15 -24.41 54.55
CA GLU A 46 39.26 -25.03 55.87
C GLU A 46 40.22 -24.29 56.81
N PRO A 47 39.89 -24.14 58.14
CA PRO A 47 40.85 -23.50 59.07
C PRO A 47 42.09 -24.36 59.29
N ARG A 48 43.22 -23.71 59.53
CA ARG A 48 44.51 -24.34 59.78
C ARG A 48 45.19 -23.66 60.98
N ALA A 49 44.40 -22.85 61.69
CA ALA A 49 44.81 -22.14 62.90
C ALA A 49 43.67 -22.18 63.90
N PRO A 50 43.94 -22.19 65.22
CA PRO A 50 42.82 -22.24 66.19
C PRO A 50 41.98 -20.97 66.19
N TRP A 51 42.63 -19.82 66.19
CA TRP A 51 41.98 -18.52 66.23
C TRP A 51 41.01 -18.21 65.08
N ILE A 52 41.20 -18.83 63.90
CA ILE A 52 40.29 -18.61 62.79
C ILE A 52 39.01 -19.45 62.93
N GLU A 53 39.05 -20.54 63.75
CA GLU A 53 37.88 -21.42 63.97
C GLU A 53 36.70 -20.68 64.64
N GLN A 54 36.99 -19.55 65.33
CA GLN A 54 35.98 -18.70 65.99
C GLN A 54 35.04 -17.91 65.03
N GLU A 55 35.39 -17.86 63.71
CA GLU A 55 34.62 -17.20 62.64
C GLU A 55 33.32 -17.95 62.35
N GLY A 56 32.27 -17.20 62.00
CA GLY A 56 30.94 -17.71 61.68
C GLY A 56 30.81 -18.52 60.41
N PRO A 57 29.63 -19.16 60.16
CA PRO A 57 29.47 -19.95 58.91
C PRO A 57 29.48 -19.10 57.64
N GLU A 58 28.98 -17.84 57.73
CA GLU A 58 28.92 -16.83 56.67
C GLU A 58 30.32 -16.55 56.11
N TYR A 59 31.31 -16.45 57.01
CA TYR A 59 32.70 -16.25 56.66
C TYR A 59 33.16 -17.43 55.79
N TRP A 60 33.01 -18.67 56.31
CA TRP A 60 33.41 -19.91 55.65
C TRP A 60 32.66 -20.17 54.35
N ASP A 61 31.42 -19.68 54.28
CA ASP A 61 30.60 -19.79 53.11
C ASP A 61 31.13 -18.93 51.99
N GLY A 62 31.50 -17.71 52.34
CA GLY A 62 32.03 -16.71 51.42
C GLY A 62 33.40 -17.10 50.93
N GLU A 63 34.29 -17.47 51.86
CA GLU A 63 35.64 -17.90 51.55
C GLU A 63 35.66 -19.11 50.60
N THR A 64 34.67 -20.01 50.71
CA THR A 64 34.49 -21.17 49.82
C THR A 64 34.02 -20.72 48.40
N ARG A 65 33.00 -19.86 48.36
CA ARG A 65 32.46 -19.28 47.14
C ARG A 65 33.59 -18.54 46.38
N LYS A 66 34.38 -17.70 47.08
CA LYS A 66 35.47 -16.88 46.50
C LYS A 66 36.66 -17.70 46.02
N VAL A 67 36.96 -18.82 46.67
CA VAL A 67 38.05 -19.69 46.24
C VAL A 67 37.66 -20.54 45.01
N LYS A 68 36.38 -20.96 44.91
CA LYS A 68 35.86 -21.74 43.80
C LYS A 68 35.81 -20.87 42.58
N ALA A 69 35.71 -19.54 42.78
CA ALA A 69 35.73 -18.58 41.66
C ALA A 69 37.21 -18.44 41.18
N HIS A 70 38.18 -18.29 42.12
CA HIS A 70 39.64 -18.21 41.88
C HIS A 70 40.11 -19.46 41.19
N SER A 71 39.63 -20.63 41.65
CA SER A 71 39.98 -21.94 41.11
C SER A 71 39.56 -22.04 39.62
N GLN A 72 38.32 -21.62 39.30
CA GLN A 72 37.77 -21.60 37.95
C GLN A 72 38.50 -20.59 37.09
N THR A 73 38.99 -19.51 37.71
CA THR A 73 39.73 -18.48 37.00
C THR A 73 41.10 -19.01 36.63
N HIS A 74 41.79 -19.69 37.58
CA HIS A 74 43.11 -20.24 37.27
C HIS A 74 43.10 -21.44 36.31
N ARG A 75 41.97 -22.21 36.26
CA ARG A 75 41.72 -23.32 35.35
C ARG A 75 41.69 -22.77 33.90
N VAL A 76 40.95 -21.68 33.68
CA VAL A 76 40.91 -20.93 32.42
C VAL A 76 42.32 -20.42 32.10
N ASP A 77 43.02 -19.86 33.10
CA ASP A 77 44.37 -19.31 32.94
C ASP A 77 45.40 -20.29 32.39
N LEU A 78 45.37 -21.54 32.89
CA LEU A 78 46.18 -22.68 32.43
C LEU A 78 45.95 -22.89 30.92
N GLY A 79 44.68 -22.90 30.49
CA GLY A 79 44.30 -23.06 29.09
C GLY A 79 44.74 -21.88 28.24
N THR A 80 44.69 -20.65 28.81
CA THR A 80 45.11 -19.46 28.11
C THR A 80 46.60 -19.49 27.91
N LEU A 81 47.37 -19.73 28.98
CA LEU A 81 48.82 -19.72 28.97
C LEU A 81 49.48 -20.73 28.02
N ARG A 82 48.88 -21.90 27.90
CA ARG A 82 49.29 -22.95 26.98
C ARG A 82 49.31 -22.30 25.55
N GLY A 83 48.22 -21.60 25.20
CA GLY A 83 48.08 -20.88 23.94
C GLY A 83 49.07 -19.77 23.75
N TYR A 84 49.30 -18.95 24.78
CA TYR A 84 50.22 -17.81 24.74
C TYR A 84 51.63 -18.24 24.37
N TYR A 85 52.00 -19.42 24.84
CA TYR A 85 53.31 -20.04 24.66
C TYR A 85 53.33 -21.14 23.60
N ASN A 86 52.18 -21.39 22.92
CA ASN A 86 52.00 -22.37 21.85
C ASN A 86 52.44 -23.80 22.24
N GLN A 87 52.03 -24.23 23.44
CA GLN A 87 52.35 -25.52 24.04
C GLN A 87 51.26 -26.59 23.81
N SER A 88 51.66 -27.86 23.95
CA SER A 88 50.84 -29.08 23.80
C SER A 88 49.99 -29.41 25.02
N GLU A 89 49.09 -30.42 24.88
CA GLU A 89 48.17 -30.85 25.94
C GLU A 89 48.65 -32.03 26.82
N ALA A 90 49.82 -32.64 26.49
CA ALA A 90 50.41 -33.76 27.22
C ALA A 90 51.34 -33.35 28.37
N GLY A 91 52.08 -32.25 28.19
CA GLY A 91 53.02 -31.73 29.18
C GLY A 91 52.36 -30.96 30.31
N SER A 92 52.73 -31.29 31.57
CA SER A 92 52.20 -30.68 32.80
C SER A 92 52.73 -29.27 33.07
N HIS A 93 51.83 -28.30 33.33
CA HIS A 93 52.17 -26.91 33.56
C HIS A 93 51.61 -26.34 34.87
N THR A 94 52.33 -25.38 35.47
CA THR A 94 52.03 -24.75 36.76
C THR A 94 51.83 -23.23 36.65
N VAL A 95 50.75 -22.72 37.28
CA VAL A 95 50.37 -21.30 37.43
C VAL A 95 50.43 -21.01 38.95
N GLN A 96 51.17 -19.96 39.35
CA GLN A 96 51.32 -19.54 40.75
C GLN A 96 50.94 -18.07 40.89
N ARG A 97 50.16 -17.73 41.90
CA ARG A 97 49.70 -16.38 42.21
C ARG A 97 49.86 -16.15 43.69
N MET A 98 50.30 -14.97 44.05
CA MET A 98 50.45 -14.48 45.40
C MET A 98 49.92 -13.06 45.44
N TYR A 99 49.20 -12.76 46.52
CA TYR A 99 48.72 -11.41 46.86
C TYR A 99 48.60 -11.18 48.36
N GLY A 100 48.73 -9.95 48.76
CA GLY A 100 48.68 -9.60 50.18
C GLY A 100 49.25 -8.25 50.54
N CYS A 101 49.33 -7.99 51.83
CA CYS A 101 49.75 -6.72 52.35
C CYS A 101 50.62 -6.86 53.56
N ASP A 102 51.54 -5.90 53.70
CA ASP A 102 52.40 -5.72 54.85
C ASP A 102 51.92 -4.46 55.58
N VAL A 103 51.83 -4.52 56.90
CA VAL A 103 51.53 -3.38 57.79
C VAL A 103 52.75 -3.15 58.70
N GLY A 104 52.99 -1.90 59.07
CA GLY A 104 54.09 -1.53 59.95
C GLY A 104 53.76 -1.74 61.43
N SER A 105 54.56 -1.13 62.33
CA SER A 105 54.38 -1.23 63.78
C SER A 105 53.08 -0.60 64.26
N ASP A 106 52.55 0.40 63.50
CA ASP A 106 51.29 1.12 63.79
C ASP A 106 50.07 0.40 63.20
N TRP A 107 50.32 -0.79 62.58
CA TRP A 107 49.34 -1.67 61.93
C TRP A 107 48.67 -0.97 60.75
N ARG A 108 49.43 -0.08 60.10
CA ARG A 108 48.96 0.72 58.99
C ARG A 108 49.64 0.20 57.74
N PHE A 109 48.94 0.22 56.57
CA PHE A 109 49.45 -0.22 55.27
C PHE A 109 50.91 0.18 55.05
N LEU A 110 51.76 -0.80 54.74
CA LEU A 110 53.17 -0.60 54.46
C LEU A 110 53.39 -0.82 52.99
N ARG A 111 53.11 -2.05 52.49
CA ARG A 111 53.22 -2.40 51.07
C ARG A 111 52.29 -3.54 50.62
N GLY A 112 51.96 -3.56 49.33
CA GLY A 112 51.07 -4.56 48.72
C GLY A 112 51.73 -5.39 47.62
N TYR A 113 51.21 -6.58 47.39
CA TYR A 113 51.74 -7.49 46.39
C TYR A 113 50.60 -8.08 45.56
N HIS A 114 50.91 -8.41 44.31
CA HIS A 114 49.98 -9.07 43.39
C HIS A 114 50.77 -9.50 42.16
N GLN A 115 51.18 -10.79 42.13
CA GLN A 115 52.07 -11.35 41.11
C GLN A 115 51.79 -12.78 40.77
N TYR A 116 52.11 -13.14 39.53
CA TYR A 116 51.95 -14.44 38.92
C TYR A 116 53.27 -14.94 38.42
N ALA A 117 53.39 -16.27 38.34
CA ALA A 117 54.50 -16.99 37.78
C ALA A 117 53.93 -18.13 36.97
N TYR A 118 54.58 -18.47 35.85
CA TYR A 118 54.17 -19.57 34.99
C TYR A 118 55.39 -20.44 34.79
N ASP A 119 55.25 -21.73 35.15
CA ASP A 119 56.30 -22.74 35.12
C ASP A 119 57.60 -22.34 35.91
N GLY A 120 57.42 -21.68 37.06
CA GLY A 120 58.53 -21.26 37.92
C GLY A 120 59.22 -19.98 37.51
N LYS A 121 58.73 -19.31 36.46
CA LYS A 121 59.33 -18.06 36.00
C LYS A 121 58.28 -16.97 36.18
N ASP A 122 58.71 -15.75 36.64
CA ASP A 122 57.83 -14.59 36.85
C ASP A 122 57.12 -14.29 35.56
N TYR A 123 55.82 -13.99 35.63
CA TYR A 123 54.97 -13.75 34.46
C TYR A 123 54.51 -12.31 34.43
N ILE A 124 53.80 -11.88 35.48
CA ILE A 124 53.30 -10.50 35.60
C ILE A 124 53.25 -10.09 37.09
N ALA A 125 53.50 -8.81 37.40
CA ALA A 125 53.49 -8.33 38.79
C ALA A 125 53.06 -6.88 38.89
N LEU A 126 52.27 -6.58 39.93
CA LEU A 126 51.86 -5.22 40.24
C LEU A 126 53.10 -4.60 40.89
N LYS A 127 53.51 -3.40 40.44
CA LYS A 127 54.68 -2.72 41.03
C LYS A 127 54.36 -2.15 42.40
N GLU A 128 55.38 -1.71 43.17
CA GLU A 128 55.18 -1.11 44.50
C GLU A 128 54.26 0.14 44.50
N ASP A 129 54.19 0.89 43.38
CA ASP A 129 53.32 2.07 43.24
C ASP A 129 51.86 1.63 43.20
N LEU A 130 51.60 0.31 42.95
CA LEU A 130 50.27 -0.31 42.84
C LEU A 130 49.39 0.28 41.72
N ARG A 131 50.02 0.92 40.69
CA ARG A 131 49.32 1.53 39.57
C ARG A 131 49.70 0.86 38.25
N SER A 132 50.95 0.37 38.18
CA SER A 132 51.54 -0.21 36.97
C SER A 132 51.98 -1.65 37.14
N TRP A 133 52.24 -2.32 36.00
CA TRP A 133 52.59 -3.74 35.87
C TRP A 133 53.97 -4.04 35.28
N THR A 134 54.59 -5.14 35.74
CA THR A 134 55.86 -5.66 35.20
C THR A 134 55.52 -6.92 34.39
N ALA A 135 55.60 -6.84 33.07
CA ALA A 135 55.36 -7.96 32.18
C ALA A 135 56.70 -8.51 31.81
N ALA A 136 56.96 -9.75 32.23
CA ALA A 136 58.22 -10.42 31.98
C ALA A 136 58.49 -10.57 30.47
N ASP A 137 57.50 -11.06 29.70
CA ASP A 137 57.68 -11.28 28.27
C ASP A 137 56.52 -10.90 27.34
N MET A 138 56.69 -11.15 26.04
CA MET A 138 55.75 -10.86 24.95
C MET A 138 54.40 -11.54 25.17
N ALA A 139 54.39 -12.75 25.78
CA ALA A 139 53.14 -13.44 26.10
C ALA A 139 52.38 -12.66 27.20
N ALA A 140 53.11 -12.16 28.23
CA ALA A 140 52.58 -11.37 29.35
C ALA A 140 52.19 -9.94 29.00
N GLN A 141 52.51 -9.49 27.79
CA GLN A 141 52.13 -8.17 27.30
C GLN A 141 50.66 -8.20 26.88
N THR A 142 50.13 -9.37 26.51
CA THR A 142 48.71 -9.54 26.18
C THR A 142 47.85 -9.38 27.44
N THR A 143 48.37 -9.83 28.59
CA THR A 143 47.74 -9.75 29.91
C THR A 143 47.70 -8.31 30.42
N LYS A 144 48.86 -7.66 30.43
CA LYS A 144 49.09 -6.28 30.84
C LYS A 144 48.16 -5.30 30.10
N HIS A 145 47.97 -5.49 28.78
CA HIS A 145 47.09 -4.65 27.93
C HIS A 145 45.61 -4.82 28.23
N LYS A 146 45.21 -6.05 28.62
CA LYS A 146 43.86 -6.45 29.03
C LYS A 146 43.60 -5.87 30.41
N TRP A 147 44.54 -6.01 31.35
CA TRP A 147 44.39 -5.52 32.70
C TRP A 147 44.47 -3.99 32.79
N GLU A 148 45.16 -3.33 31.83
CA GLU A 148 45.28 -1.89 31.80
C GLU A 148 43.97 -1.25 31.36
N ALA A 149 43.41 -1.76 30.25
CA ALA A 149 42.21 -1.29 29.57
C ALA A 149 40.95 -1.50 30.44
N ALA A 150 41.00 -2.54 31.30
CA ALA A 150 39.93 -2.92 32.18
C ALA A 150 40.11 -2.40 33.60
N HIS A 151 41.15 -1.55 33.84
CA HIS A 151 41.48 -0.90 35.12
C HIS A 151 41.49 -1.82 36.39
N VAL A 152 42.24 -2.94 36.32
CA VAL A 152 42.43 -3.96 37.37
C VAL A 152 43.30 -3.40 38.54
N ALA A 153 44.42 -2.71 38.25
CA ALA A 153 45.31 -2.16 39.28
C ALA A 153 44.57 -1.27 40.25
N GLU A 154 43.62 -0.45 39.77
CA GLU A 154 42.85 0.45 40.65
C GLU A 154 42.02 -0.34 41.63
N GLN A 155 41.34 -1.39 41.14
CA GLN A 155 40.54 -2.25 42.03
C GLN A 155 41.39 -3.03 42.99
N LEU A 156 42.57 -3.52 42.54
CA LEU A 156 43.51 -4.26 43.39
C LEU A 156 44.13 -3.38 44.46
N ARG A 157 44.48 -2.12 44.11
CA ARG A 157 45.00 -1.13 45.06
C ARG A 157 43.98 -0.94 46.20
N ALA A 158 42.70 -0.70 45.87
CA ALA A 158 41.58 -0.59 46.83
C ALA A 158 41.56 -1.74 47.90
N TYR A 159 41.62 -3.03 47.47
CA TYR A 159 41.64 -4.22 48.33
C TYR A 159 42.92 -4.28 49.17
N LEU A 160 44.09 -4.14 48.53
CA LEU A 160 45.38 -4.23 49.21
C LEU A 160 45.60 -3.18 50.29
N GLU A 161 45.31 -1.90 49.96
CA GLU A 161 45.49 -0.75 50.85
C GLU A 161 44.43 -0.64 51.94
N GLY A 162 43.25 -1.21 51.71
CA GLY A 162 42.13 -1.13 52.64
C GLY A 162 41.69 -2.45 53.22
N THR A 163 40.83 -3.17 52.47
CA THR A 163 40.19 -4.43 52.84
C THR A 163 41.17 -5.42 53.43
N CYS A 164 42.29 -5.64 52.71
CA CYS A 164 43.35 -6.56 53.05
C CYS A 164 43.92 -6.23 54.41
N VAL A 165 44.19 -4.94 54.63
CA VAL A 165 44.74 -4.38 55.89
C VAL A 165 43.73 -4.58 57.07
N GLU A 166 42.42 -4.32 56.83
CA GLU A 166 41.32 -4.49 57.79
C GLU A 166 41.20 -5.96 58.27
N TRP A 167 41.34 -6.91 57.33
CA TRP A 167 41.35 -8.34 57.64
C TRP A 167 42.57 -8.70 58.47
N LEU A 168 43.76 -8.22 58.05
CA LEU A 168 45.02 -8.46 58.77
C LEU A 168 44.90 -8.01 60.24
N ARG A 169 44.31 -6.83 60.47
CA ARG A 169 44.01 -6.23 61.78
C ARG A 169 43.02 -7.07 62.59
N ARG A 170 41.98 -7.63 61.94
CA ARG A 170 40.96 -8.46 62.60
C ARG A 170 41.61 -9.77 63.04
N TYR A 171 42.48 -10.35 62.18
CA TYR A 171 43.18 -11.60 62.47
C TYR A 171 44.16 -11.43 63.58
N LEU A 172 44.91 -10.33 63.57
CA LEU A 172 45.89 -10.01 64.60
C LEU A 172 45.26 -9.84 65.98
N GLU A 173 44.07 -9.22 66.05
CA GLU A 173 43.37 -9.07 67.31
C GLU A 173 42.77 -10.38 67.79
N ASN A 174 42.15 -11.16 66.89
CA ASN A 174 41.57 -12.47 67.19
C ASN A 174 42.65 -13.46 67.59
N GLY A 175 43.76 -13.48 66.83
CA GLY A 175 44.89 -14.37 67.05
C GLY A 175 45.96 -13.80 67.96
N LYS A 176 45.57 -12.87 68.85
CA LYS A 176 46.39 -12.16 69.84
C LYS A 176 47.52 -13.01 70.46
N GLU A 177 47.15 -14.10 71.14
CA GLU A 177 48.07 -14.99 71.86
C GLU A 177 48.99 -15.84 70.97
N THR A 178 48.69 -15.90 69.67
CA THR A 178 49.39 -16.69 68.65
C THR A 178 50.30 -15.84 67.76
N LEU A 179 49.74 -14.81 67.13
CA LEU A 179 50.41 -13.98 66.12
C LEU A 179 51.27 -12.87 66.67
N GLN A 180 50.88 -12.32 67.83
CA GLN A 180 51.62 -11.22 68.46
C GLN A 180 52.76 -11.69 69.34
N ARG A 181 52.87 -13.03 69.51
CA ARG A 181 53.88 -13.79 70.23
C ARG A 181 55.29 -13.57 69.67
N THR A 182 56.26 -13.25 70.55
CA THR A 182 57.67 -13.09 70.17
C THR A 182 58.59 -14.00 70.98
N ASP A 183 59.34 -14.85 70.27
CA ASP A 183 60.34 -15.79 70.78
C ASP A 183 61.65 -15.44 69.99
N ALA A 184 62.87 -15.48 70.58
CA ALA A 184 63.52 -16.00 71.79
C ALA A 184 64.42 -17.17 71.32
N PRO A 185 65.45 -16.88 70.47
CA PRO A 185 66.32 -17.96 70.00
C PRO A 185 67.33 -18.42 71.05
N LYS A 186 67.58 -19.73 71.09
CA LYS A 186 68.54 -20.37 71.99
C LYS A 186 69.86 -20.61 71.23
N THR A 187 71.00 -20.21 71.84
CA THR A 187 72.33 -20.36 71.24
C THR A 187 73.20 -21.40 71.94
N ALA A 205 70.80 -20.85 66.71
CA ALA A 205 69.48 -20.24 66.85
C ALA A 205 68.36 -21.28 66.86
N LEU A 206 67.72 -21.47 68.02
CA LEU A 206 66.62 -22.44 68.19
C LEU A 206 65.34 -21.83 68.73
N SER A 207 64.19 -22.50 68.47
CA SER A 207 62.81 -22.18 68.89
C SER A 207 62.42 -20.68 69.00
N PHE A 208 62.60 -19.96 67.89
CA PHE A 208 62.30 -18.55 67.73
C PHE A 208 61.10 -18.27 66.78
N TYR A 209 60.39 -17.14 67.05
CA TYR A 209 59.24 -16.67 66.27
C TYR A 209 59.12 -15.16 66.36
N PRO A 210 58.96 -14.41 65.24
CA PRO A 210 58.90 -14.87 63.83
C PRO A 210 60.19 -15.48 63.26
N ALA A 211 60.09 -16.06 62.05
CA ALA A 211 61.17 -16.75 61.32
C ALA A 211 62.37 -15.87 60.94
N GLU A 212 62.13 -14.56 60.69
CA GLU A 212 63.19 -13.64 60.30
C GLU A 212 64.29 -13.55 61.38
N ILE A 213 65.52 -13.84 60.96
CA ILE A 213 66.74 -13.84 61.77
C ILE A 213 67.91 -13.38 60.89
N THR A 214 68.95 -12.79 61.52
CA THR A 214 70.12 -12.30 60.80
C THR A 214 71.44 -12.74 61.44
N VAL A 231 72.67 -22.99 56.99
CA VAL A 231 71.46 -23.67 56.53
C VAL A 231 70.18 -22.84 56.71
N GLU A 232 69.30 -22.91 55.70
CA GLU A 232 67.97 -22.30 55.62
C GLU A 232 67.13 -22.53 56.89
N THR A 233 66.43 -21.47 57.36
CA THR A 233 65.50 -21.46 58.50
C THR A 233 64.41 -22.49 58.21
N ARG A 234 64.27 -23.44 59.13
CA ARG A 234 63.37 -24.56 59.02
C ARG A 234 62.28 -24.52 60.10
N PRO A 235 61.03 -24.95 59.79
CA PRO A 235 60.00 -24.99 60.83
C PRO A 235 60.23 -26.14 61.79
N ALA A 236 60.13 -25.87 63.09
CA ALA A 236 60.29 -26.94 64.09
C ALA A 236 59.03 -27.81 64.05
N GLY A 237 57.92 -27.18 63.66
CA GLY A 237 56.60 -27.80 63.53
C GLY A 237 55.72 -27.53 64.73
N ASP A 238 56.24 -26.75 65.72
CA ASP A 238 55.56 -26.36 66.96
C ASP A 238 55.17 -24.86 66.90
N GLY A 239 55.33 -24.26 65.73
CA GLY A 239 55.05 -22.85 65.49
C GLY A 239 56.32 -22.04 65.36
N THR A 240 57.44 -22.53 65.93
CA THR A 240 58.73 -21.84 65.90
C THR A 240 59.66 -22.40 64.85
N PHE A 241 60.84 -21.79 64.72
CA PHE A 241 61.84 -22.09 63.71
C PHE A 241 63.24 -22.38 64.27
N GLN A 242 64.15 -22.91 63.41
CA GLN A 242 65.53 -23.29 63.79
C GLN A 242 66.51 -22.79 62.75
N LYS A 243 67.74 -22.42 63.16
CA LYS A 243 68.80 -21.95 62.26
C LYS A 243 70.21 -22.38 62.73
N TRP A 244 71.13 -22.56 61.77
CA TRP A 244 72.50 -23.02 62.01
C TRP A 244 73.54 -22.06 61.46
N ALA A 245 74.59 -21.79 62.27
CA ALA A 245 75.73 -20.92 61.96
C ALA A 245 76.72 -21.59 61.00
N MET B 1 60.39 -22.41 31.17
CA MET B 1 60.33 -23.63 31.99
C MET B 1 61.57 -23.71 32.88
N ILE B 2 61.44 -23.27 34.13
CA ILE B 2 62.54 -23.33 35.07
C ILE B 2 62.21 -24.30 36.16
N GLN B 3 62.91 -25.44 36.20
CA GLN B 3 62.80 -26.45 37.25
C GLN B 3 63.90 -26.18 38.30
N ARG B 4 63.69 -26.65 39.55
CA ARG B 4 64.68 -26.52 40.64
C ARG B 4 64.67 -27.79 41.47
N THR B 5 65.84 -28.30 41.84
CA THR B 5 65.93 -29.50 42.64
C THR B 5 65.73 -29.21 44.15
N PRO B 6 65.03 -30.09 44.93
CA PRO B 6 64.83 -29.81 46.36
C PRO B 6 66.07 -29.80 47.26
N LYS B 7 66.06 -28.88 48.27
CA LYS B 7 67.03 -28.76 49.38
C LYS B 7 66.38 -29.64 50.45
N ILE B 8 67.17 -30.53 51.09
CA ILE B 8 66.61 -31.47 52.07
C ILE B 8 67.25 -31.29 53.40
N GLN B 9 66.44 -31.25 54.44
CA GLN B 9 66.91 -31.15 55.82
C GLN B 9 66.12 -32.12 56.66
N VAL B 10 66.82 -33.08 57.28
CA VAL B 10 66.29 -34.10 58.20
C VAL B 10 66.75 -33.63 59.59
N TYR B 11 65.81 -33.46 60.51
CA TYR B 11 66.09 -32.93 61.87
C TYR B 11 64.96 -33.29 62.85
N SER B 12 65.15 -33.01 64.14
CA SER B 12 64.14 -33.29 65.17
C SER B 12 63.53 -31.99 65.72
N ARG B 13 62.24 -32.03 66.15
CA ARG B 13 61.50 -30.85 66.68
C ARG B 13 62.24 -30.12 67.82
N HIS B 14 62.84 -30.89 68.72
CA HIS B 14 63.58 -30.42 69.89
C HIS B 14 64.94 -31.10 69.85
N PRO B 15 65.93 -30.74 70.72
CA PRO B 15 67.19 -31.48 70.67
C PRO B 15 66.90 -32.91 71.13
N ALA B 16 67.35 -33.90 70.34
CA ALA B 16 67.12 -35.32 70.60
C ALA B 16 67.80 -35.80 71.85
N GLU B 17 67.06 -36.57 72.66
CA GLU B 17 67.45 -37.21 73.91
C GLU B 17 67.01 -38.65 73.76
N ASN B 18 67.96 -39.61 73.82
CA ASN B 18 67.69 -41.04 73.64
C ASN B 18 66.65 -41.59 74.63
N GLY B 19 65.60 -42.18 74.08
CA GLY B 19 64.51 -42.75 74.87
C GLY B 19 63.33 -41.81 75.05
N LYS B 20 63.56 -40.49 74.88
CA LYS B 20 62.52 -39.47 75.02
C LYS B 20 61.63 -39.39 73.76
N SER B 21 60.53 -38.64 73.85
CA SER B 21 59.62 -38.47 72.72
C SER B 21 59.99 -37.21 71.93
N ASN B 22 59.96 -37.32 70.60
CA ASN B 22 60.30 -36.25 69.68
C ASN B 22 59.53 -36.43 68.36
N PHE B 23 59.85 -35.58 67.37
CA PHE B 23 59.28 -35.58 66.03
C PHE B 23 60.43 -35.53 65.07
N LEU B 24 60.42 -36.44 64.09
CA LEU B 24 61.40 -36.52 63.03
C LEU B 24 60.86 -35.72 61.86
N ASN B 25 61.59 -34.67 61.51
CA ASN B 25 61.26 -33.73 60.46
C ASN B 25 62.15 -33.89 59.24
N CYS B 26 61.53 -33.72 58.07
CA CYS B 26 62.18 -33.65 56.79
C CYS B 26 61.55 -32.54 56.07
N TYR B 27 62.27 -31.42 55.96
CA TYR B 27 61.86 -30.20 55.31
C TYR B 27 62.48 -30.13 53.92
N VAL B 28 61.66 -30.37 52.89
CA VAL B 28 62.04 -30.26 51.46
C VAL B 28 61.57 -28.87 50.98
N SER B 29 62.48 -28.11 50.38
CA SER B 29 62.17 -26.75 49.96
C SER B 29 63.06 -26.37 48.77
N GLY B 30 62.71 -25.26 48.12
CA GLY B 30 63.42 -24.69 46.99
C GLY B 30 63.22 -25.41 45.67
N PHE B 31 62.15 -26.22 45.56
CA PHE B 31 61.87 -27.04 44.37
C PHE B 31 60.78 -26.61 43.37
N HIS B 32 60.96 -27.06 42.10
CA HIS B 32 60.03 -26.83 41.00
C HIS B 32 60.13 -27.89 39.91
N PRO B 33 59.02 -28.48 39.40
CA PRO B 33 57.61 -28.31 39.82
C PRO B 33 57.26 -28.89 41.20
N SER B 34 55.98 -28.76 41.58
CA SER B 34 55.39 -29.12 42.86
C SER B 34 55.40 -30.58 43.26
N ASP B 35 55.17 -31.48 42.30
CA ASP B 35 55.06 -32.92 42.56
C ASP B 35 56.31 -33.51 43.15
N ILE B 36 56.16 -33.98 44.38
CA ILE B 36 57.25 -34.52 45.19
C ILE B 36 56.82 -35.75 46.00
N GLU B 37 57.78 -36.62 46.24
CA GLU B 37 57.59 -37.84 47.00
C GLU B 37 58.63 -37.91 48.08
N VAL B 38 58.17 -37.88 49.32
CA VAL B 38 59.01 -37.91 50.51
C VAL B 38 58.55 -39.07 51.43
N ASP B 39 59.51 -39.93 51.85
CA ASP B 39 59.35 -41.06 52.80
C ASP B 39 60.39 -40.94 53.91
N LEU B 40 59.94 -41.16 55.16
CA LEU B 40 60.80 -41.15 56.34
C LEU B 40 61.19 -42.60 56.63
N LEU B 41 62.49 -42.89 56.61
CA LEU B 41 62.98 -44.25 56.78
C LEU B 41 63.53 -44.57 58.17
N LYS B 42 63.05 -45.66 58.78
CA LYS B 42 63.57 -46.17 60.05
C LYS B 42 64.30 -47.48 59.69
N ASN B 43 65.66 -47.45 59.67
CA ASN B 43 66.56 -48.56 59.33
C ASN B 43 66.24 -49.08 57.92
N GLY B 44 66.21 -48.16 56.96
CA GLY B 44 65.91 -48.47 55.56
C GLY B 44 64.44 -48.60 55.22
N GLU B 45 63.62 -49.09 56.18
CA GLU B 45 62.17 -49.32 56.06
C GLU B 45 61.37 -48.04 56.20
N ARG B 46 60.20 -47.95 55.51
CA ARG B 46 59.28 -46.80 55.58
C ARG B 46 58.67 -46.68 56.99
N ILE B 47 58.24 -45.46 57.37
CA ILE B 47 57.51 -45.21 58.63
C ILE B 47 56.03 -45.05 58.21
N GLU B 48 55.09 -45.67 58.96
CA GLU B 48 53.68 -45.67 58.57
C GLU B 48 52.81 -44.41 58.72
N LYS B 49 52.94 -43.65 59.81
CA LYS B 49 52.04 -42.50 60.04
C LYS B 49 52.66 -41.13 59.73
N VAL B 50 53.42 -41.04 58.63
CA VAL B 50 54.08 -39.81 58.17
C VAL B 50 53.02 -38.76 57.79
N GLU B 51 53.11 -37.55 58.35
CA GLU B 51 52.18 -36.46 58.02
C GLU B 51 52.92 -35.33 57.36
N HIS B 52 52.21 -34.43 56.64
CA HIS B 52 52.84 -33.28 55.99
C HIS B 52 52.01 -32.01 55.98
N SER B 53 52.67 -30.88 55.76
CA SER B 53 52.10 -29.55 55.71
C SER B 53 51.44 -29.25 54.32
N ASP B 54 50.78 -28.07 54.21
CA ASP B 54 50.17 -27.61 52.97
C ASP B 54 51.22 -27.01 52.07
N LEU B 55 51.05 -27.25 50.78
CA LEU B 55 51.96 -26.78 49.77
C LEU B 55 51.81 -25.27 49.61
N SER B 56 52.90 -24.58 49.91
CA SER B 56 53.03 -23.13 49.78
C SER B 56 54.32 -22.91 49.02
N PHE B 57 54.69 -21.66 48.79
CA PHE B 57 55.96 -21.34 48.12
C PHE B 57 56.59 -20.05 48.63
N SER B 58 57.92 -19.96 48.43
CA SER B 58 58.77 -18.82 48.81
C SER B 58 58.69 -17.73 47.74
N LYS B 59 59.32 -16.56 48.02
CA LYS B 59 59.34 -15.38 47.14
C LYS B 59 59.76 -15.70 45.71
N ASP B 60 60.79 -16.57 45.55
CA ASP B 60 61.35 -17.00 44.27
C ASP B 60 60.52 -18.09 43.57
N TRP B 61 59.27 -18.31 44.05
CA TRP B 61 58.23 -19.24 43.56
C TRP B 61 58.47 -20.73 43.81
N SER B 62 59.55 -21.03 44.55
CA SER B 62 59.88 -22.41 44.85
C SER B 62 59.10 -22.90 46.05
N PHE B 63 58.62 -24.13 45.94
CA PHE B 63 57.78 -24.79 46.91
C PHE B 63 58.52 -25.37 48.10
N TYR B 64 57.80 -25.50 49.21
CA TYR B 64 58.32 -26.09 50.44
C TYR B 64 57.28 -26.96 51.09
N LEU B 65 57.74 -28.00 51.79
CA LEU B 65 56.91 -28.92 52.55
C LEU B 65 57.70 -29.46 53.71
N LEU B 66 57.01 -29.62 54.81
CA LEU B 66 57.53 -30.26 55.99
C LEU B 66 56.80 -31.59 56.14
N TYR B 67 57.57 -32.68 56.13
CA TYR B 67 57.08 -34.02 56.39
C TYR B 67 57.60 -34.36 57.80
N TYR B 68 56.69 -34.70 58.71
CA TYR B 68 57.01 -34.99 60.11
C TYR B 68 56.33 -36.26 60.64
N THR B 69 57.00 -36.94 61.60
CA THR B 69 56.46 -38.13 62.28
C THR B 69 56.91 -38.14 63.74
N GLU B 70 56.00 -38.53 64.66
CA GLU B 70 56.36 -38.60 66.09
C GLU B 70 57.19 -39.87 66.31
N PHE B 71 58.40 -39.72 66.89
CA PHE B 71 59.29 -40.85 67.18
C PHE B 71 60.22 -40.72 68.39
N THR B 72 60.63 -41.90 68.94
CA THR B 72 61.52 -42.09 70.08
C THR B 72 62.93 -42.31 69.48
N PRO B 73 63.80 -41.26 69.47
CA PRO B 73 65.13 -41.40 68.85
C PRO B 73 65.92 -42.67 69.15
N THR B 74 66.58 -42.75 70.34
CA THR B 74 67.42 -43.86 70.82
C THR B 74 68.66 -44.11 69.94
N GLU B 75 69.81 -44.36 70.58
CA GLU B 75 71.06 -44.64 69.88
C GLU B 75 70.98 -45.88 68.99
N LYS B 76 72.00 -46.05 68.13
CA LYS B 76 72.15 -47.16 67.17
C LYS B 76 71.16 -47.19 65.97
N ASP B 77 69.83 -46.90 66.20
CA ASP B 77 68.78 -46.86 65.17
C ASP B 77 69.04 -45.73 64.20
N GLU B 78 69.24 -46.06 62.91
CA GLU B 78 69.51 -45.05 61.91
C GLU B 78 68.24 -44.56 61.21
N TYR B 79 68.06 -43.22 61.15
CA TYR B 79 66.93 -42.56 60.51
C TYR B 79 67.39 -41.76 59.31
N ALA B 80 66.62 -41.84 58.23
CA ALA B 80 66.95 -41.17 56.97
C ALA B 80 65.70 -40.79 56.21
N CYS B 81 65.87 -39.93 55.20
CA CYS B 81 64.75 -39.48 54.39
C CYS B 81 64.96 -39.72 52.93
N ARG B 82 63.99 -40.44 52.32
CA ARG B 82 63.99 -40.78 50.90
C ARG B 82 63.17 -39.73 50.16
N VAL B 83 63.79 -39.02 49.22
CA VAL B 83 63.11 -37.95 48.47
C VAL B 83 63.16 -38.19 46.95
N ASN B 84 62.00 -38.09 46.27
CA ASN B 84 61.94 -38.17 44.83
C ASN B 84 61.22 -36.94 44.22
N HIS B 85 61.87 -36.39 43.21
CA HIS B 85 61.43 -35.26 42.40
C HIS B 85 61.83 -35.60 40.93
N VAL B 86 61.34 -34.80 39.97
CA VAL B 86 61.61 -34.95 38.53
C VAL B 86 63.08 -34.59 38.13
N THR B 87 63.76 -33.80 38.95
CA THR B 87 65.14 -33.32 38.76
C THR B 87 66.19 -34.36 39.25
N LEU B 88 65.70 -35.52 39.69
CA LEU B 88 66.48 -36.66 40.17
C LEU B 88 66.05 -37.89 39.37
N SER B 89 67.03 -38.68 38.85
CA SER B 89 66.74 -39.91 38.08
C SER B 89 66.57 -41.14 38.98
N GLN B 90 66.95 -41.01 40.28
CA GLN B 90 66.82 -42.03 41.32
C GLN B 90 66.58 -41.30 42.67
N PRO B 91 65.63 -41.77 43.53
CA PRO B 91 65.38 -41.06 44.80
C PRO B 91 66.62 -40.95 45.68
N LYS B 92 66.80 -39.78 46.31
CA LYS B 92 67.96 -39.59 47.17
C LYS B 92 67.61 -39.70 48.65
N ILE B 93 68.46 -40.42 49.39
CA ILE B 93 68.31 -40.67 50.81
C ILE B 93 69.25 -39.72 51.60
N VAL B 94 68.69 -38.81 52.42
CA VAL B 94 69.48 -37.87 53.24
C VAL B 94 69.35 -38.38 54.67
N LYS B 95 70.47 -38.55 55.34
CA LYS B 95 70.51 -39.19 56.63
C LYS B 95 70.32 -38.27 57.80
N TRP B 96 69.68 -38.75 58.85
CA TRP B 96 69.58 -37.95 60.07
C TRP B 96 70.81 -37.99 60.90
N ASP B 97 71.30 -36.81 61.24
CA ASP B 97 72.42 -36.61 62.12
C ASP B 97 72.03 -35.65 63.24
N ARG B 98 72.21 -36.04 64.49
CA ARG B 98 72.05 -35.14 65.59
C ARG B 98 72.81 -33.84 65.31
N GLY C 1 40.70 -12.34 54.67
CA GLY C 1 39.82 -12.85 53.64
C GLY C 1 40.39 -12.58 52.27
N ILE C 2 39.91 -13.34 51.27
CA ILE C 2 40.36 -13.24 49.88
C ILE C 2 39.55 -12.22 49.06
N LEU C 3 39.94 -11.98 47.81
CA LEU C 3 39.24 -11.07 46.93
C LEU C 3 37.85 -11.62 46.56
N GLY C 4 36.86 -10.72 46.44
CA GLY C 4 35.50 -11.05 46.01
C GLY C 4 35.38 -10.90 44.50
N LEU C 5 36.45 -10.40 43.91
CA LEU C 5 36.66 -10.07 42.52
C LEU C 5 37.63 -11.06 41.81
N VAL C 6 37.23 -11.59 40.64
CA VAL C 6 38.11 -12.49 39.84
C VAL C 6 38.21 -11.99 38.39
N PHE C 7 39.39 -12.19 37.76
CA PHE C 7 39.68 -11.78 36.37
C PHE C 7 40.69 -12.73 35.75
N THR C 8 40.57 -13.03 34.44
CA THR C 8 41.49 -13.89 33.70
C THR C 8 42.70 -13.12 33.22
N LEU C 9 43.82 -13.82 33.09
CA LEU C 9 45.03 -13.20 32.57
C LEU C 9 45.05 -13.23 31.03
N GLN D 1 28.68 -1.06 49.87
CA GLN D 1 28.77 0.00 48.85
C GLN D 1 27.39 0.48 48.41
N LEU D 2 27.20 1.80 48.35
CA LEU D 2 25.94 2.40 47.96
C LEU D 2 26.15 3.63 47.10
N LEU D 3 25.26 3.78 46.11
CA LEU D 3 25.24 4.93 45.22
C LEU D 3 23.88 5.64 45.35
N GLU D 4 23.92 6.92 45.71
CA GLU D 4 22.72 7.71 45.86
C GLU D 4 22.68 8.71 44.72
N GLN D 5 21.57 8.73 44.00
CA GLN D 5 21.38 9.61 42.85
C GLN D 5 20.42 10.73 43.16
N SER D 6 20.79 11.94 42.79
CA SER D 6 19.94 13.08 42.97
C SER D 6 19.94 13.98 41.73
N PRO D 7 18.79 14.56 41.35
CA PRO D 7 17.44 14.35 41.91
C PRO D 7 16.77 13.08 41.36
N GLN D 8 15.66 12.61 41.96
CA GLN D 8 14.95 11.42 41.46
C GLN D 8 14.26 11.72 40.16
N PHE D 9 13.72 12.95 40.06
CA PHE D 9 13.01 13.46 38.88
C PHE D 9 13.44 14.91 38.58
N LEU D 10 13.60 15.20 37.29
CA LEU D 10 13.89 16.51 36.78
C LEU D 10 13.09 16.72 35.51
N SER D 11 12.26 17.76 35.51
CA SER D 11 11.47 18.11 34.36
C SER D 11 11.89 19.49 33.93
N ILE D 12 12.80 19.59 32.99
CA ILE D 12 13.29 20.87 32.49
C ILE D 12 12.73 21.21 31.09
N GLN D 13 13.15 22.38 30.58
CA GLN D 13 12.74 22.87 29.28
C GLN D 13 13.84 22.68 28.27
N GLU D 14 13.45 22.36 27.03
CA GLU D 14 14.34 22.23 25.87
C GLU D 14 15.21 23.52 25.80
N GLY D 15 16.53 23.34 25.78
CA GLY D 15 17.49 24.43 25.75
C GLY D 15 18.24 24.64 27.05
N GLU D 16 17.62 24.30 28.16
CA GLU D 16 18.22 24.46 29.49
C GLU D 16 19.44 23.55 29.72
N ASN D 17 20.39 24.00 30.59
CA ASN D 17 21.58 23.26 31.02
C ASN D 17 21.30 22.74 32.42
N LEU D 18 21.54 21.46 32.63
CA LEU D 18 21.22 20.82 33.89
C LEU D 18 22.36 19.97 34.39
N THR D 19 22.32 19.60 35.68
CA THR D 19 23.32 18.74 36.33
C THR D 19 22.63 17.75 37.23
N VAL D 20 23.05 16.48 37.11
CA VAL D 20 22.53 15.38 37.92
C VAL D 20 23.70 14.80 38.68
N TYR D 21 23.44 14.38 39.93
CA TYR D 21 24.44 13.90 40.87
C TYR D 21 24.34 12.43 41.26
N CYS D 22 25.48 11.91 41.59
CA CYS D 22 25.66 10.55 41.98
C CYS D 22 26.78 10.56 43.02
N ASN D 23 26.42 10.24 44.29
CA ASN D 23 27.36 10.28 45.45
C ASN D 23 27.41 8.99 46.27
N SER D 24 28.54 8.81 46.99
CA SER D 24 28.80 7.75 47.94
C SER D 24 29.75 8.23 49.05
N SER D 25 29.91 7.42 50.09
CA SER D 25 30.85 7.70 51.17
C SER D 25 32.15 6.92 50.91
N SER D 26 32.05 5.86 50.06
CA SER D 26 33.14 4.97 49.68
C SER D 26 33.73 5.39 48.35
N VAL D 27 35.03 5.13 48.18
CA VAL D 27 35.80 5.39 46.96
C VAL D 27 35.47 4.27 46.00
N PHE D 28 35.33 4.60 44.71
CA PHE D 28 35.05 3.65 43.62
C PHE D 28 36.24 3.70 42.68
N SER D 29 36.70 2.53 42.28
CA SER D 29 37.87 2.50 41.42
C SER D 29 37.54 2.96 40.00
N SER D 30 36.30 2.69 39.56
CA SER D 30 35.78 3.17 38.28
C SER D 30 34.28 3.39 38.35
N LEU D 31 33.76 4.34 37.55
CA LEU D 31 32.33 4.68 37.52
C LEU D 31 31.79 4.77 36.09
N GLN D 32 30.52 4.39 35.92
CA GLN D 32 29.79 4.37 34.66
C GLN D 32 28.51 5.15 34.72
N TRP D 33 28.07 5.69 33.54
CA TRP D 33 26.80 6.36 33.41
C TRP D 33 26.03 5.66 32.31
N TYR D 34 24.73 5.53 32.51
CA TYR D 34 23.85 4.90 31.53
C TYR D 34 22.66 5.81 31.31
N ARG D 35 21.96 5.60 30.18
CA ARG D 35 20.70 6.23 29.84
C ARG D 35 19.77 5.15 29.34
N GLN D 36 18.57 5.08 29.93
CA GLN D 36 17.63 4.05 29.57
C GLN D 36 16.26 4.61 29.22
N GLU D 37 15.78 4.18 28.07
CA GLU D 37 14.46 4.51 27.57
C GLU D 37 13.54 3.37 28.10
N PRO D 38 12.25 3.61 28.43
CA PRO D 38 11.43 2.53 29.00
C PRO D 38 11.31 1.33 28.09
N GLY D 39 11.47 0.13 28.67
CA GLY D 39 11.39 -1.15 27.97
C GLY D 39 12.47 -1.42 26.95
N GLU D 40 13.59 -0.71 27.06
CA GLU D 40 14.74 -0.84 26.18
C GLU D 40 15.99 -1.07 27.05
N GLY D 41 17.05 -1.59 26.44
CA GLY D 41 18.30 -1.85 27.17
C GLY D 41 19.09 -0.60 27.48
N PRO D 42 19.59 -0.43 28.73
CA PRO D 42 20.44 0.75 29.02
C PRO D 42 21.70 0.82 28.11
N VAL D 43 21.96 2.03 27.63
CA VAL D 43 23.07 2.40 26.74
C VAL D 43 24.15 3.04 27.64
N LEU D 44 25.35 2.47 27.66
CA LEU D 44 26.50 2.98 28.40
C LEU D 44 26.96 4.28 27.77
N LEU D 45 27.09 5.34 28.58
CA LEU D 45 27.50 6.63 28.08
C LEU D 45 28.98 6.85 28.25
N VAL D 46 29.56 6.42 29.40
CA VAL D 46 30.97 6.67 29.73
C VAL D 46 31.47 5.77 30.86
N THR D 47 32.80 5.64 30.96
CA THR D 47 33.53 5.06 32.06
C THR D 47 34.59 6.12 32.51
N VAL D 48 34.54 6.54 33.80
CA VAL D 48 35.49 7.47 34.44
C VAL D 48 36.33 6.69 35.49
N VAL D 49 37.66 6.91 35.49
CA VAL D 49 38.64 6.20 36.33
C VAL D 49 39.50 7.13 37.20
N THR D 50 39.82 8.30 36.64
CA THR D 50 40.69 9.27 37.30
C THR D 50 39.85 10.31 37.97
N GLY D 51 40.19 10.58 39.23
CA GLY D 51 39.56 11.64 40.01
C GLY D 51 39.92 12.98 39.40
N GLY D 52 38.94 13.87 39.29
CA GLY D 52 39.13 15.18 38.68
C GLY D 52 38.86 15.15 37.18
N GLU D 53 38.96 13.96 36.56
CA GLU D 53 38.73 13.72 35.12
C GLU D 53 37.36 14.18 34.65
N VAL D 54 37.35 14.87 33.51
CA VAL D 54 36.17 15.36 32.82
C VAL D 54 36.22 14.73 31.43
N LYS D 55 35.11 14.12 30.99
CA LYS D 55 34.93 13.50 29.69
C LYS D 55 33.72 14.13 29.07
N LYS D 56 33.66 14.17 27.71
CA LYS D 56 32.53 14.71 26.96
C LYS D 56 32.03 13.72 25.95
N LEU D 57 30.72 13.51 25.87
CA LEU D 57 30.10 12.62 24.88
C LEU D 57 28.84 13.30 24.45
N LYS D 58 28.70 13.53 23.14
CA LYS D 58 27.54 14.20 22.56
C LYS D 58 27.29 15.56 23.29
N ARG D 59 26.12 15.77 23.92
CA ARG D 59 25.86 17.02 24.64
C ARG D 59 26.08 16.89 26.14
N LEU D 60 26.67 15.77 26.57
CA LEU D 60 26.95 15.41 27.95
C LEU D 60 28.40 15.65 28.38
N THR D 61 28.57 16.13 29.61
CA THR D 61 29.83 16.37 30.29
C THR D 61 29.76 15.61 31.65
N PHE D 62 30.71 14.68 31.87
CA PHE D 62 30.88 13.86 33.06
C PHE D 62 32.11 14.34 33.80
N GLN D 63 32.04 14.25 35.09
CA GLN D 63 33.09 14.69 35.95
C GLN D 63 33.13 13.69 37.09
N PHE D 64 34.34 13.16 37.36
CA PHE D 64 34.60 12.25 38.43
C PHE D 64 35.21 13.09 39.53
N GLY D 65 34.63 13.07 40.72
CA GLY D 65 35.14 13.82 41.87
C GLY D 65 36.58 13.47 42.23
N ASP D 66 37.31 14.43 42.83
CA ASP D 66 38.73 14.28 43.19
C ASP D 66 39.07 13.04 44.06
N ALA D 67 38.24 12.75 45.07
CA ALA D 67 38.38 11.63 46.01
C ALA D 67 37.79 10.34 45.46
N ARG D 68 37.03 10.43 44.33
CA ARG D 68 36.39 9.34 43.57
C ARG D 68 35.19 8.70 44.29
N LYS D 69 34.43 9.52 45.06
CA LYS D 69 33.27 9.12 45.87
C LYS D 69 32.01 9.70 45.25
N ASP D 70 32.17 10.42 44.12
CA ASP D 70 31.04 11.09 43.47
C ASP D 70 31.31 11.44 42.03
N SER D 71 30.23 11.62 41.30
CA SER D 71 30.28 12.01 39.90
C SER D 71 29.02 12.83 39.55
N SER D 72 29.13 13.65 38.50
CA SER D 72 28.03 14.46 38.01
C SER D 72 27.80 14.24 36.50
N LEU D 73 26.56 14.48 36.05
CA LEU D 73 26.20 14.42 34.64
C LEU D 73 25.53 15.73 34.25
N HIS D 74 26.29 16.52 33.48
CA HIS D 74 25.89 17.80 32.94
C HIS D 74 25.43 17.64 31.51
N ILE D 75 24.20 18.14 31.20
CA ILE D 75 23.66 18.19 29.83
C ILE D 75 23.58 19.67 29.38
N THR D 76 24.30 20.02 28.31
CA THR D 76 24.30 21.36 27.74
C THR D 76 23.25 21.42 26.59
N ALA D 77 22.38 22.46 26.63
CA ALA D 77 21.32 22.73 25.66
C ALA D 77 20.46 21.50 25.42
N ALA D 78 19.82 21.00 26.50
CA ALA D 78 18.99 19.80 26.49
C ALA D 78 17.93 19.75 25.39
N GLN D 79 17.79 18.59 24.73
CA GLN D 79 16.84 18.34 23.64
C GLN D 79 15.80 17.30 24.11
N PRO D 80 14.56 17.21 23.56
CA PRO D 80 13.61 16.24 24.10
C PRO D 80 14.06 14.79 23.90
N GLY D 81 15.19 14.63 23.20
CA GLY D 81 15.89 13.38 22.92
C GLY D 81 16.93 13.04 23.98
N ASP D 82 16.84 13.69 25.15
CA ASP D 82 17.68 13.47 26.32
C ASP D 82 16.82 12.90 27.40
N THR D 83 15.52 12.73 27.11
CA THR D 83 14.50 12.15 27.99
C THR D 83 14.94 10.75 28.34
N GLY D 84 14.72 10.35 29.57
CA GLY D 84 15.08 9.01 29.98
C GLY D 84 15.60 8.96 31.39
N LEU D 85 15.86 7.72 31.84
CA LEU D 85 16.41 7.41 33.13
C LEU D 85 17.94 7.39 33.01
N TYR D 86 18.61 8.19 33.83
CA TYR D 86 20.06 8.24 33.95
C TYR D 86 20.51 7.52 35.18
N LEU D 87 21.37 6.51 34.97
CA LEU D 87 21.86 5.61 36.00
C LEU D 87 23.38 5.65 36.18
N CYS D 88 23.87 5.87 37.43
CA CYS D 88 25.31 5.74 37.61
C CYS D 88 25.58 4.37 38.28
N ALA D 89 26.73 3.81 38.01
CA ALA D 89 27.14 2.51 38.53
C ALA D 89 28.60 2.57 38.80
N GLY D 90 29.04 1.79 39.76
CA GLY D 90 30.44 1.78 40.14
C GLY D 90 30.90 0.39 40.46
N ALA D 91 32.21 0.18 40.26
CA ALA D 91 32.95 -1.05 40.51
C ALA D 91 32.62 -1.67 41.89
N GLY D 92 32.08 -2.88 41.87
CA GLY D 92 31.74 -3.60 43.08
C GLY D 92 32.85 -4.54 43.49
N SER D 93 33.12 -4.54 44.80
CA SER D 93 34.09 -5.40 45.46
C SER D 93 33.80 -6.90 45.23
N GLN D 94 32.55 -7.28 45.05
CA GLN D 94 32.21 -8.70 44.89
C GLN D 94 32.04 -9.15 43.43
N GLY D 95 32.61 -8.40 42.47
CA GLY D 95 32.52 -8.78 41.06
C GLY D 95 31.29 -8.33 40.31
N ASN D 96 30.68 -7.21 40.74
CA ASN D 96 29.50 -6.69 40.08
C ASN D 96 29.52 -5.15 40.01
N LEU D 97 28.51 -4.51 39.39
CA LEU D 97 28.38 -3.04 39.42
C LEU D 97 27.39 -2.65 40.49
N ILE D 98 27.70 -1.56 41.20
CA ILE D 98 26.82 -1.00 42.21
C ILE D 98 26.00 0.06 41.50
N PHE D 99 24.66 -0.07 41.51
CA PHE D 99 23.77 0.84 40.82
C PHE D 99 23.04 1.81 41.74
N GLY D 100 22.84 3.01 41.21
CA GLY D 100 22.06 4.05 41.86
C GLY D 100 20.65 3.85 41.37
N LYS D 101 19.64 4.41 42.06
CA LYS D 101 18.25 4.24 41.63
C LYS D 101 17.84 5.08 40.39
N GLY D 102 18.64 6.09 40.05
CA GLY D 102 18.42 6.88 38.85
C GLY D 102 17.80 8.25 39.00
N THR D 103 17.77 8.99 37.87
CA THR D 103 17.17 10.32 37.69
C THR D 103 16.34 10.21 36.45
N LYS D 104 15.05 10.45 36.57
CA LYS D 104 14.15 10.43 35.43
C LYS D 104 14.05 11.87 34.92
N LEU D 105 14.62 12.09 33.76
CA LEU D 105 14.68 13.38 33.12
C LEU D 105 13.68 13.43 32.00
N SER D 106 12.89 14.51 31.98
CA SER D 106 11.87 14.81 31.00
C SER D 106 12.24 16.14 30.47
N VAL D 107 12.58 16.22 29.20
CA VAL D 107 12.91 17.50 28.58
C VAL D 107 11.64 17.91 27.82
N LYS D 108 10.92 18.92 28.35
CA LYS D 108 9.66 19.45 27.81
C LYS D 108 9.92 20.45 26.64
N PRO D 109 9.06 20.46 25.60
CA PRO D 109 9.29 21.39 24.48
C PRO D 109 8.81 22.81 24.78
N ASN D 110 9.49 23.80 24.20
CA ASN D 110 9.10 25.21 24.33
C ASN D 110 7.93 25.46 23.37
N ILE D 111 6.70 25.53 23.91
CA ILE D 111 5.50 25.84 23.11
C ILE D 111 5.44 27.40 23.06
N GLN D 112 5.87 27.99 21.91
CA GLN D 112 5.92 29.44 21.69
C GLN D 112 4.57 30.10 21.52
N ASN D 113 3.60 29.35 20.94
CA ASN D 113 2.24 29.82 20.69
C ASN D 113 1.17 28.93 21.40
N PRO D 114 1.08 28.99 22.76
CA PRO D 114 0.08 28.16 23.47
C PRO D 114 -1.37 28.47 23.09
N ASP D 115 -2.00 27.55 22.31
CA ASP D 115 -3.41 27.63 21.87
C ASP D 115 -4.26 26.44 22.43
N PRO D 116 -4.46 26.32 23.78
CA PRO D 116 -5.23 25.18 24.32
C PRO D 116 -6.63 25.03 23.72
N ALA D 117 -7.05 23.77 23.50
CA ALA D 117 -8.32 23.45 22.88
C ALA D 117 -8.75 22.00 23.13
N VAL D 118 -10.07 21.76 23.21
CA VAL D 118 -10.68 20.42 23.33
C VAL D 118 -11.49 20.19 22.05
N TYR D 119 -11.19 19.12 21.29
CA TYR D 119 -11.85 18.78 20.02
C TYR D 119 -12.56 17.43 20.08
N GLN D 120 -13.50 17.19 19.14
CA GLN D 120 -14.20 15.91 19.03
C GLN D 120 -14.02 15.25 17.69
N LEU D 121 -13.42 14.04 17.73
CA LEU D 121 -13.08 13.22 16.57
C LEU D 121 -14.02 12.04 16.43
N ARG D 122 -14.39 11.73 15.16
CA ARG D 122 -15.30 10.65 14.81
C ARG D 122 -14.53 9.45 14.27
N ASP D 123 -15.12 8.26 14.38
CA ASP D 123 -14.55 6.98 13.97
C ASP D 123 -14.34 6.85 12.44
N LYS D 130 -18.56 5.65 17.80
CA LYS D 130 -17.37 5.68 18.68
C LYS D 130 -16.64 7.01 18.50
N SER D 131 -16.44 7.76 19.59
CA SER D 131 -15.79 9.06 19.53
C SER D 131 -14.72 9.27 20.61
N VAL D 132 -13.75 10.15 20.32
CA VAL D 132 -12.65 10.49 21.23
C VAL D 132 -12.55 12.01 21.43
N CYS D 133 -12.08 12.43 22.61
CA CYS D 133 -11.86 13.83 22.96
C CYS D 133 -10.39 14.12 22.95
N LEU D 134 -9.98 15.11 22.17
CA LEU D 134 -8.58 15.49 22.05
C LEU D 134 -8.33 16.88 22.62
N PHE D 135 -7.46 16.94 23.65
CA PHE D 135 -7.02 18.16 24.33
C PHE D 135 -5.61 18.40 23.82
N THR D 136 -5.44 19.42 22.96
CA THR D 136 -4.17 19.72 22.29
C THR D 136 -3.76 21.20 22.32
N ASP D 137 -2.49 21.49 21.93
CA ASP D 137 -1.85 22.81 21.85
C ASP D 137 -1.64 23.55 23.17
N PHE D 138 -1.85 22.89 24.31
CA PHE D 138 -1.63 23.48 25.62
C PHE D 138 -0.14 23.54 25.93
N ASP D 139 0.28 24.52 26.74
CA ASP D 139 1.67 24.72 27.15
C ASP D 139 2.26 23.54 27.94
N SER D 140 3.59 23.40 27.93
CA SER D 140 4.30 22.32 28.62
C SER D 140 4.22 22.42 30.17
N GLN D 141 3.46 23.39 30.69
CA GLN D 141 3.27 23.59 32.13
C GLN D 141 1.92 23.01 32.64
N THR D 142 0.99 22.71 31.71
CA THR D 142 -0.34 22.16 32.00
C THR D 142 -0.23 20.65 32.17
N ASN D 143 -0.80 20.13 33.26
CA ASN D 143 -0.78 18.68 33.51
C ASN D 143 -2.15 18.06 33.37
N VAL D 144 -2.21 16.96 32.63
CA VAL D 144 -3.44 16.21 32.39
C VAL D 144 -3.68 15.28 33.60
N SER D 145 -4.78 15.54 34.33
CA SER D 145 -5.18 14.76 35.50
C SER D 145 -5.97 13.53 35.11
N GLN D 146 -5.73 12.42 35.83
CA GLN D 146 -6.37 11.11 35.62
C GLN D 146 -7.90 11.15 35.85
N SER D 147 -8.63 10.23 35.21
CA SER D 147 -10.09 10.13 35.26
C SER D 147 -10.69 9.79 36.62
N LYS D 148 -11.99 10.15 36.78
CA LYS D 148 -12.78 9.93 37.99
C LYS D 148 -13.69 8.66 37.88
N ASP D 149 -14.04 8.23 36.65
CA ASP D 149 -14.88 7.05 36.43
C ASP D 149 -14.16 5.91 35.74
N SER D 150 -14.51 4.65 36.08
CA SER D 150 -13.93 3.43 35.50
C SER D 150 -14.19 3.35 34.01
N ASP D 151 -15.42 3.72 33.58
CA ASP D 151 -15.84 3.73 32.18
C ASP D 151 -15.24 4.87 31.33
N VAL D 152 -14.58 5.87 31.98
CA VAL D 152 -13.94 7.04 31.36
C VAL D 152 -12.39 6.89 31.39
N TYR D 153 -11.76 6.88 30.23
CA TYR D 153 -10.31 6.73 30.11
C TYR D 153 -9.65 8.01 29.61
N ILE D 154 -8.59 8.48 30.31
CA ILE D 154 -7.84 9.69 29.99
C ILE D 154 -6.34 9.37 29.94
N THR D 155 -5.67 9.75 28.86
CA THR D 155 -4.24 9.50 28.72
C THR D 155 -3.41 10.63 29.34
N ASP D 156 -2.10 10.40 29.48
CA ASP D 156 -1.15 11.40 29.92
C ASP D 156 -0.70 12.15 28.67
N LYS D 157 -0.12 13.33 28.89
CA LYS D 157 0.43 14.26 27.90
C LYS D 157 1.53 13.57 27.05
N THR D 158 1.49 13.74 25.71
CA THR D 158 2.54 13.25 24.80
C THR D 158 2.94 14.36 23.82
N VAL D 159 4.25 14.49 23.61
CA VAL D 159 4.89 15.47 22.73
C VAL D 159 4.91 14.92 21.32
N LEU D 160 4.52 15.77 20.37
CA LEU D 160 4.41 15.49 18.95
C LEU D 160 5.40 16.41 18.20
N ASP D 161 6.18 15.86 17.24
CA ASP D 161 7.15 16.65 16.48
C ASP D 161 6.98 16.67 14.95
N MET D 162 6.43 17.78 14.43
CA MET D 162 6.27 18.03 12.99
C MET D 162 7.56 18.78 12.64
N ARG D 163 8.62 18.02 12.32
CA ARG D 163 9.94 18.59 12.04
C ARG D 163 10.11 19.37 10.74
N SER D 164 9.27 19.09 9.70
CA SER D 164 9.34 19.81 8.42
C SER D 164 8.83 21.24 8.58
N MET D 165 7.78 21.43 9.39
CA MET D 165 7.17 22.73 9.68
C MET D 165 7.76 23.38 10.94
N ASP D 166 8.78 22.73 11.56
CA ASP D 166 9.45 23.14 12.80
C ASP D 166 8.39 23.48 13.85
N PHE D 167 7.44 22.54 14.10
CA PHE D 167 6.34 22.73 15.02
C PHE D 167 6.16 21.54 15.95
N LYS D 168 5.99 21.82 17.23
CA LYS D 168 5.81 20.80 18.27
C LYS D 168 4.54 21.08 19.06
N SER D 169 3.87 20.01 19.54
CA SER D 169 2.62 20.10 20.31
C SER D 169 2.44 18.99 21.33
N ASN D 170 1.77 19.33 22.43
CA ASN D 170 1.40 18.43 23.53
C ASN D 170 -0.07 18.11 23.40
N SER D 171 -0.46 16.88 23.78
CA SER D 171 -1.86 16.49 23.73
C SER D 171 -2.18 15.29 24.59
N ALA D 172 -3.47 15.19 24.96
CA ALA D 172 -4.05 14.09 25.70
C ALA D 172 -5.28 13.59 24.95
N VAL D 173 -5.58 12.31 25.12
CA VAL D 173 -6.72 11.66 24.50
C VAL D 173 -7.60 11.12 25.61
N ALA D 174 -8.89 11.44 25.57
CA ALA D 174 -9.86 11.00 26.56
C ALA D 174 -11.04 10.41 25.84
N TRP D 175 -11.62 9.34 26.40
CA TRP D 175 -12.79 8.69 25.81
C TRP D 175 -13.55 7.93 26.87
N SER D 176 -14.81 7.61 26.56
CA SER D 176 -15.66 6.83 27.44
C SER D 176 -16.58 5.98 26.63
N ASN D 177 -17.05 4.90 27.27
CA ASN D 177 -18.00 3.93 26.72
C ASN D 177 -19.38 4.60 26.65
N LYS D 178 -19.70 5.47 27.65
CA LYS D 178 -20.96 6.21 27.80
C LYS D 178 -21.30 6.99 26.53
N SER D 179 -22.56 6.93 26.10
CA SER D 179 -23.04 7.66 24.91
C SER D 179 -23.26 9.14 25.28
N ASP D 180 -23.64 9.39 26.56
CA ASP D 180 -23.94 10.68 27.23
C ASP D 180 -22.68 11.50 27.65
N PHE D 181 -21.48 11.04 27.27
CA PHE D 181 -20.20 11.65 27.59
C PHE D 181 -19.81 12.75 26.60
N ALA D 182 -19.48 13.95 27.12
CA ALA D 182 -19.13 15.13 26.31
C ALA D 182 -17.78 15.75 26.62
N CYS D 183 -17.23 16.48 25.63
CA CYS D 183 -15.95 17.20 25.65
C CYS D 183 -15.83 18.25 26.75
N ALA D 184 -16.90 19.04 27.00
CA ALA D 184 -16.92 20.07 28.04
C ALA D 184 -16.71 19.49 29.44
N ASN D 185 -17.27 18.28 29.67
CA ASN D 185 -17.18 17.53 30.93
C ASN D 185 -16.19 16.33 30.86
N ALA D 186 -15.29 16.32 29.86
CA ALA D 186 -14.29 15.26 29.66
C ALA D 186 -13.02 15.49 30.47
N PHE D 187 -12.47 16.73 30.44
CA PHE D 187 -11.24 17.07 31.16
C PHE D 187 -11.47 17.81 32.50
N ASN D 188 -12.58 17.47 33.20
CA ASN D 188 -12.98 18.02 34.49
C ASN D 188 -11.91 17.94 35.59
N ASN D 189 -11.19 16.81 35.68
CA ASN D 189 -10.13 16.59 36.69
C ASN D 189 -8.92 17.48 36.42
N SER D 190 -8.61 17.73 35.14
CA SER D 190 -7.47 18.54 34.70
C SER D 190 -7.66 20.05 34.91
N ILE D 191 -6.55 20.77 35.18
CA ILE D 191 -6.51 22.22 35.36
C ILE D 191 -6.41 22.81 33.93
N ILE D 192 -7.56 22.88 33.25
CA ILE D 192 -7.72 23.36 31.87
C ILE D 192 -7.40 24.87 31.81
N PRO D 193 -6.57 25.35 30.84
CA PRO D 193 -6.33 26.81 30.73
C PRO D 193 -7.60 27.60 30.34
N GLU D 194 -7.58 28.94 30.53
CA GLU D 194 -8.76 29.77 30.24
C GLU D 194 -9.07 29.96 28.75
N ASP D 195 -8.04 30.22 27.93
CA ASP D 195 -8.20 30.41 26.48
C ASP D 195 -8.39 29.09 25.69
N THR D 196 -9.07 28.10 26.33
CA THR D 196 -9.36 26.77 25.77
C THR D 196 -10.55 26.85 24.80
N PHE D 197 -10.33 26.42 23.56
CA PHE D 197 -11.34 26.44 22.50
C PHE D 197 -12.26 25.22 22.56
N PHE D 198 -13.60 25.44 22.48
CA PHE D 198 -14.63 24.41 22.53
C PHE D 198 -15.68 24.61 21.40
N PRO D 199 -15.78 23.68 20.42
CA PRO D 199 -16.79 23.85 19.35
C PRO D 199 -18.18 23.29 19.70
N SER D 200 -19.26 24.02 19.31
CA SER D 200 -20.66 23.64 19.58
C SER D 200 -21.15 22.55 18.63
N GLY E 1 31.05 -7.49 17.58
CA GLY E 1 30.33 -8.42 18.46
C GLY E 1 29.10 -7.81 19.10
N GLY E 2 28.34 -8.62 19.84
CA GLY E 2 27.15 -8.15 20.54
C GLY E 2 26.49 -9.04 21.58
N ILE E 3 25.54 -8.45 22.34
CA ILE E 3 24.74 -9.10 23.37
C ILE E 3 23.28 -9.17 22.95
N THR E 4 22.74 -10.39 22.89
CA THR E 4 21.36 -10.68 22.47
C THR E 4 20.57 -11.43 23.55
N GLN E 5 19.25 -11.16 23.59
CA GLN E 5 18.28 -11.74 24.50
C GLN E 5 17.05 -12.03 23.67
N SER E 6 16.74 -13.29 23.42
CA SER E 6 15.54 -13.56 22.64
C SER E 6 14.52 -14.41 23.40
N PRO E 7 13.21 -14.21 23.20
CA PRO E 7 12.55 -13.20 22.35
C PRO E 7 12.40 -11.87 23.11
N LYS E 8 11.85 -10.87 22.43
CA LYS E 8 11.59 -9.57 23.02
C LYS E 8 10.41 -9.68 24.06
N TYR E 9 9.42 -10.53 23.74
CA TYR E 9 8.25 -10.71 24.60
C TYR E 9 8.05 -12.15 24.93
N LEU E 10 7.88 -12.47 26.24
CA LEU E 10 7.61 -13.83 26.73
C LEU E 10 6.29 -13.90 27.46
N PHE E 11 5.51 -14.94 27.18
CA PHE E 11 4.20 -15.11 27.77
C PHE E 11 4.00 -16.51 28.37
N ARG E 12 3.61 -16.58 29.67
CA ARG E 12 3.41 -17.85 30.39
C ARG E 12 2.32 -17.80 31.46
N LYS E 13 1.54 -18.89 31.60
CA LYS E 13 0.53 -19.08 32.66
C LYS E 13 1.32 -19.33 33.96
N GLU E 14 0.84 -18.81 35.11
CA GLU E 14 1.47 -19.05 36.42
C GLU E 14 1.69 -20.56 36.62
N GLY E 15 2.80 -20.94 37.23
CA GLY E 15 3.14 -22.34 37.46
C GLY E 15 4.09 -22.96 36.45
N GLN E 16 4.30 -22.32 35.29
CA GLN E 16 5.21 -22.86 34.29
C GLN E 16 6.63 -22.37 34.52
N ASN E 17 7.59 -23.26 34.32
CA ASN E 17 9.03 -22.96 34.38
C ASN E 17 9.40 -22.34 33.00
N VAL E 18 10.21 -21.25 32.98
CA VAL E 18 10.60 -20.61 31.73
C VAL E 18 12.08 -20.22 31.69
N THR E 19 12.75 -20.48 30.53
CA THR E 19 14.15 -20.12 30.32
C THR E 19 14.33 -18.87 29.46
N LEU E 20 15.05 -17.88 30.03
CA LEU E 20 15.35 -16.62 29.36
C LEU E 20 16.76 -16.76 28.82
N SER E 21 16.86 -16.64 27.49
CA SER E 21 18.13 -16.75 26.75
C SER E 21 19.01 -15.48 26.88
N CYS E 22 20.35 -15.67 27.05
CA CYS E 22 21.34 -14.59 26.99
C CYS E 22 22.65 -15.08 26.37
N GLU E 23 23.03 -14.45 25.25
CA GLU E 23 24.19 -14.79 24.41
C GLU E 23 25.00 -13.58 24.10
N GLN E 24 26.34 -13.78 24.05
CA GLN E 24 27.28 -12.72 23.70
C GLN E 24 28.52 -13.27 23.03
N ASN E 25 28.98 -12.58 21.95
CA ASN E 25 30.19 -12.96 21.21
C ASN E 25 31.24 -11.85 21.38
N LEU E 26 31.18 -11.19 22.51
CA LEU E 26 32.08 -10.09 22.82
C LEU E 26 33.34 -10.51 23.56
N ASN E 27 33.47 -11.82 23.89
CA ASN E 27 34.59 -12.42 24.65
C ASN E 27 34.70 -11.84 26.08
N HIS E 28 33.53 -11.63 26.69
CA HIS E 28 33.35 -11.09 28.02
C HIS E 28 33.28 -12.21 29.01
N ASP E 29 34.04 -12.09 30.09
CA ASP E 29 34.09 -13.14 31.10
C ASP E 29 32.90 -13.16 32.01
N ALA E 30 32.33 -11.97 32.27
CA ALA E 30 31.24 -11.84 33.22
C ALA E 30 29.89 -11.50 32.64
N MET E 31 28.84 -12.17 33.16
CA MET E 31 27.43 -11.98 32.74
C MET E 31 26.49 -11.77 33.94
N TYR E 32 25.41 -11.00 33.75
CA TYR E 32 24.52 -10.54 34.83
C TYR E 32 23.08 -10.59 34.46
N TRP E 33 22.23 -10.91 35.43
CA TRP E 33 20.79 -10.88 35.25
C TRP E 33 20.19 -9.94 36.25
N TYR E 34 19.41 -9.03 35.74
CA TYR E 34 18.67 -8.02 36.49
C TYR E 34 17.25 -8.15 36.09
N ARG E 35 16.36 -7.59 36.94
CA ARG E 35 14.93 -7.39 36.65
C ARG E 35 14.57 -5.96 36.99
N GLN E 36 13.62 -5.39 36.26
CA GLN E 36 13.19 -4.02 36.51
C GLN E 36 11.69 -3.96 36.43
N ASP E 37 11.10 -3.36 37.44
CA ASP E 37 9.65 -3.16 37.50
C ASP E 37 9.32 -1.76 36.91
N PRO E 38 8.12 -1.55 36.29
CA PRO E 38 7.84 -0.24 35.66
C PRO E 38 8.02 0.93 36.61
N GLY E 39 8.69 1.98 36.10
CA GLY E 39 9.07 3.19 36.83
C GLY E 39 10.04 2.88 37.97
N GLN E 40 10.89 1.86 37.79
CA GLN E 40 11.82 1.43 38.84
C GLN E 40 13.24 1.21 38.30
N GLY E 41 14.16 0.95 39.23
CA GLY E 41 15.56 0.74 38.93
C GLY E 41 15.82 -0.70 38.54
N LEU E 42 17.09 -1.02 38.45
CA LEU E 42 17.57 -2.35 38.15
C LEU E 42 17.71 -3.09 39.47
N ARG E 43 17.44 -4.40 39.48
CA ARG E 43 17.64 -5.26 40.67
C ARG E 43 18.46 -6.46 40.27
N LEU E 44 19.60 -6.68 40.90
CA LEU E 44 20.43 -7.82 40.51
C LEU E 44 19.87 -9.16 40.98
N ILE E 45 19.69 -10.08 40.00
CA ILE E 45 19.19 -11.44 40.24
C ILE E 45 20.35 -12.41 40.50
N TYR E 46 21.13 -12.70 39.47
CA TYR E 46 22.26 -13.63 39.50
C TYR E 46 23.38 -13.10 38.64
N TYR E 47 24.60 -13.52 38.93
CA TYR E 47 25.76 -13.17 38.16
C TYR E 47 26.86 -14.18 38.19
N SER E 48 27.66 -14.17 37.12
CA SER E 48 28.76 -15.06 36.89
C SER E 48 29.97 -14.22 36.48
N GLN E 49 31.10 -14.33 37.20
CA GLN E 49 32.33 -13.59 36.92
C GLN E 49 33.19 -14.30 35.92
N ILE E 50 33.02 -15.62 35.83
CA ILE E 50 33.82 -16.54 35.01
C ILE E 50 32.99 -17.81 34.71
N VAL E 51 33.27 -18.47 33.58
CA VAL E 51 32.63 -19.73 33.21
C VAL E 51 32.79 -20.74 34.37
N ASN E 52 31.73 -21.55 34.59
CA ASN E 52 31.59 -22.59 35.64
C ASN E 52 31.44 -22.05 37.08
N ASP E 53 31.10 -20.77 37.19
CA ASP E 53 30.83 -20.16 38.48
C ASP E 53 29.76 -19.13 38.37
N PHE E 54 28.81 -19.20 39.31
CA PHE E 54 27.74 -18.25 39.46
C PHE E 54 27.54 -17.90 40.94
N GLN E 55 26.84 -16.79 41.18
CA GLN E 55 26.55 -16.29 42.52
C GLN E 55 25.31 -15.37 42.52
N LYS E 56 24.48 -15.53 43.56
CA LYS E 56 23.25 -14.84 43.86
C LYS E 56 23.43 -13.33 43.93
N GLY E 57 22.47 -12.61 43.39
CA GLY E 57 22.38 -11.16 43.44
C GLY E 57 21.54 -10.80 44.64
N ASP E 58 20.85 -9.67 44.60
CA ASP E 58 20.02 -9.24 45.72
C ASP E 58 18.59 -9.84 45.71
N ILE E 59 18.14 -10.43 44.58
CA ILE E 59 16.79 -11.00 44.42
C ILE E 59 16.82 -12.40 43.73
N ALA E 60 17.61 -13.33 44.28
CA ALA E 60 17.82 -14.65 43.68
C ALA E 60 16.75 -15.74 43.87
N GLU E 61 15.86 -15.58 44.89
CA GLU E 61 14.79 -16.54 45.18
C GLU E 61 13.85 -16.76 44.00
N GLY E 62 13.66 -18.03 43.63
CA GLY E 62 12.80 -18.52 42.56
C GLY E 62 13.38 -18.47 41.17
N TYR E 63 14.69 -18.25 41.08
CA TYR E 63 15.45 -18.15 39.83
C TYR E 63 16.60 -19.11 39.89
N SER E 64 17.09 -19.47 38.74
CA SER E 64 18.20 -20.40 38.64
C SER E 64 19.04 -19.98 37.46
N VAL E 65 20.38 -20.21 37.52
CA VAL E 65 21.33 -19.93 36.44
C VAL E 65 22.31 -21.07 36.15
N SER E 66 22.86 -21.04 34.92
CA SER E 66 23.84 -21.96 34.36
C SER E 66 24.94 -21.13 33.66
N ARG E 67 26.20 -21.57 33.77
CA ARG E 67 27.36 -20.97 33.09
C ARG E 67 28.31 -22.09 32.69
N GLU E 68 27.94 -22.83 31.64
CA GLU E 68 28.73 -23.95 31.12
C GLU E 68 29.68 -23.46 30.06
N LYS E 69 29.27 -22.40 29.37
CA LYS E 69 29.97 -21.74 28.26
C LYS E 69 30.14 -20.25 28.58
N LYS E 70 31.29 -19.67 28.18
CA LYS E 70 31.66 -18.26 28.32
C LYS E 70 30.59 -17.34 27.70
N GLU E 71 29.94 -17.79 26.61
CA GLU E 71 29.02 -17.05 25.76
C GLU E 71 27.52 -16.99 26.17
N SER E 72 27.05 -17.94 26.98
CA SER E 72 25.66 -18.00 27.38
C SER E 72 25.49 -17.89 28.84
N PHE E 73 24.37 -17.30 29.30
CA PHE E 73 24.12 -17.27 30.76
C PHE E 73 22.60 -17.37 30.97
N PRO E 74 22.02 -18.58 30.74
CA PRO E 74 20.53 -18.74 30.82
C PRO E 74 19.96 -18.52 32.21
N LEU E 75 18.82 -17.81 32.28
CA LEU E 75 18.08 -17.55 33.51
C LEU E 75 16.76 -18.35 33.50
N THR E 76 16.57 -19.17 34.50
CA THR E 76 15.30 -19.89 34.59
C THR E 76 14.36 -19.19 35.54
N VAL E 77 13.15 -18.79 35.08
CA VAL E 77 12.10 -18.29 35.97
C VAL E 77 11.25 -19.54 36.44
N THR E 78 11.41 -19.90 37.72
CA THR E 78 10.74 -21.04 38.37
C THR E 78 9.36 -20.61 38.93
N SER E 79 8.48 -21.62 39.22
CA SER E 79 7.14 -21.47 39.79
C SER E 79 7.19 -20.88 41.20
N ALA E 80 8.36 -20.98 41.88
CA ALA E 80 8.62 -20.48 43.23
C ALA E 80 8.84 -18.97 43.25
N GLN E 81 8.97 -18.34 42.05
CA GLN E 81 9.14 -16.89 41.96
C GLN E 81 7.76 -16.30 42.14
N LYS E 82 7.58 -15.57 43.25
CA LYS E 82 6.30 -14.97 43.68
C LYS E 82 5.70 -13.92 42.73
N ASN E 83 6.49 -12.92 42.33
CA ASN E 83 6.08 -11.85 41.42
C ASN E 83 6.93 -11.96 40.09
N PRO E 84 6.62 -12.90 39.12
CA PRO E 84 7.52 -13.08 37.94
C PRO E 84 7.45 -12.10 36.79
N THR E 85 6.34 -11.39 36.63
CA THR E 85 6.15 -10.42 35.57
C THR E 85 7.08 -9.25 35.88
N ALA E 86 8.03 -9.01 34.95
CA ALA E 86 9.02 -7.92 34.98
C ALA E 86 9.67 -7.82 33.62
N PHE E 87 10.42 -6.76 33.44
CA PHE E 87 11.28 -6.55 32.30
C PHE E 87 12.60 -7.21 32.71
N TYR E 88 13.13 -8.23 31.99
CA TYR E 88 14.42 -8.88 32.36
C TYR E 88 15.53 -8.44 31.43
N LEU E 89 16.68 -8.07 32.03
CA LEU E 89 17.86 -7.55 31.36
C LEU E 89 19.10 -8.32 31.69
N CYS E 90 19.85 -8.62 30.66
CA CYS E 90 21.11 -9.33 30.75
C CYS E 90 22.21 -8.41 30.28
N ALA E 91 23.38 -8.56 30.86
CA ALA E 91 24.52 -7.73 30.52
C ALA E 91 25.76 -8.53 30.65
N SER E 92 26.85 -8.06 30.02
CA SER E 92 28.15 -8.72 30.12
C SER E 92 29.20 -7.65 30.23
N SER E 93 30.36 -7.99 30.83
CA SER E 93 31.51 -7.10 30.95
C SER E 93 32.80 -7.92 30.70
N SER E 94 33.89 -7.31 30.13
CA SER E 94 35.16 -8.00 29.83
CA SER E 94 35.14 -8.05 29.81
C SER E 94 35.62 -8.92 30.98
N ARG E 95 35.62 -8.36 32.18
CA ARG E 95 35.93 -8.93 33.49
C ARG E 95 34.83 -8.35 34.39
N SER E 96 34.52 -9.04 35.49
CA SER E 96 33.54 -8.59 36.47
C SER E 96 33.95 -7.29 37.06
N SER E 97 32.95 -6.43 37.44
CA SER E 97 33.11 -5.11 38.06
C SER E 97 33.40 -3.98 37.07
N TYR E 98 33.74 -4.35 35.82
CA TYR E 98 33.96 -3.33 34.80
C TYR E 98 32.66 -2.90 34.14
N GLU E 99 32.74 -1.93 33.22
CA GLU E 99 31.63 -1.42 32.44
C GLU E 99 30.80 -2.56 31.81
N GLN E 100 29.46 -2.53 32.03
CA GLN E 100 28.60 -3.57 31.48
C GLN E 100 27.93 -3.14 30.20
N TYR E 101 27.68 -4.10 29.31
CA TYR E 101 26.99 -3.92 28.04
C TYR E 101 25.71 -4.72 28.10
N PHE E 102 24.59 -4.01 28.10
CA PHE E 102 23.25 -4.57 28.20
C PHE E 102 22.63 -5.10 26.93
N GLY E 103 21.96 -6.23 27.08
CA GLY E 103 21.15 -6.79 26.01
C GLY E 103 19.88 -5.96 25.84
N PRO E 104 19.10 -6.26 24.78
CA PRO E 104 17.89 -5.48 24.51
C PRO E 104 16.72 -5.61 25.48
N GLY E 105 16.75 -6.64 26.32
CA GLY E 105 15.72 -6.89 27.30
C GLY E 105 14.59 -7.77 26.81
N THR E 106 13.97 -8.51 27.73
CA THR E 106 12.83 -9.40 27.49
C THR E 106 11.71 -9.01 28.44
N ARG E 107 10.52 -8.77 27.88
CA ARG E 107 9.38 -8.52 28.73
C ARG E 107 8.68 -9.84 29.00
N LEU E 108 8.68 -10.29 30.25
CA LEU E 108 8.00 -11.54 30.59
C LEU E 108 6.72 -11.14 31.32
N THR E 109 5.56 -11.64 30.85
CA THR E 109 4.27 -11.42 31.52
C THR E 109 3.73 -12.80 31.88
N VAL E 110 3.48 -13.00 33.17
CA VAL E 110 2.95 -14.26 33.70
C VAL E 110 1.47 -14.09 34.09
N THR E 111 0.55 -14.89 33.49
CA THR E 111 -0.91 -14.79 33.66
C THR E 111 -1.58 -15.80 34.58
N GLU E 112 -2.67 -15.37 35.26
CA GLU E 112 -3.47 -16.26 36.13
C GLU E 112 -4.01 -17.44 35.30
N ASP E 113 -4.64 -17.14 34.12
CA ASP E 113 -5.22 -18.07 33.14
C ASP E 113 -5.09 -17.53 31.71
N LEU E 114 -4.90 -18.42 30.74
CA LEU E 114 -4.76 -18.05 29.33
C LEU E 114 -6.02 -17.44 28.68
N LYS E 115 -7.21 -17.60 29.32
CA LYS E 115 -8.48 -17.04 28.81
C LYS E 115 -8.53 -15.52 29.03
N ASN E 116 -7.46 -14.97 29.61
CA ASN E 116 -7.33 -13.56 29.83
C ASN E 116 -6.59 -12.88 28.68
N VAL E 117 -6.14 -13.67 27.69
CA VAL E 117 -5.41 -13.18 26.50
C VAL E 117 -6.38 -12.67 25.45
N PHE E 118 -6.22 -11.41 25.07
CA PHE E 118 -7.09 -10.84 24.06
C PHE E 118 -6.26 -10.06 23.08
N PRO E 119 -6.61 -10.09 21.80
CA PRO E 119 -5.87 -9.23 20.87
C PRO E 119 -6.42 -7.78 20.91
N PRO E 120 -5.68 -6.78 20.40
CA PRO E 120 -6.25 -5.43 20.39
C PRO E 120 -7.33 -5.25 19.32
N GLU E 121 -8.20 -4.27 19.53
CA GLU E 121 -9.19 -3.82 18.56
C GLU E 121 -8.69 -2.42 18.18
N VAL E 122 -8.37 -2.22 16.91
CA VAL E 122 -7.76 -0.98 16.44
C VAL E 122 -8.79 -0.13 15.70
N ALA E 123 -8.86 1.20 16.03
CA ALA E 123 -9.77 2.18 15.44
C ALA E 123 -9.12 3.53 15.18
N VAL E 124 -9.27 4.04 13.93
CA VAL E 124 -8.74 5.36 13.56
C VAL E 124 -9.84 6.43 13.63
N PHE E 125 -9.53 7.55 14.29
CA PHE E 125 -10.45 8.65 14.45
C PHE E 125 -10.03 9.85 13.60
N GLU E 126 -10.84 10.13 12.55
CA GLU E 126 -10.69 11.21 11.56
C GLU E 126 -10.66 12.61 12.23
N PRO E 127 -9.80 13.56 11.74
CA PRO E 127 -9.71 14.90 12.38
C PRO E 127 -10.99 15.71 12.60
N SER E 128 -10.93 16.60 13.61
CA SER E 128 -12.01 17.50 14.00
C SER E 128 -12.00 18.69 13.04
N GLU E 129 -13.20 19.08 12.56
CA GLU E 129 -13.42 20.19 11.65
C GLU E 129 -12.95 21.52 12.25
N ALA E 130 -13.24 21.73 13.56
CA ALA E 130 -12.86 22.92 14.33
C ALA E 130 -11.35 23.06 14.50
N GLU E 131 -10.62 21.92 14.57
CA GLU E 131 -9.16 21.88 14.67
C GLU E 131 -8.57 22.39 13.38
N ILE E 132 -9.10 21.91 12.24
CA ILE E 132 -8.68 22.29 10.89
C ILE E 132 -8.86 23.81 10.67
N SER E 133 -10.05 24.34 10.99
CA SER E 133 -10.35 25.77 10.79
C SER E 133 -9.63 26.68 11.79
N HIS E 134 -9.46 26.21 13.06
CA HIS E 134 -8.80 26.94 14.13
C HIS E 134 -7.27 27.00 14.06
N THR E 135 -6.61 25.92 13.56
CA THR E 135 -5.15 25.86 13.54
C THR E 135 -4.54 25.59 12.16
N GLN E 136 -5.35 25.11 11.20
CA GLN E 136 -4.92 24.71 9.86
C GLN E 136 -4.03 23.44 9.89
N LYS E 137 -4.20 22.67 10.98
CA LYS E 137 -3.54 21.40 11.24
C LYS E 137 -4.64 20.35 11.44
N ALA E 138 -4.29 19.08 11.24
CA ALA E 138 -5.23 17.97 11.34
C ALA E 138 -4.62 16.80 12.15
N THR E 139 -5.20 16.51 13.31
CA THR E 139 -4.71 15.41 14.14
C THR E 139 -5.58 14.17 13.96
N LEU E 140 -4.95 13.04 13.60
CA LEU E 140 -5.59 11.72 13.52
C LEU E 140 -5.30 11.05 14.89
N VAL E 141 -6.31 10.40 15.47
CA VAL E 141 -6.14 9.68 16.72
C VAL E 141 -6.34 8.17 16.52
N CYS E 142 -5.34 7.38 16.93
CA CYS E 142 -5.46 5.94 16.91
C CYS E 142 -5.75 5.43 18.28
N LEU E 143 -6.55 4.38 18.38
CA LEU E 143 -6.94 3.83 19.64
C LEU E 143 -6.96 2.31 19.71
N ALA E 144 -5.85 1.68 20.15
CA ALA E 144 -5.79 0.23 20.38
C ALA E 144 -6.38 -0.05 21.76
N THR E 145 -7.38 -0.95 21.86
CA THR E 145 -8.08 -1.26 23.12
C THR E 145 -8.26 -2.73 23.38
N GLY E 146 -8.40 -3.06 24.65
CA GLY E 146 -8.74 -4.38 25.16
C GLY E 146 -7.76 -5.50 24.92
N PHE E 147 -6.45 -5.17 24.93
CA PHE E 147 -5.44 -6.19 24.76
C PHE E 147 -4.78 -6.62 26.05
N TYR E 148 -4.47 -7.91 26.14
CA TYR E 148 -3.75 -8.50 27.24
C TYR E 148 -2.89 -9.62 26.68
N PRO E 149 -1.57 -9.65 26.93
CA PRO E 149 -0.76 -8.70 27.72
C PRO E 149 -0.49 -7.41 26.96
N ASP E 150 0.20 -6.42 27.63
CA ASP E 150 0.63 -5.16 27.00
C ASP E 150 1.92 -5.41 26.17
N HIS E 151 1.82 -6.43 25.31
CA HIS E 151 2.88 -6.86 24.43
C HIS E 151 2.49 -6.40 23.04
N VAL E 152 2.50 -5.07 22.84
CA VAL E 152 2.13 -4.41 21.57
C VAL E 152 3.21 -3.45 21.03
N GLU E 153 3.23 -3.25 19.71
CA GLU E 153 4.11 -2.30 19.01
C GLU E 153 3.25 -1.61 17.98
N LEU E 154 2.89 -0.35 18.24
CA LEU E 154 2.05 0.43 17.35
C LEU E 154 2.96 1.24 16.38
N SER E 155 2.50 1.38 15.13
CA SER E 155 3.16 2.12 14.04
C SER E 155 2.13 2.78 13.13
N TRP E 156 2.48 3.99 12.61
CA TRP E 156 1.67 4.77 11.68
C TRP E 156 2.30 4.64 10.29
N TRP E 157 1.45 4.49 9.27
CA TRP E 157 1.82 4.24 7.88
C TRP E 157 1.02 5.16 6.96
N VAL E 158 1.72 6.07 6.25
CA VAL E 158 1.09 6.99 5.30
C VAL E 158 1.57 6.66 3.90
N ASN E 159 0.61 6.27 3.02
CA ASN E 159 0.85 5.86 1.63
C ASN E 159 1.86 4.69 1.56
N GLY E 160 1.65 3.72 2.45
CA GLY E 160 2.47 2.51 2.59
C GLY E 160 3.80 2.72 3.26
N LYS E 161 4.13 3.96 3.62
CA LYS E 161 5.41 4.31 4.23
C LYS E 161 5.25 4.57 5.75
N GLU E 162 6.11 3.96 6.60
CA GLU E 162 6.06 4.17 8.05
C GLU E 162 6.52 5.59 8.40
N VAL E 163 5.67 6.36 9.11
CA VAL E 163 5.98 7.73 9.52
C VAL E 163 6.33 7.87 11.00
N HIS E 164 7.29 8.74 11.31
CA HIS E 164 7.73 9.03 12.67
C HIS E 164 7.52 10.49 13.02
N SER E 165 7.63 11.40 12.01
CA SER E 165 7.40 12.83 12.20
C SER E 165 5.90 13.09 12.27
N GLY E 166 5.49 13.92 13.23
CA GLY E 166 4.09 14.26 13.48
C GLY E 166 3.34 13.23 14.31
N VAL E 167 4.03 12.13 14.66
CA VAL E 167 3.55 10.99 15.44
C VAL E 167 3.84 11.19 16.96
N SER E 168 3.11 10.46 17.83
CA SER E 168 3.25 10.48 19.28
C SER E 168 2.49 9.31 19.92
N THR E 169 3.17 8.16 20.12
CA THR E 169 2.52 7.04 20.79
C THR E 169 2.67 7.26 22.31
N ASP E 170 1.67 6.83 23.10
CA ASP E 170 1.72 6.92 24.56
C ASP E 170 2.94 6.10 25.06
N PRO E 171 3.71 6.60 26.07
CA PRO E 171 4.88 5.84 26.51
C PRO E 171 4.49 4.54 27.22
N GLN E 172 3.30 4.55 27.87
CA GLN E 172 2.76 3.44 28.62
C GLN E 172 1.29 3.15 28.30
N PRO E 173 0.85 1.85 28.28
CA PRO E 173 -0.57 1.56 28.08
C PRO E 173 -1.40 2.00 29.30
N LEU E 174 -2.67 1.63 29.31
CA LEU E 174 -3.60 2.07 30.34
C LEU E 174 -4.51 0.88 30.70
N LYS E 175 -4.78 0.65 32.00
CA LYS E 175 -5.65 -0.47 32.35
C LYS E 175 -7.11 -0.07 32.17
N GLU E 176 -7.90 -0.96 31.59
CA GLU E 176 -9.33 -0.78 31.34
C GLU E 176 -10.17 -1.13 32.59
N GLN E 177 -9.67 -2.10 33.38
CA GLN E 177 -10.21 -2.54 34.67
C GLN E 177 -9.07 -2.40 35.71
N PRO E 178 -8.82 -1.19 36.28
CA PRO E 178 -7.70 -1.06 37.24
C PRO E 178 -7.73 -2.02 38.45
N ALA E 179 -8.93 -2.35 38.97
CA ALA E 179 -9.16 -3.28 40.10
C ALA E 179 -8.81 -4.75 39.77
N LEU E 180 -8.91 -5.15 38.47
CA LEU E 180 -8.60 -6.49 37.97
C LEU E 180 -7.11 -6.62 37.79
N ASN E 181 -6.54 -7.70 38.34
CA ASN E 181 -5.10 -7.96 38.29
C ASN E 181 -4.55 -8.22 36.87
N ASP E 182 -5.33 -8.93 36.03
CA ASP E 182 -4.93 -9.22 34.67
C ASP E 182 -5.84 -8.42 33.74
N SER E 183 -6.03 -7.13 34.08
CA SER E 183 -6.82 -6.15 33.34
C SER E 183 -6.27 -5.94 31.94
N ARG E 184 -7.19 -5.85 30.99
CA ARG E 184 -6.85 -5.57 29.59
C ARG E 184 -6.36 -4.13 29.42
N TYR E 185 -5.65 -3.87 28.33
CA TYR E 185 -5.03 -2.57 28.08
C TYR E 185 -5.59 -1.75 26.96
N SER E 186 -5.31 -0.46 27.01
CA SER E 186 -5.65 0.47 25.96
C SER E 186 -4.43 1.35 25.68
N LEU E 187 -4.26 1.77 24.42
CA LEU E 187 -3.15 2.60 23.98
C LEU E 187 -3.55 3.51 22.81
N SER E 188 -3.25 4.80 22.94
CA SER E 188 -3.51 5.77 21.89
C SER E 188 -2.22 6.31 21.31
N SER E 189 -2.29 6.71 20.05
CA SER E 189 -1.26 7.38 19.30
C SER E 189 -1.96 8.48 18.50
N ARG E 190 -1.21 9.53 18.20
CA ARG E 190 -1.66 10.69 17.43
C ARG E 190 -0.74 10.90 16.27
N LEU E 191 -1.32 11.29 15.13
CA LEU E 191 -0.59 11.66 13.93
C LEU E 191 -1.17 12.99 13.49
N ARG E 192 -0.34 14.03 13.55
CA ARG E 192 -0.76 15.38 13.13
C ARG E 192 -0.13 15.71 11.78
N VAL E 193 -0.98 16.03 10.80
CA VAL E 193 -0.59 16.41 9.44
C VAL E 193 -1.16 17.80 9.10
N SER E 194 -0.63 18.42 8.02
CA SER E 194 -1.13 19.72 7.52
C SER E 194 -2.57 19.51 7.02
N ALA E 195 -3.47 20.48 7.27
CA ALA E 195 -4.88 20.38 6.84
C ALA E 195 -5.04 20.04 5.35
N THR E 196 -4.11 20.53 4.47
CA THR E 196 -4.15 20.23 3.03
C THR E 196 -3.84 18.74 2.80
N PHE E 197 -2.93 18.17 3.61
CA PHE E 197 -2.57 16.75 3.49
C PHE E 197 -3.74 15.84 3.82
N TRP E 198 -4.47 16.14 4.92
CA TRP E 198 -5.67 15.39 5.29
C TRP E 198 -6.73 15.56 4.21
N GLN E 199 -6.90 16.81 3.73
CA GLN E 199 -7.86 17.18 2.69
C GLN E 199 -7.71 16.39 1.39
N ASN E 200 -6.45 16.05 1.02
CA ASN E 200 -6.12 15.30 -0.20
C ASN E 200 -6.63 13.85 -0.13
N PRO E 201 -7.57 13.48 -1.04
CA PRO E 201 -8.12 12.12 -1.03
C PRO E 201 -7.24 11.04 -1.66
N ARG E 202 -6.01 11.39 -2.07
CA ARG E 202 -5.01 10.47 -2.63
C ARG E 202 -4.21 9.89 -1.46
N ASN E 203 -4.35 10.50 -0.28
CA ASN E 203 -3.67 10.12 0.94
C ASN E 203 -4.43 9.07 1.76
N HIS E 204 -3.68 8.06 2.19
CA HIS E 204 -4.13 6.91 2.98
C HIS E 204 -3.29 6.77 4.27
N PHE E 205 -3.92 6.90 5.45
CA PHE E 205 -3.28 6.78 6.78
C PHE E 205 -3.76 5.50 7.47
N ARG E 206 -2.82 4.59 7.78
CA ARG E 206 -3.14 3.32 8.43
C ARG E 206 -2.39 3.16 9.75
N CYS E 207 -3.08 2.60 10.76
CA CYS E 207 -2.49 2.32 12.05
C CYS E 207 -2.30 0.84 12.36
N GLN E 208 -1.07 0.39 12.29
CA GLN E 208 -0.66 -0.98 12.55
C GLN E 208 -0.27 -1.17 14.03
N VAL E 209 -0.75 -2.30 14.61
CA VAL E 209 -0.46 -2.70 15.98
C VAL E 209 -0.14 -4.18 15.93
N GLN E 210 1.12 -4.51 16.18
CA GLN E 210 1.58 -5.87 16.27
C GLN E 210 1.32 -6.25 17.72
N PHE E 211 0.72 -7.43 17.91
CA PHE E 211 0.42 -7.96 19.22
C PHE E 211 1.22 -9.27 19.39
N TYR E 212 1.74 -9.53 20.58
CA TYR E 212 2.42 -10.79 20.86
C TYR E 212 1.56 -11.53 21.88
N GLY E 213 1.05 -12.68 21.47
CA GLY E 213 0.18 -13.48 22.33
C GLY E 213 0.50 -14.95 22.39
N LEU E 214 -0.55 -15.78 22.33
CA LEU E 214 -0.45 -17.25 22.39
C LEU E 214 0.36 -17.81 21.24
N SER E 215 1.15 -18.86 21.52
CA SER E 215 2.03 -19.54 20.57
C SER E 215 1.38 -20.81 20.02
N GLU E 216 1.95 -21.39 18.93
CA GLU E 216 1.51 -22.64 18.27
C GLU E 216 1.21 -23.75 19.29
N ASN E 217 2.14 -23.95 20.25
CA ASN E 217 2.17 -24.94 21.33
C ASN E 217 1.03 -24.82 22.36
N ASP E 218 0.59 -23.59 22.72
CA ASP E 218 -0.48 -23.35 23.71
C ASP E 218 -1.82 -24.02 23.36
N GLU E 219 -2.51 -24.51 24.40
CA GLU E 219 -3.82 -25.17 24.24
C GLU E 219 -4.94 -24.13 24.35
N TRP E 220 -5.77 -24.03 23.30
CA TRP E 220 -6.94 -23.14 23.31
C TRP E 220 -8.17 -24.02 23.22
N THR E 221 -9.13 -23.76 24.09
CA THR E 221 -10.36 -24.53 24.24
C THR E 221 -11.59 -23.63 24.13
N GLN E 222 -11.37 -22.30 24.02
CA GLN E 222 -12.49 -21.36 23.97
C GLN E 222 -13.14 -21.24 22.61
N ASP E 223 -14.35 -20.67 22.60
CA ASP E 223 -15.14 -20.49 21.40
C ASP E 223 -14.55 -19.42 20.48
N ARG E 224 -14.18 -18.27 21.06
CA ARG E 224 -13.55 -17.17 20.32
C ARG E 224 -12.18 -17.55 19.70
N ALA E 225 -11.77 -16.75 18.69
CA ALA E 225 -10.52 -16.97 17.96
C ALA E 225 -9.32 -17.00 18.91
N LYS E 226 -8.46 -18.05 18.78
CA LYS E 226 -7.25 -18.21 19.58
C LYS E 226 -6.40 -16.93 19.45
N PRO E 227 -6.20 -16.19 20.57
CA PRO E 227 -5.46 -14.92 20.48
C PRO E 227 -3.95 -15.10 20.40
N VAL E 228 -3.52 -15.43 19.17
CA VAL E 228 -2.14 -15.64 18.78
C VAL E 228 -1.52 -14.32 18.35
N THR E 229 -0.19 -14.31 18.30
CA THR E 229 0.61 -13.22 17.77
C THR E 229 0.03 -12.85 16.41
N GLN E 230 -0.29 -11.55 16.21
CA GLN E 230 -0.93 -11.08 14.97
C GLN E 230 -0.83 -9.55 14.86
N ILE E 231 -1.20 -9.01 13.68
CA ILE E 231 -1.31 -7.58 13.38
C ILE E 231 -2.81 -7.22 13.19
N VAL E 232 -3.30 -6.21 13.94
CA VAL E 232 -4.65 -5.66 13.79
C VAL E 232 -4.46 -4.22 13.26
N SER E 233 -5.18 -3.87 12.18
CA SER E 233 -5.09 -2.54 11.58
C SER E 233 -6.42 -1.83 11.40
N ALA E 234 -6.33 -0.52 11.24
CA ALA E 234 -7.45 0.38 11.00
C ALA E 234 -6.96 1.49 10.09
N GLU E 235 -7.77 1.89 9.11
CA GLU E 235 -7.41 2.95 8.15
C GLU E 235 -8.48 4.01 7.91
N ALA E 236 -8.06 5.08 7.26
CA ALA E 236 -8.88 6.22 6.85
C ALA E 236 -8.20 6.88 5.67
N TRP E 237 -9.02 7.34 4.73
CA TRP E 237 -8.60 8.05 3.53
C TRP E 237 -8.93 9.52 3.72
N GLY E 238 -8.17 10.38 3.01
CA GLY E 238 -8.34 11.83 3.04
C GLY E 238 -9.67 12.31 2.49
N ARG E 239 -10.27 13.32 3.18
CA ARG E 239 -11.57 13.92 2.84
C ARG E 239 -11.42 15.44 2.68
N ALA E 240 -12.21 16.06 1.78
CA ALA E 240 -12.16 17.51 1.51
C ALA E 240 -13.07 18.31 2.45
N GLY F 1 1.72 11.27 -8.17
CA GLY F 1 1.87 10.01 -8.88
C GLY F 1 1.15 9.98 -10.21
N SER F 2 1.90 9.67 -11.30
CA SER F 2 1.37 9.59 -12.67
C SER F 2 0.58 8.31 -12.86
N HIS F 3 -0.52 8.36 -13.65
CA HIS F 3 -1.39 7.19 -13.91
C HIS F 3 -1.78 7.01 -15.36
N SER F 4 -2.13 5.78 -15.73
CA SER F 4 -2.56 5.51 -17.11
C SER F 4 -3.74 4.54 -17.24
N MET F 5 -4.51 4.69 -18.33
CA MET F 5 -5.57 3.76 -18.65
C MET F 5 -5.40 3.31 -20.11
N ARG F 6 -5.16 2.02 -20.35
CA ARG F 6 -4.91 1.52 -21.71
C ARG F 6 -5.79 0.37 -22.13
N TYR F 7 -6.18 0.40 -23.38
CA TYR F 7 -6.96 -0.65 -24.02
C TYR F 7 -6.15 -1.22 -25.16
N PHE F 8 -6.03 -2.54 -25.16
CA PHE F 8 -5.26 -3.28 -26.16
C PHE F 8 -6.12 -4.25 -26.88
N PHE F 9 -6.22 -4.11 -28.19
CA PHE F 9 -7.01 -5.00 -29.05
C PHE F 9 -6.10 -5.65 -30.09
N THR F 10 -6.16 -6.99 -30.16
CA THR F 10 -5.42 -7.85 -31.09
C THR F 10 -6.49 -8.60 -31.89
N SER F 11 -6.40 -8.59 -33.24
CA SER F 11 -7.30 -9.36 -34.11
C SER F 11 -6.48 -10.22 -35.09
N VAL F 12 -6.60 -11.55 -35.02
CA VAL F 12 -5.79 -12.45 -35.84
C VAL F 12 -6.61 -13.28 -36.77
N SER F 13 -6.31 -13.21 -38.08
CA SER F 13 -7.00 -13.97 -39.13
C SER F 13 -6.60 -15.42 -39.12
N ARG F 14 -7.57 -16.27 -39.43
CA ARG F 14 -7.39 -17.72 -39.46
C ARG F 14 -7.28 -18.20 -40.91
N PRO F 15 -6.43 -19.23 -41.17
CA PRO F 15 -6.22 -19.69 -42.55
C PRO F 15 -7.38 -20.00 -43.51
N GLY F 16 -8.60 -20.16 -43.01
CA GLY F 16 -9.77 -20.41 -43.84
C GLY F 16 -10.31 -19.17 -44.53
N ARG F 17 -11.65 -18.89 -44.56
CA ARG F 17 -12.84 -19.59 -44.04
C ARG F 17 -13.06 -19.66 -42.51
N GLY F 18 -12.00 -19.92 -41.73
CA GLY F 18 -12.04 -19.90 -40.27
C GLY F 18 -12.21 -18.47 -39.79
N GLU F 19 -13.17 -18.25 -38.85
CA GLU F 19 -13.45 -16.90 -38.32
C GLU F 19 -12.24 -16.32 -37.51
N PRO F 20 -11.99 -15.00 -37.43
CA PRO F 20 -10.78 -14.54 -36.74
C PRO F 20 -10.85 -14.46 -35.22
N ARG F 21 -9.69 -14.47 -34.56
CA ARG F 21 -9.61 -14.33 -33.11
C ARG F 21 -9.52 -12.87 -32.68
N PHE F 22 -10.38 -12.42 -31.74
CA PHE F 22 -10.35 -11.06 -31.20
C PHE F 22 -10.12 -11.07 -29.68
N ILE F 23 -9.09 -10.37 -29.21
CA ILE F 23 -8.77 -10.22 -27.78
C ILE F 23 -8.84 -8.72 -27.42
N ALA F 24 -9.62 -8.37 -26.41
CA ALA F 24 -9.68 -7.03 -25.83
C ALA F 24 -9.24 -7.14 -24.38
N VAL F 25 -8.24 -6.37 -23.97
CA VAL F 25 -7.78 -6.30 -22.58
C VAL F 25 -7.69 -4.82 -22.17
N GLY F 26 -8.04 -4.53 -20.92
CA GLY F 26 -7.97 -3.18 -20.37
C GLY F 26 -7.08 -3.12 -19.15
N TYR F 27 -6.25 -2.06 -19.05
CA TYR F 27 -5.33 -1.84 -17.94
C TYR F 27 -5.51 -0.48 -17.29
N VAL F 28 -5.36 -0.42 -15.94
CA VAL F 28 -5.28 0.82 -15.18
C VAL F 28 -3.87 0.70 -14.63
N ASP F 29 -2.91 1.40 -15.25
CA ASP F 29 -1.47 1.36 -14.91
C ASP F 29 -0.90 0.00 -15.32
N ASP F 30 -0.55 -0.85 -14.36
CA ASP F 30 0.01 -2.16 -14.64
C ASP F 30 -0.89 -3.28 -14.19
N THR F 31 -2.15 -2.91 -13.87
CA THR F 31 -3.18 -3.85 -13.43
C THR F 31 -4.26 -4.02 -14.48
N GLN F 32 -4.32 -5.22 -15.08
CA GLN F 32 -5.35 -5.60 -16.03
C GLN F 32 -6.68 -5.64 -15.27
N PHE F 33 -7.75 -5.07 -15.84
CA PHE F 33 -9.04 -5.02 -15.16
C PHE F 33 -10.23 -5.62 -15.92
N VAL F 34 -10.11 -5.75 -17.26
CA VAL F 34 -11.15 -6.31 -18.13
C VAL F 34 -10.55 -7.14 -19.26
N ARG F 35 -11.36 -8.04 -19.81
CA ARG F 35 -11.00 -8.87 -20.95
C ARG F 35 -12.22 -9.23 -21.74
N PHE F 36 -12.03 -9.51 -23.04
CA PHE F 36 -13.04 -10.03 -23.95
C PHE F 36 -12.30 -10.95 -24.88
N ASP F 37 -12.78 -12.18 -24.97
CA ASP F 37 -12.17 -13.15 -25.83
C ASP F 37 -13.22 -13.77 -26.71
N SER F 38 -12.98 -13.72 -28.02
CA SER F 38 -13.84 -14.31 -29.06
C SER F 38 -14.01 -15.82 -28.81
N ASP F 39 -12.91 -16.52 -28.43
CA ASP F 39 -12.83 -17.95 -28.12
C ASP F 39 -13.20 -18.24 -26.64
N ALA F 40 -14.40 -17.81 -26.24
CA ALA F 40 -14.97 -18.02 -24.92
C ALA F 40 -16.47 -18.08 -25.13
N ALA F 41 -17.13 -19.00 -24.42
CA ALA F 41 -18.59 -19.22 -24.48
C ALA F 41 -19.30 -18.00 -23.97
N SER F 42 -18.72 -17.36 -22.91
CA SER F 42 -19.21 -16.16 -22.23
C SER F 42 -19.77 -15.12 -23.20
N GLN F 43 -18.92 -14.70 -24.16
CA GLN F 43 -19.19 -13.68 -25.16
C GLN F 43 -19.59 -12.39 -24.48
N ARG F 44 -18.82 -12.02 -23.44
CA ARG F 44 -19.08 -10.82 -22.65
C ARG F 44 -17.80 -10.22 -22.21
N MET F 45 -17.81 -8.91 -21.91
CA MET F 45 -16.64 -8.24 -21.35
C MET F 45 -16.60 -8.77 -19.90
N GLU F 46 -15.46 -9.31 -19.49
CA GLU F 46 -15.31 -9.94 -18.19
C GLU F 46 -14.40 -9.16 -17.23
N PRO F 47 -14.73 -9.08 -15.92
CA PRO F 47 -13.85 -8.38 -14.96
C PRO F 47 -12.61 -9.21 -14.67
N ARG F 48 -11.49 -8.54 -14.40
CA ARG F 48 -10.19 -9.19 -14.15
C ARG F 48 -9.50 -8.60 -12.92
N ALA F 49 -10.21 -7.76 -12.20
CA ALA F 49 -9.74 -7.12 -10.97
C ALA F 49 -10.96 -7.02 -10.04
N PRO F 50 -10.79 -7.19 -8.70
CA PRO F 50 -11.96 -7.14 -7.80
C PRO F 50 -12.72 -5.82 -7.76
N TRP F 51 -12.02 -4.70 -7.85
CA TRP F 51 -12.65 -3.37 -7.79
C TRP F 51 -13.63 -3.02 -8.93
N ILE F 52 -13.46 -3.61 -10.14
CA ILE F 52 -14.36 -3.36 -11.27
C ILE F 52 -15.63 -4.23 -11.13
N GLU F 53 -15.62 -5.26 -10.25
CA GLU F 53 -16.79 -6.12 -9.99
C GLU F 53 -17.88 -5.34 -9.27
N GLN F 54 -17.53 -4.20 -8.65
CA GLN F 54 -18.48 -3.32 -7.97
C GLN F 54 -19.33 -2.45 -8.95
N GLU F 55 -19.21 -2.71 -10.29
CA GLU F 55 -19.95 -2.04 -11.36
C GLU F 55 -21.23 -2.83 -11.67
N GLY F 56 -22.32 -2.09 -11.97
CA GLY F 56 -23.64 -2.63 -12.27
C GLY F 56 -23.76 -3.39 -13.58
N PRO F 57 -24.88 -4.13 -13.81
CA PRO F 57 -25.01 -4.90 -15.07
C PRO F 57 -25.07 -4.04 -16.35
N GLU F 58 -25.63 -2.82 -16.27
CA GLU F 58 -25.74 -1.87 -17.38
C GLU F 58 -24.35 -1.52 -17.95
N TYR F 59 -23.35 -1.42 -17.06
CA TYR F 59 -21.94 -1.15 -17.39
C TYR F 59 -21.41 -2.32 -18.21
N TRP F 60 -21.68 -3.55 -17.74
CA TRP F 60 -21.25 -4.80 -18.36
C TRP F 60 -22.01 -5.08 -19.62
N ASP F 61 -23.27 -4.64 -19.69
CA ASP F 61 -24.07 -4.77 -20.89
C ASP F 61 -23.56 -3.75 -21.94
N GLY F 62 -23.13 -2.56 -21.47
CA GLY F 62 -22.58 -1.51 -22.31
C GLY F 62 -21.23 -1.87 -22.91
N GLU F 63 -20.26 -2.23 -22.05
CA GLU F 63 -18.92 -2.67 -22.46
C GLU F 63 -18.97 -3.80 -23.49
N THR F 64 -19.85 -4.79 -23.25
CA THR F 64 -20.08 -5.97 -24.08
C THR F 64 -20.56 -5.60 -25.49
N ARG F 65 -21.54 -4.69 -25.63
CA ARG F 65 -21.97 -4.31 -26.96
C ARG F 65 -20.96 -3.40 -27.70
N LYS F 66 -20.17 -2.61 -26.96
CA LYS F 66 -19.15 -1.73 -27.54
C LYS F 66 -17.97 -2.55 -28.06
N VAL F 67 -17.57 -3.59 -27.31
CA VAL F 67 -16.47 -4.49 -27.67
C VAL F 67 -16.79 -5.38 -28.89
N LYS F 68 -18.07 -5.79 -29.04
CA LYS F 68 -18.59 -6.60 -30.14
C LYS F 68 -18.64 -5.75 -31.42
N ALA F 69 -18.73 -4.42 -31.26
CA ALA F 69 -18.74 -3.45 -32.33
C ALA F 69 -17.27 -3.25 -32.80
N HIS F 70 -16.31 -3.18 -31.84
CA HIS F 70 -14.86 -3.09 -32.10
C HIS F 70 -14.43 -4.30 -32.83
N SER F 71 -14.81 -5.49 -32.34
CA SER F 71 -14.50 -6.81 -32.88
C SER F 71 -14.89 -6.90 -34.34
N GLN F 72 -16.13 -6.47 -34.65
CA GLN F 72 -16.67 -6.44 -35.99
C GLN F 72 -15.96 -5.45 -36.87
N THR F 73 -15.44 -4.37 -36.27
CA THR F 73 -14.70 -3.30 -36.96
C THR F 73 -13.36 -3.81 -37.40
N HIS F 74 -12.65 -4.52 -36.51
CA HIS F 74 -11.33 -5.08 -36.83
C HIS F 74 -11.37 -6.34 -37.73
N ARG F 75 -12.56 -7.03 -37.84
CA ARG F 75 -12.84 -8.19 -38.73
C ARG F 75 -12.87 -7.66 -40.17
N VAL F 76 -13.63 -6.59 -40.36
CA VAL F 76 -13.68 -5.82 -41.60
C VAL F 76 -12.25 -5.26 -41.89
N ASP F 77 -11.51 -4.79 -40.84
CA ASP F 77 -10.16 -4.23 -41.03
C ASP F 77 -9.17 -5.24 -41.56
N LEU F 78 -9.23 -6.51 -41.08
CA LEU F 78 -8.40 -7.63 -41.55
C LEU F 78 -8.58 -7.81 -43.06
N GLY F 79 -9.83 -7.79 -43.53
CA GLY F 79 -10.16 -7.88 -44.94
C GLY F 79 -9.69 -6.65 -45.71
N THR F 80 -9.87 -5.45 -45.14
CA THR F 80 -9.44 -4.24 -45.80
C THR F 80 -7.93 -4.28 -45.96
N LEU F 81 -7.19 -4.59 -44.89
CA LEU F 81 -5.74 -4.64 -44.93
C LEU F 81 -5.13 -5.69 -45.89
N ARG F 82 -5.77 -6.84 -46.06
CA ARG F 82 -5.38 -7.87 -47.02
C ARG F 82 -5.35 -7.21 -48.42
N GLY F 83 -6.47 -6.53 -48.77
CA GLY F 83 -6.65 -5.80 -50.01
C GLY F 83 -5.61 -4.73 -50.27
N TYR F 84 -5.40 -3.84 -49.30
CA TYR F 84 -4.43 -2.75 -49.41
C TYR F 84 -3.02 -3.25 -49.73
N TYR F 85 -2.65 -4.39 -49.18
CA TYR F 85 -1.33 -5.00 -49.31
C TYR F 85 -1.29 -6.10 -50.38
N ASN F 86 -2.44 -6.37 -51.03
CA ASN F 86 -2.60 -7.38 -52.08
C ASN F 86 -2.16 -8.81 -51.66
N GLN F 87 -2.48 -9.16 -50.39
CA GLN F 87 -2.20 -10.45 -49.77
C GLN F 87 -3.34 -11.45 -50.04
N SER F 88 -3.06 -12.75 -49.81
CA SER F 88 -3.97 -13.88 -50.04
C SER F 88 -4.83 -14.29 -48.83
N GLU F 89 -5.72 -15.27 -49.04
CA GLU F 89 -6.65 -15.83 -48.03
C GLU F 89 -5.98 -16.91 -47.11
N ALA F 90 -4.81 -17.45 -47.51
CA ALA F 90 -4.11 -18.50 -46.78
C ALA F 90 -3.23 -18.05 -45.60
N GLY F 91 -2.53 -16.93 -45.77
CA GLY F 91 -1.65 -16.39 -44.75
C GLY F 91 -2.36 -15.67 -43.62
N SER F 92 -2.03 -16.07 -42.35
CA SER F 92 -2.55 -15.49 -41.11
C SER F 92 -1.90 -14.13 -40.85
N HIS F 93 -2.75 -13.11 -40.56
CA HIS F 93 -2.37 -11.72 -40.34
C HIS F 93 -2.97 -11.18 -39.04
N THR F 94 -2.25 -10.22 -38.38
CA THR F 94 -2.58 -9.58 -37.09
C THR F 94 -2.79 -8.06 -37.23
N VAL F 95 -3.93 -7.56 -36.69
CA VAL F 95 -4.26 -6.13 -36.52
C VAL F 95 -4.14 -5.89 -35.00
N GLN F 96 -3.52 -4.76 -34.60
CA GLN F 96 -3.35 -4.39 -33.21
C GLN F 96 -3.65 -2.92 -33.02
N ARG F 97 -4.40 -2.59 -31.97
CA ARG F 97 -4.82 -1.23 -31.66
C ARG F 97 -4.67 -1.01 -30.17
N MET F 98 -4.18 0.16 -29.82
CA MET F 98 -4.05 0.60 -28.47
C MET F 98 -4.57 2.02 -28.39
N TYR F 99 -5.33 2.32 -27.34
CA TYR F 99 -5.77 3.69 -27.05
C TYR F 99 -5.91 3.94 -25.58
N GLY F 100 -5.68 5.16 -25.19
CA GLY F 100 -5.78 5.52 -23.78
C GLY F 100 -5.17 6.85 -23.39
N CYS F 101 -5.27 7.15 -22.11
CA CYS F 101 -4.83 8.40 -21.55
C CYS F 101 -3.90 8.22 -20.37
N ASP F 102 -3.02 9.20 -20.21
CA ASP F 102 -2.09 9.36 -19.10
C ASP F 102 -2.52 10.63 -18.35
N VAL F 103 -2.52 10.57 -17.02
CA VAL F 103 -2.85 11.72 -16.18
C VAL F 103 -1.66 11.95 -15.26
N GLY F 104 -1.44 13.20 -14.86
CA GLY F 104 -0.33 13.55 -13.98
C GLY F 104 -0.58 13.24 -12.52
N SER F 105 0.11 13.97 -11.64
CA SER F 105 0.00 13.83 -10.18
C SER F 105 -1.35 14.38 -9.68
N ASP F 106 -1.89 15.40 -10.39
CA ASP F 106 -3.16 16.10 -10.14
C ASP F 106 -4.37 15.40 -10.75
N TRP F 107 -4.17 14.22 -11.37
CA TRP F 107 -5.19 13.38 -12.03
C TRP F 107 -5.86 14.06 -13.22
N ARG F 108 -5.17 15.04 -13.83
CA ARG F 108 -5.63 15.82 -14.98
C ARG F 108 -4.93 15.33 -16.23
N PHE F 109 -5.59 15.46 -17.41
CA PHE F 109 -5.04 15.02 -18.72
C PHE F 109 -3.56 15.35 -18.91
N LEU F 110 -2.77 14.36 -19.32
CA LEU F 110 -1.35 14.56 -19.58
C LEU F 110 -1.07 14.30 -21.04
N ARG F 111 -1.35 13.06 -21.49
CA ARG F 111 -1.11 12.56 -22.86
C ARG F 111 -2.20 11.54 -23.24
N GLY F 112 -2.47 11.43 -24.54
CA GLY F 112 -3.46 10.53 -25.14
C GLY F 112 -2.89 9.76 -26.32
N TYR F 113 -3.37 8.53 -26.54
CA TYR F 113 -2.87 7.68 -27.63
C TYR F 113 -3.98 7.07 -28.39
N HIS F 114 -3.71 6.72 -29.65
CA HIS F 114 -4.64 6.02 -30.53
C HIS F 114 -3.87 5.55 -31.74
N GLN F 115 -3.37 4.31 -31.69
CA GLN F 115 -2.50 3.78 -32.76
C GLN F 115 -2.75 2.35 -33.14
N TYR F 116 -2.43 2.05 -34.40
CA TYR F 116 -2.62 0.74 -35.05
C TYR F 116 -1.31 0.17 -35.60
N ALA F 117 -1.21 -1.15 -35.60
CA ALA F 117 -0.11 -1.89 -36.17
C ALA F 117 -0.65 -2.99 -37.04
N TYR F 118 0.05 -3.31 -38.13
CA TYR F 118 -0.33 -4.42 -38.99
C TYR F 118 0.85 -5.31 -39.14
N ASP F 119 0.67 -6.60 -38.83
CA ASP F 119 1.71 -7.63 -38.93
C ASP F 119 3.01 -7.27 -38.19
N GLY F 120 2.89 -6.74 -36.98
CA GLY F 120 4.04 -6.34 -36.15
C GLY F 120 4.57 -4.95 -36.46
N LYS F 121 4.21 -4.39 -37.63
CA LYS F 121 4.70 -3.08 -38.09
C LYS F 121 3.70 -1.99 -37.82
N ASP F 122 4.14 -0.78 -37.36
CA ASP F 122 3.27 0.38 -37.11
C ASP F 122 2.55 0.74 -38.41
N TYR F 123 1.24 1.01 -38.33
CA TYR F 123 0.38 1.34 -39.46
C TYR F 123 0.00 2.82 -39.48
N ILE F 124 -0.64 3.27 -38.41
CA ILE F 124 -1.12 4.65 -38.28
C ILE F 124 -1.20 4.99 -36.82
N ALA F 125 -1.00 6.27 -36.48
CA ALA F 125 -1.00 6.72 -35.10
C ALA F 125 -1.50 8.13 -34.99
N LEU F 126 -2.18 8.41 -33.87
CA LEU F 126 -2.59 9.76 -33.58
C LEU F 126 -1.38 10.40 -32.90
N LYS F 127 -0.92 11.54 -33.47
CA LYS F 127 0.21 12.35 -32.96
C LYS F 127 -0.14 12.96 -31.62
N GLU F 128 0.85 13.24 -30.78
CA GLU F 128 0.70 13.84 -29.45
C GLU F 128 -0.22 15.11 -29.45
N ASP F 129 -0.27 15.85 -30.54
CA ASP F 129 -1.10 17.04 -30.64
C ASP F 129 -2.60 16.69 -30.79
N LEU F 130 -2.92 15.37 -30.90
CA LEU F 130 -4.28 14.79 -31.02
C LEU F 130 -5.14 15.38 -32.14
N ARG F 131 -4.48 15.90 -33.17
CA ARG F 131 -5.09 16.59 -34.30
C ARG F 131 -4.70 15.93 -35.64
N SER F 132 -3.43 15.52 -35.75
CA SER F 132 -2.83 14.98 -36.95
C SER F 132 -2.51 13.50 -36.85
N TRP F 133 -2.28 12.87 -38.02
CA TRP F 133 -2.02 11.44 -38.12
C TRP F 133 -0.65 11.12 -38.66
N THR F 134 0.01 10.11 -38.05
CA THR F 134 1.29 9.56 -38.51
C THR F 134 0.95 8.32 -39.34
N ALA F 135 1.09 8.41 -40.65
CA ALA F 135 0.84 7.28 -41.53
C ALA F 135 2.14 6.75 -42.06
N ALA F 136 2.47 5.51 -41.67
CA ALA F 136 3.68 4.77 -42.03
C ALA F 136 3.99 4.70 -43.55
N ASP F 137 3.01 4.22 -44.35
CA ASP F 137 3.20 4.01 -45.78
C ASP F 137 1.97 4.39 -46.62
N MET F 138 1.99 4.00 -47.93
CA MET F 138 0.94 4.22 -48.95
C MET F 138 -0.41 3.67 -48.59
N ALA F 139 -0.46 2.43 -48.06
CA ALA F 139 -1.71 1.78 -47.65
C ALA F 139 -2.31 2.55 -46.50
N ALA F 140 -1.47 3.06 -45.59
CA ALA F 140 -1.90 3.85 -44.42
C ALA F 140 -2.34 5.27 -44.79
N GLN F 141 -2.00 5.75 -46.00
CA GLN F 141 -2.40 7.07 -46.49
C GLN F 141 -3.86 6.99 -46.89
N THR F 142 -4.33 5.81 -47.32
CA THR F 142 -5.75 5.61 -47.66
C THR F 142 -6.60 5.79 -46.37
N THR F 143 -6.08 5.29 -45.23
CA THR F 143 -6.68 5.40 -43.91
C THR F 143 -6.69 6.87 -43.46
N LYS F 144 -5.56 7.54 -43.56
CA LYS F 144 -5.38 8.95 -43.18
C LYS F 144 -6.40 9.88 -43.90
N HIS F 145 -6.47 9.83 -45.25
CA HIS F 145 -7.40 10.59 -46.09
C HIS F 145 -8.89 10.41 -45.70
N LYS F 146 -9.29 9.17 -45.30
CA LYS F 146 -10.63 8.75 -44.87
C LYS F 146 -10.88 9.27 -43.45
N TRP F 147 -9.88 9.21 -42.60
CA TRP F 147 -10.02 9.69 -41.23
C TRP F 147 -9.96 11.20 -41.11
N GLU F 148 -9.31 11.85 -42.08
CA GLU F 148 -9.23 13.30 -42.09
C GLU F 148 -10.54 13.86 -42.56
N ALA F 149 -10.98 13.43 -43.74
CA ALA F 149 -12.23 13.83 -44.37
C ALA F 149 -13.45 13.74 -43.45
N ALA F 150 -13.56 12.64 -42.67
CA ALA F 150 -14.64 12.30 -41.75
C ALA F 150 -14.38 12.72 -40.30
N HIS F 151 -13.40 13.63 -40.08
CA HIS F 151 -13.05 14.27 -38.79
C HIS F 151 -13.05 13.35 -37.55
N VAL F 152 -12.27 12.25 -37.65
CA VAL F 152 -12.08 11.23 -36.63
C VAL F 152 -11.25 11.82 -35.47
N ALA F 153 -10.10 12.45 -35.77
CA ALA F 153 -9.21 12.99 -34.76
C ALA F 153 -9.93 13.88 -33.74
N GLU F 154 -10.77 14.81 -34.18
CA GLU F 154 -11.56 15.67 -33.30
C GLU F 154 -12.45 14.85 -32.38
N GLN F 155 -13.12 13.82 -32.92
CA GLN F 155 -13.95 12.99 -32.05
C GLN F 155 -13.16 12.17 -31.07
N LEU F 156 -11.93 11.79 -31.46
CA LEU F 156 -11.01 11.03 -30.61
C LEU F 156 -10.38 11.89 -29.52
N ARG F 157 -10.05 13.14 -29.83
CA ARG F 157 -9.52 14.08 -28.84
C ARG F 157 -10.54 14.24 -27.70
N ALA F 158 -11.83 14.38 -28.04
CA ALA F 158 -12.91 14.49 -27.06
C ALA F 158 -12.92 13.30 -26.06
N TYR F 159 -12.93 12.02 -26.54
CA TYR F 159 -12.86 10.82 -25.66
C TYR F 159 -11.58 10.81 -24.83
N LEU F 160 -10.41 10.94 -25.47
CA LEU F 160 -9.10 10.91 -24.78
C LEU F 160 -8.90 11.98 -23.69
N GLU F 161 -9.24 13.24 -24.00
CA GLU F 161 -9.10 14.40 -23.08
C GLU F 161 -10.17 14.46 -21.98
N GLY F 162 -11.35 13.91 -22.26
CA GLY F 162 -12.48 13.94 -21.35
C GLY F 162 -12.89 12.61 -20.79
N THR F 163 -13.85 11.94 -21.46
CA THR F 163 -14.42 10.63 -21.09
C THR F 163 -13.41 9.64 -20.50
N CYS F 164 -12.27 9.46 -21.19
CA CYS F 164 -11.20 8.55 -20.83
C CYS F 164 -10.58 8.93 -19.51
N VAL F 165 -10.36 10.23 -19.28
CA VAL F 165 -9.78 10.73 -18.03
C VAL F 165 -10.76 10.53 -16.85
N GLU F 166 -12.06 10.69 -17.14
CA GLU F 166 -13.15 10.51 -16.19
C GLU F 166 -13.29 9.07 -15.73
N TRP F 167 -13.19 8.11 -16.67
CA TRP F 167 -13.21 6.66 -16.37
C TRP F 167 -12.01 6.30 -15.49
N LEU F 168 -10.78 6.69 -15.94
CA LEU F 168 -9.57 6.48 -15.14
C LEU F 168 -9.78 7.05 -13.70
N ARG F 169 -10.28 8.29 -13.57
CA ARG F 169 -10.59 8.87 -12.26
C ARG F 169 -11.55 8.01 -11.39
N ARG F 170 -12.58 7.42 -11.99
CA ARG F 170 -13.57 6.57 -11.32
C ARG F 170 -12.90 5.27 -10.85
N TYR F 171 -12.06 4.68 -11.74
CA TYR F 171 -11.34 3.44 -11.52
C TYR F 171 -10.35 3.61 -10.40
N LEU F 172 -9.60 4.73 -10.42
CA LEU F 172 -8.64 5.07 -9.37
C LEU F 172 -9.31 5.21 -7.98
N GLU F 173 -10.53 5.81 -7.90
CA GLU F 173 -11.29 5.92 -6.64
C GLU F 173 -11.91 4.58 -6.19
N ASN F 174 -12.57 3.87 -7.11
CA ASN F 174 -13.15 2.54 -6.84
C ASN F 174 -12.06 1.58 -6.37
N GLY F 175 -10.95 1.51 -7.13
CA GLY F 175 -9.79 0.67 -6.83
C GLY F 175 -8.74 1.27 -5.93
N LYS F 176 -9.13 2.22 -5.05
CA LYS F 176 -8.35 2.94 -4.01
C LYS F 176 -7.27 2.06 -3.39
N GLU F 177 -7.71 0.95 -2.77
CA GLU F 177 -6.94 -0.02 -2.01
C GLU F 177 -5.90 -0.81 -2.80
N THR F 178 -6.01 -0.83 -4.13
CA THR F 178 -5.08 -1.58 -4.98
C THR F 178 -4.30 -0.71 -5.95
N LEU F 179 -4.99 0.10 -6.74
CA LEU F 179 -4.37 0.95 -7.76
C LEU F 179 -3.50 2.10 -7.25
N GLN F 180 -3.82 2.60 -6.07
CA GLN F 180 -3.11 3.73 -5.50
C GLN F 180 -1.84 3.39 -4.70
N ARG F 181 -1.60 2.07 -4.45
CA ARG F 181 -0.46 1.54 -3.72
C ARG F 181 0.90 1.72 -4.41
N THR F 182 1.94 2.02 -3.62
CA THR F 182 3.32 2.14 -4.10
C THR F 182 4.20 1.21 -3.28
N ASP F 183 4.27 -0.06 -3.70
CA ASP F 183 5.09 -1.07 -3.01
C ASP F 183 6.57 -0.87 -3.34
N ALA F 184 7.42 -0.80 -2.29
CA ALA F 184 8.86 -0.61 -2.46
C ALA F 184 9.61 -1.91 -2.77
N PRO F 185 10.70 -1.87 -3.56
CA PRO F 185 11.44 -3.11 -3.86
C PRO F 185 12.38 -3.53 -2.72
N LYS F 186 12.86 -4.80 -2.77
CA LYS F 186 13.75 -5.42 -1.79
C LYS F 186 15.19 -5.60 -2.37
N THR F 187 16.05 -6.50 -1.78
CA THR F 187 17.43 -6.75 -2.23
C THR F 187 17.90 -8.21 -2.01
N ALA F 205 15.46 -6.27 -6.20
CA ALA F 205 14.16 -5.67 -6.53
C ALA F 205 13.14 -6.81 -6.61
N LEU F 206 12.48 -7.10 -5.48
CA LEU F 206 11.56 -8.23 -5.39
C LEU F 206 10.05 -8.03 -5.29
N SER F 207 9.59 -7.04 -4.52
CA SER F 207 8.13 -6.90 -4.40
C SER F 207 7.65 -5.46 -4.59
N PHE F 208 7.91 -4.93 -5.78
CA PHE F 208 7.56 -3.56 -6.17
C PHE F 208 6.37 -3.42 -7.13
N TYR F 209 5.66 -2.30 -6.97
CA TYR F 209 4.53 -1.85 -7.76
C TYR F 209 4.52 -0.33 -7.69
N PRO F 210 4.40 0.42 -8.82
CA PRO F 210 4.28 -0.04 -10.22
C PRO F 210 5.55 -0.65 -10.83
N ALA F 211 5.48 -1.08 -12.10
CA ALA F 211 6.54 -1.75 -12.86
C ALA F 211 7.80 -0.91 -13.17
N GLU F 212 7.65 0.42 -13.34
CA GLU F 212 8.73 1.36 -13.65
C GLU F 212 9.85 1.32 -12.58
N ILE F 213 11.05 0.89 -13.01
CA ILE F 213 12.26 0.71 -12.19
C ILE F 213 13.52 0.92 -13.07
N THR F 214 14.65 1.32 -12.44
CA THR F 214 15.91 1.57 -13.15
C THR F 214 16.95 0.48 -12.92
N VAL F 231 18.15 -8.39 -16.68
CA VAL F 231 16.94 -8.94 -17.29
C VAL F 231 15.75 -8.02 -17.13
N GLU F 232 14.83 -8.10 -18.12
CA GLU F 232 13.54 -7.42 -18.24
C GLU F 232 12.67 -7.65 -16.98
N THR F 233 11.90 -6.62 -16.60
CA THR F 233 10.99 -6.60 -15.44
C THR F 233 9.89 -7.62 -15.72
N ARG F 234 9.80 -8.62 -14.83
CA ARG F 234 8.88 -9.74 -14.90
C ARG F 234 7.80 -9.67 -13.83
N PRO F 235 6.54 -10.02 -14.16
CA PRO F 235 5.48 -10.02 -13.13
C PRO F 235 5.68 -11.21 -12.20
N ALA F 236 5.46 -11.00 -10.90
CA ALA F 236 5.60 -12.08 -9.93
C ALA F 236 4.37 -12.98 -10.03
N GLY F 237 3.21 -12.37 -10.28
CA GLY F 237 1.94 -13.06 -10.43
C GLY F 237 0.96 -12.81 -9.29
N ASP F 238 1.40 -12.03 -8.30
CA ASP F 238 0.63 -11.69 -7.11
C ASP F 238 0.28 -10.19 -7.13
N GLY F 239 0.55 -9.56 -8.28
CA GLY F 239 0.30 -8.13 -8.49
C GLY F 239 1.54 -7.27 -8.43
N THR F 240 2.67 -7.85 -7.97
CA THR F 240 3.95 -7.15 -7.86
C THR F 240 4.90 -7.58 -8.97
N PHE F 241 6.01 -6.85 -9.12
CA PHE F 241 7.01 -7.10 -10.15
C PHE F 241 8.38 -7.48 -9.57
N GLN F 242 9.29 -8.01 -10.43
CA GLN F 242 10.65 -8.45 -10.06
C GLN F 242 11.67 -8.03 -11.09
N LYS F 243 12.91 -7.83 -10.63
CA LYS F 243 14.06 -7.45 -11.45
C LYS F 243 15.39 -7.74 -10.72
N TRP F 244 16.48 -7.96 -11.49
CA TRP F 244 17.81 -8.15 -10.93
C TRP F 244 18.94 -7.45 -11.69
N ALA F 245 20.08 -7.23 -10.99
CA ALA F 245 21.31 -6.60 -11.48
C ALA F 245 21.89 -7.32 -12.71
N MET G 1 5.77 -7.64 -42.58
CA MET G 1 5.77 -8.84 -41.76
C MET G 1 7.00 -8.88 -40.80
N ILE G 2 6.95 -8.08 -39.71
CA ILE G 2 8.02 -8.06 -38.72
C ILE G 2 7.77 -9.18 -37.69
N GLN G 3 8.38 -10.36 -37.87
CA GLN G 3 8.30 -11.44 -36.88
C GLN G 3 9.36 -11.18 -35.77
N ARG G 4 9.22 -11.84 -34.58
CA ARG G 4 10.12 -11.67 -33.44
C ARG G 4 10.15 -12.89 -32.55
N THR G 5 11.34 -13.36 -32.22
CA THR G 5 11.54 -14.53 -31.37
C THR G 5 11.33 -14.17 -29.88
N PRO G 6 10.60 -15.03 -29.12
CA PRO G 6 10.36 -14.71 -27.70
C PRO G 6 11.58 -14.72 -26.78
N LYS G 7 11.55 -13.81 -25.75
CA LYS G 7 12.52 -13.77 -24.63
C LYS G 7 11.90 -14.70 -23.57
N ILE G 8 12.71 -15.47 -22.81
CA ILE G 8 12.10 -16.42 -21.86
C ILE G 8 12.74 -16.35 -20.49
N GLN G 9 11.90 -16.22 -19.44
CA GLN G 9 12.34 -16.19 -18.06
C GLN G 9 11.53 -17.20 -17.28
N VAL G 10 12.22 -18.19 -16.70
CA VAL G 10 11.66 -19.24 -15.84
C VAL G 10 12.14 -18.93 -14.42
N TYR G 11 11.23 -18.53 -13.54
CA TYR G 11 11.56 -18.09 -12.18
C TYR G 11 10.40 -18.43 -11.23
N SER G 12 10.52 -18.05 -9.95
CA SER G 12 9.50 -18.31 -8.96
C SER G 12 8.91 -17.00 -8.42
N ARG G 13 7.62 -17.05 -7.97
CA ARG G 13 6.88 -15.92 -7.41
C ARG G 13 7.61 -15.30 -6.19
N HIS G 14 8.22 -16.18 -5.35
CA HIS G 14 8.95 -15.83 -4.14
C HIS G 14 10.21 -16.68 -4.06
N PRO G 15 11.27 -16.26 -3.30
CA PRO G 15 12.49 -17.10 -3.20
C PRO G 15 12.22 -18.54 -2.82
N ALA G 16 12.87 -19.46 -3.56
CA ALA G 16 12.72 -20.90 -3.38
C ALA G 16 13.22 -21.41 -2.02
N GLU G 17 12.34 -22.13 -1.31
CA GLU G 17 12.59 -22.77 -0.03
C GLU G 17 12.05 -24.20 -0.15
N ASN G 18 12.97 -25.19 -0.18
CA ASN G 18 12.63 -26.61 -0.35
C ASN G 18 11.61 -27.13 0.64
N GLY G 19 10.58 -27.79 0.12
CA GLY G 19 9.48 -28.33 0.92
C GLY G 19 8.29 -27.40 1.01
N LYS G 20 8.52 -26.10 0.84
CA LYS G 20 7.50 -25.05 0.88
C LYS G 20 6.85 -24.89 -0.51
N SER G 21 5.53 -24.67 -0.54
CA SER G 21 4.76 -24.45 -1.76
C SER G 21 5.07 -23.04 -2.31
N ASN G 22 5.22 -22.96 -3.65
CA ASN G 22 5.45 -21.70 -4.34
C ASN G 22 4.80 -21.72 -5.74
N PHE G 23 5.15 -20.72 -6.59
CA PHE G 23 4.65 -20.60 -7.95
C PHE G 23 5.78 -20.55 -8.95
N LEU G 24 5.77 -21.52 -9.87
CA LEU G 24 6.73 -21.60 -10.96
C LEU G 24 6.15 -20.79 -12.11
N ASN G 25 6.81 -19.67 -12.41
CA ASN G 25 6.47 -18.74 -13.47
C ASN G 25 7.37 -18.91 -14.73
N CYS G 26 6.75 -18.69 -15.91
CA CYS G 26 7.40 -18.64 -17.20
C CYS G 26 6.78 -17.51 -17.95
N TYR G 27 7.56 -16.43 -18.11
CA TYR G 27 7.16 -15.19 -18.75
C TYR G 27 7.75 -15.10 -20.16
N VAL G 28 6.94 -15.48 -21.17
CA VAL G 28 7.32 -15.34 -22.58
C VAL G 28 6.91 -13.95 -23.03
N SER G 29 7.86 -13.17 -23.52
CA SER G 29 7.60 -11.80 -23.94
C SER G 29 8.41 -11.45 -25.19
N GLY G 30 8.06 -10.34 -25.83
CA GLY G 30 8.78 -9.81 -26.99
C GLY G 30 8.66 -10.57 -28.30
N PHE G 31 7.57 -11.36 -28.47
CA PHE G 31 7.37 -12.17 -29.65
C PHE G 31 6.32 -11.65 -30.66
N HIS G 32 6.40 -12.17 -31.91
CA HIS G 32 5.48 -11.86 -33.00
C HIS G 32 5.55 -12.91 -34.13
N PRO G 33 4.44 -13.50 -34.59
CA PRO G 33 3.02 -13.28 -34.20
C PRO G 33 2.65 -13.83 -32.80
N SER G 34 1.35 -13.76 -32.43
CA SER G 34 0.83 -14.15 -31.12
C SER G 34 0.75 -15.62 -30.78
N ASP G 35 0.58 -16.49 -31.79
CA ASP G 35 0.48 -17.95 -31.65
C ASP G 35 1.71 -18.51 -30.92
N ILE G 36 1.53 -18.89 -29.65
CA ILE G 36 2.58 -19.43 -28.79
C ILE G 36 2.14 -20.72 -28.06
N GLU G 37 3.11 -21.61 -27.81
CA GLU G 37 2.97 -22.89 -27.13
C GLU G 37 3.94 -22.95 -25.95
N VAL G 38 3.40 -23.05 -24.75
CA VAL G 38 4.19 -23.09 -23.53
C VAL G 38 3.78 -24.24 -22.62
N ASP G 39 4.75 -25.11 -22.27
CA ASP G 39 4.59 -26.22 -21.32
C ASP G 39 5.62 -26.10 -20.20
N LEU G 40 5.16 -26.14 -18.95
CA LEU G 40 5.99 -26.12 -17.75
C LEU G 40 6.32 -27.57 -17.41
N LEU G 41 7.61 -27.91 -17.33
CA LEU G 41 8.06 -29.29 -17.13
C LEU G 41 8.64 -29.57 -15.73
N LYS G 42 8.41 -30.80 -15.23
CA LYS G 42 8.91 -31.34 -13.96
C LYS G 42 9.68 -32.63 -14.32
N ASN G 43 11.03 -32.51 -14.36
CA ASN G 43 11.94 -33.59 -14.72
C ASN G 43 11.63 -34.11 -16.15
N GLY G 44 11.37 -33.17 -17.07
CA GLY G 44 11.08 -33.47 -18.47
C GLY G 44 9.61 -33.68 -18.83
N GLU G 45 8.77 -34.06 -17.83
CA GLU G 45 7.33 -34.32 -18.00
C GLU G 45 6.52 -33.06 -17.75
N ARG G 46 5.44 -32.84 -18.54
CA ARG G 46 4.52 -31.68 -18.42
C ARG G 46 3.92 -31.54 -17.01
N ILE G 47 3.53 -30.32 -16.63
CA ILE G 47 2.85 -30.06 -15.36
C ILE G 47 1.39 -29.83 -15.78
N GLU G 48 0.51 -30.74 -15.35
CA GLU G 48 -0.91 -30.79 -15.71
C GLU G 48 -1.73 -29.52 -15.49
N LYS G 49 -1.45 -28.76 -14.42
CA LYS G 49 -2.28 -27.57 -14.16
C LYS G 49 -1.53 -26.24 -14.32
N VAL G 50 -1.33 -25.81 -15.58
CA VAL G 50 -0.66 -24.56 -15.91
C VAL G 50 -1.72 -23.51 -16.24
N GLU G 51 -1.62 -22.29 -15.68
CA GLU G 51 -2.56 -21.21 -15.99
C GLU G 51 -1.83 -20.10 -16.73
N HIS G 52 -2.57 -19.20 -17.39
CA HIS G 52 -1.93 -18.10 -18.10
C HIS G 52 -2.72 -16.80 -18.16
N SER G 53 -2.00 -15.68 -18.24
CA SER G 53 -2.57 -14.33 -18.33
C SER G 53 -3.25 -14.07 -19.71
N ASP G 54 -4.06 -13.03 -19.80
CA ASP G 54 -4.71 -12.70 -21.06
C ASP G 54 -3.73 -11.97 -21.93
N LEU G 55 -3.71 -12.32 -23.20
CA LEU G 55 -2.77 -11.80 -24.18
C LEU G 55 -2.80 -10.27 -24.24
N SER G 56 -1.64 -9.67 -24.00
CA SER G 56 -1.47 -8.22 -24.08
C SER G 56 -0.20 -7.94 -24.89
N PHE G 57 0.12 -6.66 -25.14
CA PHE G 57 1.32 -6.30 -25.89
C PHE G 57 2.06 -5.04 -25.39
N SER G 58 3.38 -4.98 -25.67
CA SER G 58 4.22 -3.84 -25.32
C SER G 58 4.05 -2.68 -26.31
N LYS G 59 4.65 -1.53 -26.00
CA LYS G 59 4.59 -0.31 -26.81
C LYS G 59 5.06 -0.56 -28.22
N ASP G 60 6.10 -1.41 -28.38
CA ASP G 60 6.73 -1.78 -29.65
C ASP G 60 5.95 -2.88 -30.39
N TRP G 61 4.69 -3.14 -29.94
CA TRP G 61 3.70 -4.08 -30.46
C TRP G 61 3.88 -5.55 -30.12
N SER G 62 4.93 -5.89 -29.37
CA SER G 62 5.21 -7.29 -29.07
C SER G 62 4.50 -7.84 -27.87
N PHE G 63 4.01 -9.06 -28.01
CA PHE G 63 3.22 -9.81 -27.05
C PHE G 63 4.00 -10.37 -25.88
N TYR G 64 3.31 -10.47 -24.75
CA TYR G 64 3.82 -11.07 -23.54
C TYR G 64 2.74 -11.91 -22.90
N LEU G 65 3.17 -12.99 -22.23
CA LEU G 65 2.29 -13.88 -21.47
C LEU G 65 3.04 -14.40 -20.26
N LEU G 66 2.29 -14.66 -19.18
CA LEU G 66 2.81 -15.27 -17.98
C LEU G 66 2.13 -16.61 -17.83
N TYR G 67 2.91 -17.67 -17.76
CA TYR G 67 2.41 -19.02 -17.53
C TYR G 67 2.89 -19.35 -16.14
N TYR G 68 1.95 -19.77 -15.29
CA TYR G 68 2.20 -20.04 -13.88
C TYR G 68 1.49 -21.29 -13.35
N THR G 69 2.17 -22.02 -12.44
CA THR G 69 1.68 -23.21 -11.77
C THR G 69 2.19 -23.25 -10.34
N GLU G 70 1.43 -23.87 -9.44
CA GLU G 70 1.85 -24.08 -8.05
C GLU G 70 2.84 -25.24 -8.04
N PHE G 71 3.91 -25.11 -7.25
CA PHE G 71 4.91 -26.16 -7.14
C PHE G 71 5.53 -26.15 -5.76
N THR G 72 6.11 -27.27 -5.36
CA THR G 72 6.81 -27.43 -4.10
C THR G 72 8.26 -27.79 -4.50
N PRO G 73 9.17 -26.77 -4.60
CA PRO G 73 10.55 -27.08 -4.97
C PRO G 73 11.25 -27.95 -3.91
N THR G 74 12.16 -28.79 -4.38
CA THR G 74 12.97 -29.70 -3.60
C THR G 74 14.26 -29.90 -4.35
N GLU G 75 15.32 -30.34 -3.66
CA GLU G 75 16.59 -30.64 -4.33
C GLU G 75 16.35 -31.93 -5.12
N LYS G 76 17.02 -32.07 -6.28
CA LYS G 76 16.89 -33.21 -7.22
C LYS G 76 15.71 -33.04 -8.22
N ASP G 77 14.61 -32.38 -7.77
CA ASP G 77 13.45 -32.08 -8.61
C ASP G 77 13.77 -30.82 -9.42
N GLU G 78 14.26 -31.03 -10.65
CA GLU G 78 14.65 -29.95 -11.58
C GLU G 78 13.49 -29.54 -12.50
N TYR G 79 13.31 -28.21 -12.62
CA TYR G 79 12.22 -27.64 -13.41
C TYR G 79 12.70 -26.84 -14.60
N ALA G 80 11.89 -26.88 -15.66
CA ALA G 80 12.18 -26.22 -16.93
C ALA G 80 10.91 -25.78 -17.65
N CYS G 81 11.11 -25.01 -18.71
CA CYS G 81 10.01 -24.53 -19.52
C CYS G 81 10.28 -24.76 -20.98
N ARG G 82 9.29 -25.33 -21.67
CA ARG G 82 9.33 -25.64 -23.08
C ARG G 82 8.50 -24.61 -23.84
N VAL G 83 9.12 -23.93 -24.81
CA VAL G 83 8.46 -22.86 -25.56
C VAL G 83 8.48 -23.10 -27.07
N ASN G 84 7.32 -23.00 -27.71
CA ASN G 84 7.23 -23.13 -29.15
C ASN G 84 6.57 -21.90 -29.79
N HIS G 85 7.12 -21.48 -30.93
CA HIS G 85 6.72 -20.34 -31.74
C HIS G 85 7.13 -20.61 -33.21
N VAL G 86 6.61 -19.81 -34.14
CA VAL G 86 6.90 -19.93 -35.58
C VAL G 86 8.38 -19.64 -35.93
N THR G 87 9.03 -18.76 -35.14
CA THR G 87 10.41 -18.34 -35.30
C THR G 87 11.39 -19.39 -34.74
N LEU G 88 10.84 -20.50 -34.19
CA LEU G 88 11.56 -21.63 -33.60
C LEU G 88 11.26 -22.90 -34.39
N SER G 89 12.35 -23.60 -34.78
CA SER G 89 12.40 -24.83 -35.58
C SER G 89 12.04 -26.07 -34.74
N GLN G 90 12.45 -26.04 -33.48
CA GLN G 90 12.17 -27.06 -32.48
C GLN G 90 11.80 -26.30 -31.23
N PRO G 91 10.94 -26.82 -30.32
CA PRO G 91 10.68 -26.09 -29.07
C PRO G 91 12.00 -25.85 -28.30
N LYS G 92 12.07 -24.71 -27.62
CA LYS G 92 13.23 -24.28 -26.85
C LYS G 92 12.94 -24.55 -25.37
N ILE G 93 13.85 -25.26 -24.69
CA ILE G 93 13.72 -25.59 -23.27
C ILE G 93 14.65 -24.67 -22.47
N VAL G 94 14.09 -23.96 -21.48
CA VAL G 94 14.85 -23.06 -20.60
C VAL G 94 14.70 -23.62 -19.19
N LYS G 95 15.82 -23.95 -18.57
CA LYS G 95 15.86 -24.56 -17.25
C LYS G 95 15.71 -23.52 -16.15
N TRP G 96 14.97 -23.85 -15.09
CA TRP G 96 14.83 -22.93 -13.94
C TRP G 96 16.11 -22.95 -13.09
N ASP G 97 16.59 -21.75 -12.69
CA ASP G 97 17.74 -21.55 -11.84
C ASP G 97 17.39 -20.61 -10.67
N ARG G 98 17.39 -21.30 -9.54
CA ARG G 98 17.19 -20.55 -8.30
C ARG G 98 17.98 -19.23 -8.24
N GLY H 1 -13.77 2.45 -19.44
CA GLY H 1 -14.77 2.35 -20.49
C GLY H 1 -14.16 2.62 -21.86
N ILE H 2 -14.46 1.75 -22.81
CA ILE H 2 -13.93 1.82 -24.18
C ILE H 2 -14.77 2.80 -25.00
N LEU H 3 -14.32 3.14 -26.23
CA LEU H 3 -15.05 4.06 -27.12
C LEU H 3 -16.48 3.59 -27.49
N GLY H 4 -17.43 4.52 -27.55
CA GLY H 4 -18.80 4.23 -27.94
C GLY H 4 -19.00 4.24 -29.46
N LEU H 5 -18.04 4.88 -30.18
CA LEU H 5 -18.05 4.96 -31.64
C LEU H 5 -16.93 4.12 -32.23
N VAL H 6 -17.22 3.51 -33.38
CA VAL H 6 -16.27 2.66 -34.11
C VAL H 6 -16.15 3.15 -35.54
N PHE H 7 -15.00 2.86 -36.17
CA PHE H 7 -14.76 3.29 -37.53
C PHE H 7 -13.77 2.36 -38.15
N THR H 8 -13.94 2.05 -39.46
CA THR H 8 -13.07 1.12 -40.18
C THR H 8 -11.89 1.88 -40.72
N LEU H 9 -10.72 1.24 -40.82
CA LEU H 9 -9.57 1.90 -41.44
C LEU H 9 -9.60 1.87 -43.00
N GLN I 1 -25.79 14.12 -24.20
CA GLN I 1 -25.63 15.19 -25.21
C GLN I 1 -26.99 15.63 -25.71
N LEU I 2 -27.22 16.94 -25.73
CA LEU I 2 -28.52 17.48 -26.17
C LEU I 2 -28.36 18.78 -26.95
N LEU I 3 -29.30 18.98 -27.86
CA LEU I 3 -29.36 20.19 -28.67
C LEU I 3 -30.72 20.86 -28.57
N GLU I 4 -30.69 22.14 -28.23
CA GLU I 4 -31.87 22.99 -28.13
C GLU I 4 -31.83 23.92 -29.31
N GLN I 5 -32.95 24.03 -30.03
CA GLN I 5 -33.11 24.85 -31.20
C GLN I 5 -34.09 25.97 -30.93
N SER I 6 -33.73 27.21 -31.30
CA SER I 6 -34.64 28.33 -31.11
C SER I 6 -34.70 29.26 -32.33
N PRO I 7 -35.85 29.83 -32.67
CA PRO I 7 -37.20 29.57 -32.12
C PRO I 7 -37.78 28.29 -32.73
N GLN I 8 -38.87 27.76 -32.18
CA GLN I 8 -39.50 26.56 -32.75
C GLN I 8 -40.27 26.94 -34.02
N PHE I 9 -40.75 28.18 -34.05
CA PHE I 9 -41.52 28.73 -35.17
C PHE I 9 -41.05 30.11 -35.54
N LEU I 10 -40.94 30.36 -36.84
CA LEU I 10 -40.63 31.67 -37.37
C LEU I 10 -41.42 31.90 -38.63
N SER I 11 -42.18 33.00 -38.62
CA SER I 11 -43.00 33.42 -39.73
C SER I 11 -42.44 34.77 -40.09
N ILE I 12 -41.82 34.86 -41.25
CA ILE I 12 -41.22 36.09 -41.75
C ILE I 12 -41.68 36.36 -43.17
N GLN I 13 -41.39 37.58 -43.66
CA GLN I 13 -41.74 38.05 -44.98
C GLN I 13 -40.58 37.88 -45.94
N GLU I 14 -40.92 37.66 -47.21
CA GLU I 14 -40.03 37.55 -48.37
C GLU I 14 -39.12 38.79 -48.35
N GLY I 15 -37.81 38.60 -48.32
CA GLY I 15 -36.84 39.69 -48.32
C GLY I 15 -36.19 39.98 -46.98
N GLU I 16 -36.78 39.49 -45.88
CA GLU I 16 -36.20 39.67 -44.54
C GLU I 16 -34.99 38.74 -44.30
N ASN I 17 -34.06 39.18 -43.40
CA ASN I 17 -32.86 38.44 -42.97
C ASN I 17 -33.12 37.92 -41.56
N LEU I 18 -32.90 36.62 -41.35
CA LEU I 18 -33.18 35.95 -40.09
C LEU I 18 -32.07 35.05 -39.62
N THR I 19 -32.05 34.76 -38.34
CA THR I 19 -31.08 33.87 -37.71
C THR I 19 -31.80 32.93 -36.79
N VAL I 20 -31.41 31.65 -36.88
CA VAL I 20 -31.93 30.56 -36.06
C VAL I 20 -30.75 29.90 -35.36
N TYR I 21 -30.96 29.57 -34.10
CA TYR I 21 -29.97 29.08 -33.16
C TYR I 21 -30.14 27.62 -32.80
N CYS I 22 -29.01 27.06 -32.43
CA CYS I 22 -28.79 25.69 -32.02
C CYS I 22 -27.69 25.76 -30.97
N ASN I 23 -28.04 25.39 -29.70
CA ASN I 23 -27.15 25.43 -28.52
C ASN I 23 -27.13 24.11 -27.71
N SER I 24 -25.97 23.85 -27.07
CA SER I 24 -25.71 22.74 -26.17
C SER I 24 -24.86 23.27 -24.99
N SER I 25 -24.69 22.46 -23.93
CA SER I 25 -23.80 22.79 -22.79
C SER I 25 -22.50 21.99 -22.96
N SER I 26 -22.53 21.07 -23.94
CA SER I 26 -21.40 20.19 -24.27
C SER I 26 -20.81 20.57 -25.61
N VAL I 27 -19.52 20.31 -25.79
CA VAL I 27 -18.78 20.57 -27.02
C VAL I 27 -19.09 19.43 -27.99
N PHE I 28 -19.21 19.78 -29.27
CA PHE I 28 -19.47 18.86 -30.37
C PHE I 28 -18.30 18.95 -31.30
N SER I 29 -17.76 17.79 -31.65
CA SER I 29 -16.60 17.69 -32.54
C SER I 29 -16.93 18.21 -33.94
N SER I 30 -18.16 17.93 -34.39
CA SER I 30 -18.72 18.37 -35.68
C SER I 30 -20.22 18.61 -35.58
N LEU I 31 -20.75 19.47 -36.47
CA LEU I 31 -22.16 19.81 -36.49
C LEU I 31 -22.77 19.96 -37.90
N GLN I 32 -24.01 19.51 -38.07
CA GLN I 32 -24.78 19.54 -39.33
C GLN I 32 -26.08 20.33 -39.23
N TRP I 33 -26.53 20.87 -40.36
CA TRP I 33 -27.82 21.54 -40.47
C TRP I 33 -28.46 20.88 -41.62
N TYR I 34 -29.75 20.62 -41.49
CA TYR I 34 -30.60 19.98 -42.51
C TYR I 34 -31.82 20.83 -42.74
N ARG I 35 -32.40 20.71 -43.94
CA ARG I 35 -33.68 21.31 -44.27
C ARG I 35 -34.65 20.22 -44.67
N GLN I 36 -35.83 20.19 -44.05
CA GLN I 36 -36.84 19.22 -44.40
C GLN I 36 -38.15 19.89 -44.73
N GLU I 37 -38.73 19.42 -45.84
CA GLU I 37 -40.05 19.75 -46.33
C GLU I 37 -40.92 18.57 -45.85
N PRO I 38 -42.25 18.71 -45.63
CA PRO I 38 -43.03 17.56 -45.12
C PRO I 38 -43.16 16.40 -46.10
N GLY I 39 -42.96 15.18 -45.58
CA GLY I 39 -43.05 13.92 -46.30
C GLY I 39 -41.87 13.61 -47.18
N GLU I 40 -40.81 14.41 -47.04
CA GLU I 40 -39.59 14.23 -47.82
C GLU I 40 -38.43 14.03 -46.85
N GLY I 41 -37.37 13.40 -47.34
CA GLY I 41 -36.16 13.17 -46.57
C GLY I 41 -35.35 14.44 -46.35
N PRO I 42 -34.88 14.70 -45.12
CA PRO I 42 -34.06 15.90 -44.88
C PRO I 42 -32.88 16.06 -45.83
N VAL I 43 -32.68 17.27 -46.36
CA VAL I 43 -31.54 17.58 -47.23
C VAL I 43 -30.41 18.18 -46.38
N LEU I 44 -29.22 17.57 -46.42
CA LEU I 44 -28.03 18.04 -45.71
C LEU I 44 -27.58 19.37 -46.31
N LEU I 45 -27.48 20.43 -45.45
CA LEU I 45 -27.09 21.75 -45.91
C LEU I 45 -25.62 21.97 -45.77
N VAL I 46 -25.00 21.53 -44.63
CA VAL I 46 -23.60 21.76 -44.30
C VAL I 46 -23.13 20.92 -43.12
N THR I 47 -21.80 20.78 -42.96
CA THR I 47 -21.11 20.21 -41.81
C THR I 47 -20.11 21.28 -41.43
N VAL I 48 -20.09 21.71 -40.15
CA VAL I 48 -19.13 22.65 -39.54
C VAL I 48 -18.28 21.91 -38.48
N VAL I 49 -16.95 22.17 -38.48
CA VAL I 49 -15.96 21.46 -37.66
C VAL I 49 -15.11 22.40 -36.77
N THR I 50 -14.63 23.50 -37.34
CA THR I 50 -13.81 24.45 -36.61
C THR I 50 -14.66 25.50 -35.95
N GLY I 51 -14.32 25.80 -34.68
CA GLY I 51 -14.99 26.85 -33.91
C GLY I 51 -14.65 28.18 -34.54
N GLY I 52 -15.65 29.01 -34.81
CA GLY I 52 -15.46 30.30 -35.45
C GLY I 52 -15.72 30.29 -36.94
N GLU I 53 -15.67 29.11 -37.56
CA GLU I 53 -15.88 28.86 -39.00
C GLU I 53 -17.20 29.40 -39.48
N VAL I 54 -17.17 30.09 -40.64
CA VAL I 54 -18.31 30.69 -41.32
C VAL I 54 -18.37 30.08 -42.69
N LYS I 55 -19.42 29.29 -42.96
CA LYS I 55 -19.62 28.61 -44.22
C LYS I 55 -20.86 29.19 -44.83
N LYS I 56 -20.84 29.35 -46.18
CA LYS I 56 -21.93 29.90 -46.98
C LYS I 56 -22.40 28.91 -48.01
N LEU I 57 -23.71 28.85 -48.29
CA LEU I 57 -24.29 27.95 -49.30
C LEU I 57 -25.57 28.57 -49.71
N LYS I 58 -25.71 28.89 -50.98
CA LYS I 58 -26.93 29.53 -51.50
C LYS I 58 -27.13 30.87 -50.73
N ARG I 59 -28.33 31.10 -50.15
CA ARG I 59 -28.56 32.32 -49.37
C ARG I 59 -28.39 32.07 -47.89
N LEU I 60 -27.87 30.91 -47.55
CA LEU I 60 -27.63 30.53 -46.17
C LEU I 60 -26.18 30.68 -45.75
N THR I 61 -25.98 31.28 -44.57
CA THR I 61 -24.68 31.43 -43.90
C THR I 61 -24.77 30.71 -42.50
N PHE I 62 -23.85 29.77 -42.24
CA PHE I 62 -23.71 29.02 -40.98
C PHE I 62 -22.47 29.49 -40.24
N GLN I 63 -22.51 29.39 -38.93
CA GLN I 63 -21.44 29.80 -38.05
C GLN I 63 -21.39 28.82 -36.89
N PHE I 64 -20.16 28.33 -36.58
CA PHE I 64 -19.86 27.43 -35.48
C PHE I 64 -19.23 28.28 -34.42
N GLY I 65 -19.84 28.34 -33.24
CA GLY I 65 -19.29 29.10 -32.12
C GLY I 65 -17.88 28.64 -31.72
N ASP I 66 -17.05 29.58 -31.20
CA ASP I 66 -15.65 29.40 -30.81
C ASP I 66 -15.35 28.20 -29.92
N ALA I 67 -16.22 27.94 -28.92
CA ALA I 67 -16.09 26.79 -28.00
C ALA I 67 -16.71 25.51 -28.56
N ARG I 68 -17.39 25.59 -29.74
CA ARG I 68 -18.06 24.50 -30.46
C ARG I 68 -19.25 23.89 -29.69
N LYS I 69 -19.99 24.72 -28.91
CA LYS I 69 -21.17 24.33 -28.10
C LYS I 69 -22.43 24.90 -28.73
N ASP I 70 -22.27 25.68 -29.82
CA ASP I 70 -23.40 26.30 -30.50
C ASP I 70 -23.11 26.58 -31.96
N SER I 71 -24.16 26.78 -32.73
CA SER I 71 -24.08 27.11 -34.14
C SER I 71 -25.30 27.97 -34.49
N SER I 72 -25.17 28.82 -35.53
CA SER I 72 -26.28 29.63 -36.01
C SER I 72 -26.55 29.44 -37.53
N LEU I 73 -27.78 29.68 -37.94
CA LEU I 73 -28.13 29.59 -39.34
C LEU I 73 -28.78 30.90 -39.74
N HIS I 74 -28.05 31.66 -40.60
CA HIS I 74 -28.47 32.92 -41.14
C HIS I 74 -28.95 32.74 -42.56
N ILE I 75 -30.14 33.31 -42.89
CA ILE I 75 -30.69 33.37 -44.25
C ILE I 75 -30.77 34.85 -44.62
N THR I 76 -30.13 35.23 -45.74
CA THR I 76 -30.17 36.59 -46.26
C THR I 76 -31.26 36.66 -47.31
N ALA I 77 -32.07 37.72 -47.30
CA ALA I 77 -33.15 37.95 -48.25
C ALA I 77 -33.93 36.66 -48.50
N ALA I 78 -34.53 36.11 -47.43
CA ALA I 78 -35.31 34.88 -47.53
C ALA I 78 -36.41 34.91 -48.60
N GLN I 79 -36.57 33.80 -49.34
CA GLN I 79 -37.54 33.58 -50.41
C GLN I 79 -38.57 32.50 -49.92
N PRO I 80 -39.84 32.45 -50.42
CA PRO I 80 -40.76 31.39 -49.90
C PRO I 80 -40.30 29.94 -50.19
N GLY I 81 -39.15 29.79 -50.89
CA GLY I 81 -38.50 28.52 -51.20
C GLY I 81 -37.49 28.10 -50.14
N ASP I 82 -37.57 28.72 -48.95
CA ASP I 82 -36.77 28.48 -47.75
C ASP I 82 -37.70 28.06 -46.62
N THR I 83 -38.97 27.84 -46.96
CA THR I 83 -39.98 27.37 -46.03
C THR I 83 -39.67 25.89 -45.70
N GLY I 84 -39.71 25.54 -44.43
CA GLY I 84 -39.47 24.17 -43.99
C GLY I 84 -38.94 24.09 -42.58
N LEU I 85 -38.66 22.85 -42.15
CA LEU I 85 -38.07 22.56 -40.87
C LEU I 85 -36.56 22.58 -41.08
N TYR I 86 -35.82 23.26 -40.20
CA TYR I 86 -34.34 23.37 -40.19
C TYR I 86 -33.90 22.69 -38.93
N LEU I 87 -33.17 21.60 -39.08
CA LEU I 87 -32.72 20.81 -37.96
C LEU I 87 -31.20 20.86 -37.84
N CYS I 88 -30.67 21.05 -36.62
CA CYS I 88 -29.25 20.94 -36.41
C CYS I 88 -28.96 19.60 -35.71
N ALA I 89 -27.81 18.99 -36.02
CA ALA I 89 -27.35 17.73 -35.45
C ALA I 89 -25.84 17.75 -35.20
N GLY I 90 -25.43 17.06 -34.16
CA GLY I 90 -24.02 16.95 -33.79
C GLY I 90 -23.53 15.53 -33.55
N ALA I 91 -22.21 15.33 -33.69
CA ALA I 91 -21.54 14.06 -33.50
C ALA I 91 -21.90 13.43 -32.13
N GLY I 92 -22.52 12.26 -32.15
CA GLY I 92 -22.85 11.55 -30.92
C GLY I 92 -21.69 10.68 -30.51
N SER I 93 -21.42 10.65 -29.19
CA SER I 93 -20.32 9.85 -28.68
C SER I 93 -20.64 8.36 -28.72
N GLN I 94 -21.90 8.00 -28.99
CA GLN I 94 -22.33 6.60 -29.13
C GLN I 94 -22.51 6.14 -30.59
N GLY I 95 -21.97 6.90 -31.55
CA GLY I 95 -22.03 6.55 -32.97
C GLY I 95 -23.32 6.86 -33.69
N ASN I 96 -24.06 7.86 -33.25
CA ASN I 96 -25.30 8.34 -33.87
C ASN I 96 -25.17 9.88 -34.00
N LEU I 97 -26.12 10.58 -34.60
CA LEU I 97 -26.08 12.04 -34.57
C LEU I 97 -27.07 12.43 -33.49
N ILE I 98 -26.75 13.47 -32.67
CA ILE I 98 -27.68 14.02 -31.67
C ILE I 98 -28.51 15.10 -32.39
N PHE I 99 -29.85 15.02 -32.37
CA PHE I 99 -30.73 15.93 -33.08
C PHE I 99 -31.46 16.95 -32.24
N GLY I 100 -31.64 18.13 -32.83
CA GLY I 100 -32.43 19.21 -32.25
C GLY I 100 -33.86 19.02 -32.73
N LYS I 101 -34.85 19.60 -32.04
CA LYS I 101 -36.25 19.42 -32.45
C LYS I 101 -36.69 20.25 -33.69
N GLY I 102 -35.77 21.08 -34.19
CA GLY I 102 -36.00 21.92 -35.37
C GLY I 102 -36.60 23.29 -35.15
N THR I 103 -36.60 24.11 -36.24
CA THR I 103 -37.20 25.44 -36.37
C THR I 103 -38.10 25.39 -37.59
N LYS I 104 -39.41 25.58 -37.42
CA LYS I 104 -40.31 25.61 -38.56
C LYS I 104 -40.37 27.03 -39.08
N LEU I 105 -39.80 27.22 -40.26
CA LEU I 105 -39.77 28.48 -40.94
C LEU I 105 -40.78 28.49 -42.05
N SER I 106 -41.65 29.52 -42.02
CA SER I 106 -42.69 29.86 -42.98
C SER I 106 -42.30 31.22 -43.56
N VAL I 107 -41.95 31.28 -44.83
CA VAL I 107 -41.63 32.55 -45.46
C VAL I 107 -42.90 32.96 -46.23
N LYS I 108 -43.44 34.15 -45.91
CA LYS I 108 -44.67 34.68 -46.48
C LYS I 108 -44.37 35.59 -47.67
N PRO I 109 -45.12 35.42 -48.79
CA PRO I 109 -44.90 36.29 -49.96
C PRO I 109 -45.36 37.73 -49.73
N ASN I 110 -44.74 38.68 -50.44
CA ASN I 110 -45.09 40.10 -50.34
C ASN I 110 -46.22 40.42 -51.33
N ILE I 111 -47.45 40.46 -50.83
CA ILE I 111 -48.57 40.82 -51.70
C ILE I 111 -48.72 42.33 -51.63
N GLN I 112 -48.24 43.02 -52.70
CA GLN I 112 -48.25 44.48 -52.81
C GLN I 112 -49.59 45.06 -53.27
N ASN I 113 -50.27 44.36 -54.20
CA ASN I 113 -51.57 44.78 -54.74
C ASN I 113 -52.68 43.72 -54.47
N PRO I 114 -53.18 43.66 -53.20
CA PRO I 114 -54.23 42.67 -52.86
C PRO I 114 -55.60 42.97 -53.44
N ASP I 115 -56.40 41.90 -53.63
CA ASP I 115 -57.77 41.92 -54.12
C ASP I 115 -58.65 40.96 -53.25
N PRO I 116 -58.73 41.11 -51.90
CA PRO I 116 -59.51 40.16 -51.09
C PRO I 116 -60.94 39.91 -51.61
N ALA I 117 -61.26 38.61 -51.86
CA ALA I 117 -62.54 38.17 -52.42
C ALA I 117 -62.88 36.70 -52.09
N VAL I 118 -64.20 36.38 -52.04
CA VAL I 118 -64.73 35.03 -51.85
C VAL I 118 -65.65 34.73 -53.03
N TYR I 119 -65.28 33.75 -53.89
CA TYR I 119 -66.05 33.36 -55.07
C TYR I 119 -66.64 31.95 -54.93
N GLN I 120 -67.85 31.72 -55.45
CA GLN I 120 -68.46 30.40 -55.45
C GLN I 120 -68.12 29.78 -56.80
N LEU I 121 -67.82 28.47 -56.80
CA LEU I 121 -67.45 27.73 -58.01
C LEU I 121 -68.40 26.54 -58.22
N ARG I 122 -68.66 26.20 -59.50
CA ARG I 122 -69.56 25.09 -59.87
C ARG I 122 -68.78 23.89 -60.41
N ASP I 123 -69.28 22.67 -60.12
CA ASP I 123 -68.66 21.42 -60.55
C ASP I 123 -69.05 21.05 -61.97
N SER I 124 -68.04 20.62 -62.75
CA SER I 124 -68.14 20.20 -64.15
C SER I 124 -69.07 18.98 -64.39
N LYS I 125 -69.17 18.06 -63.39
CA LYS I 125 -69.98 16.84 -63.51
C LYS I 125 -71.14 16.75 -62.48
N SER I 126 -71.87 17.88 -62.31
CA SER I 126 -73.04 18.05 -61.44
C SER I 126 -73.70 19.40 -61.70
N SER I 131 -70.56 22.52 -54.62
CA SER I 131 -70.38 23.93 -54.32
C SER I 131 -69.14 24.24 -53.43
N VAL I 132 -68.12 24.93 -54.02
CA VAL I 132 -66.87 25.32 -53.33
C VAL I 132 -66.67 26.85 -53.33
N CYS I 133 -66.25 27.40 -52.16
CA CYS I 133 -66.00 28.83 -51.95
C CYS I 133 -64.50 29.10 -51.88
N LEU I 134 -63.99 29.83 -52.86
CA LEU I 134 -62.57 30.17 -52.96
C LEU I 134 -62.25 31.57 -52.41
N PHE I 135 -61.60 31.63 -51.23
CA PHE I 135 -61.15 32.88 -50.64
C PHE I 135 -59.73 33.13 -51.16
N THR I 136 -59.57 34.07 -52.10
CA THR I 136 -58.29 34.35 -52.74
C THR I 136 -57.86 35.81 -52.65
N ASP I 137 -56.59 36.08 -53.05
CA ASP I 137 -55.96 37.41 -53.14
C ASP I 137 -55.87 38.28 -51.86
N PHE I 138 -55.94 37.66 -50.67
CA PHE I 138 -55.85 38.31 -49.35
C PHE I 138 -54.39 38.51 -48.91
N ASP I 139 -54.16 39.36 -47.89
CA ASP I 139 -52.83 39.68 -47.34
C ASP I 139 -52.25 38.52 -46.53
N SER I 140 -50.90 38.42 -46.49
CA SER I 140 -50.19 37.36 -45.75
C SER I 140 -50.40 37.49 -44.23
N GLN I 141 -51.02 38.60 -43.79
CA GLN I 141 -51.33 38.87 -42.39
C GLN I 141 -52.71 38.34 -41.96
N THR I 142 -53.56 37.95 -42.95
CA THR I 142 -54.89 37.38 -42.73
C THR I 142 -54.72 35.90 -42.33
N ASN I 143 -55.50 35.44 -41.35
CA ASN I 143 -55.40 34.05 -40.94
C ASN I 143 -56.71 33.31 -41.04
N VAL I 144 -56.68 32.17 -41.74
CA VAL I 144 -57.84 31.32 -41.94
C VAL I 144 -57.97 30.36 -40.77
N SER I 145 -59.05 30.50 -40.00
CA SER I 145 -59.34 29.66 -38.84
C SER I 145 -60.17 28.43 -39.25
N GLN I 146 -60.12 27.37 -38.42
CA GLN I 146 -60.84 26.12 -38.66
C GLN I 146 -62.35 26.25 -38.48
N SER I 147 -63.10 25.25 -38.99
CA SER I 147 -64.56 25.15 -38.98
C SER I 147 -65.22 24.92 -37.60
N LYS I 148 -66.51 25.33 -37.47
CA LYS I 148 -67.34 25.16 -36.27
C LYS I 148 -68.34 23.99 -36.44
N ASP I 149 -68.69 23.66 -37.70
CA ASP I 149 -69.58 22.55 -38.02
C ASP I 149 -68.80 21.40 -38.65
N SER I 150 -69.21 20.15 -38.39
CA SER I 150 -68.56 18.96 -38.94
C SER I 150 -68.81 18.80 -40.45
N ASP I 151 -69.88 19.43 -40.97
CA ASP I 151 -70.23 19.37 -42.39
C ASP I 151 -69.52 20.43 -43.24
N VAL I 152 -68.85 21.41 -42.59
CA VAL I 152 -68.09 22.46 -43.26
C VAL I 152 -66.61 22.09 -43.20
N TYR I 153 -65.96 22.00 -44.37
CA TYR I 153 -64.55 21.65 -44.46
C TYR I 153 -63.75 22.84 -45.01
N ILE I 154 -63.02 23.55 -44.12
CA ILE I 154 -62.21 24.74 -44.43
C ILE I 154 -60.71 24.40 -44.45
N THR I 155 -60.02 24.74 -45.55
CA THR I 155 -58.58 24.50 -45.69
C THR I 155 -57.74 25.60 -45.01
N ASP I 156 -56.41 25.45 -45.04
CA ASP I 156 -55.44 26.43 -44.58
C ASP I 156 -55.03 27.21 -45.84
N LYS I 157 -54.26 28.30 -45.70
CA LYS I 157 -53.85 29.12 -46.85
C LYS I 157 -52.74 28.50 -47.67
N THR I 158 -52.76 28.69 -49.01
CA THR I 158 -51.70 28.17 -49.89
C THR I 158 -51.26 29.19 -50.92
N VAL I 159 -49.94 29.42 -51.02
CA VAL I 159 -49.35 30.37 -51.96
C VAL I 159 -49.22 29.76 -53.34
N LEU I 160 -49.82 30.42 -54.33
CA LEU I 160 -49.79 30.06 -55.75
C LEU I 160 -48.79 31.06 -56.42
N ASP I 161 -47.98 30.58 -57.39
CA ASP I 161 -47.01 31.44 -58.07
C ASP I 161 -47.06 31.35 -59.59
N MET I 162 -47.41 32.47 -60.24
CA MET I 162 -47.42 32.58 -61.70
C MET I 162 -46.15 33.39 -62.01
N ARG I 163 -45.11 32.69 -62.48
CA ARG I 163 -43.80 33.25 -62.83
C ARG I 163 -43.88 34.20 -64.05
N SER I 164 -44.74 33.84 -65.03
CA SER I 164 -44.97 34.59 -66.26
C SER I 164 -45.28 36.06 -65.95
N MET I 165 -46.34 36.30 -65.17
CA MET I 165 -46.77 37.65 -64.76
C MET I 165 -46.00 38.14 -63.53
N ASP I 166 -45.11 37.28 -62.96
CA ASP I 166 -44.36 37.49 -61.71
C ASP I 166 -45.41 37.93 -60.68
N PHE I 167 -46.38 37.03 -60.44
CA PHE I 167 -47.55 37.22 -59.58
C PHE I 167 -47.70 36.11 -58.56
N LYS I 168 -47.89 36.50 -57.30
CA LYS I 168 -48.06 35.57 -56.17
C LYS I 168 -49.45 35.76 -55.57
N SER I 169 -50.15 34.65 -55.25
CA SER I 169 -51.48 34.75 -54.65
C SER I 169 -51.77 33.72 -53.59
N ASN I 170 -52.37 34.19 -52.50
CA ASN I 170 -52.83 33.37 -51.38
C ASN I 170 -54.25 32.90 -51.66
N SER I 171 -54.60 31.68 -51.19
CA SER I 171 -55.94 31.07 -51.34
C SER I 171 -56.29 30.07 -50.26
N ALA I 172 -57.60 29.93 -50.02
CA ALA I 172 -58.21 28.99 -49.07
C ALA I 172 -59.55 28.53 -49.66
N VAL I 173 -59.76 27.21 -49.66
CA VAL I 173 -60.99 26.61 -50.19
C VAL I 173 -61.86 26.17 -49.00
N ALA I 174 -63.18 26.08 -49.23
CA ALA I 174 -64.16 25.64 -48.26
C ALA I 174 -65.31 25.02 -49.02
N TRP I 175 -65.95 24.02 -48.43
CA TRP I 175 -67.10 23.33 -49.03
C TRP I 175 -67.96 22.72 -47.94
N SER I 176 -69.16 22.28 -48.35
CA SER I 176 -70.15 21.64 -47.50
C SER I 176 -71.20 20.92 -48.33
N ASN I 177 -71.83 19.92 -47.71
CA ASN I 177 -72.91 19.15 -48.30
C ASN I 177 -74.24 19.76 -47.86
N LYS I 178 -74.25 20.48 -46.71
CA LYS I 178 -75.44 21.16 -46.17
C LYS I 178 -75.94 22.25 -47.11
N SER I 179 -77.28 22.28 -47.33
CA SER I 179 -77.96 23.22 -48.23
C SER I 179 -78.01 24.67 -47.74
N ASP I 180 -77.86 24.89 -46.41
CA ASP I 180 -77.85 26.24 -45.82
C ASP I 180 -76.50 27.01 -45.97
N PHE I 181 -75.47 26.33 -46.51
CA PHE I 181 -74.13 26.85 -46.75
C PHE I 181 -74.02 27.70 -48.04
N ALA I 182 -73.32 28.85 -47.93
CA ALA I 182 -73.05 29.80 -49.02
C ALA I 182 -71.78 30.60 -48.69
N CYS I 183 -71.27 31.37 -49.69
CA CYS I 183 -70.06 32.22 -49.59
C CYS I 183 -70.02 33.11 -48.35
N ALA I 184 -71.09 33.92 -48.12
CA ALA I 184 -71.22 34.86 -47.00
C ALA I 184 -71.10 34.22 -45.62
N ASN I 185 -71.59 32.97 -45.47
CA ASN I 185 -71.57 32.21 -44.22
C ASN I 185 -70.52 31.08 -44.20
N ALA I 186 -69.58 31.08 -45.17
CA ALA I 186 -68.52 30.08 -45.27
C ALA I 186 -67.38 30.44 -44.30
N PHE I 187 -66.69 31.58 -44.57
CA PHE I 187 -65.60 32.09 -43.76
C PHE I 187 -66.15 33.09 -42.75
N ASN I 188 -66.14 32.70 -41.47
CA ASN I 188 -66.66 33.52 -40.38
C ASN I 188 -65.66 33.53 -39.23
N ASN I 189 -65.16 32.33 -38.83
CA ASN I 189 -64.16 32.13 -37.77
C ASN I 189 -62.82 32.83 -38.08
N SER I 190 -62.61 33.14 -39.37
CA SER I 190 -61.44 33.84 -39.90
C SER I 190 -61.63 35.35 -39.72
N ILE I 191 -60.54 36.10 -39.51
CA ILE I 191 -60.57 37.56 -39.39
C ILE I 191 -60.30 38.11 -40.79
N ILE I 192 -61.33 38.00 -41.64
CA ILE I 192 -61.32 38.38 -43.06
C ILE I 192 -61.16 39.89 -43.24
N PRO I 193 -60.40 40.37 -44.26
CA PRO I 193 -60.27 41.82 -44.51
C PRO I 193 -61.60 42.54 -44.70
N GLU I 194 -61.64 43.84 -44.32
CA GLU I 194 -62.81 44.72 -44.36
C GLU I 194 -63.34 44.95 -45.78
N ASP I 195 -62.43 45.21 -46.73
CA ASP I 195 -62.75 45.48 -48.13
C ASP I 195 -62.81 44.22 -49.03
N THR I 196 -63.33 43.09 -48.48
CA THR I 196 -63.47 41.81 -49.20
C THR I 196 -64.66 41.85 -50.15
N PHE I 197 -64.38 41.64 -51.46
CA PHE I 197 -65.34 41.63 -52.56
C PHE I 197 -66.26 40.40 -52.50
N PHE I 198 -67.59 40.65 -52.56
CA PHE I 198 -68.62 39.60 -52.53
C PHE I 198 -69.63 39.80 -53.66
N PRO I 199 -69.53 39.02 -54.77
CA PRO I 199 -70.45 39.22 -55.90
C PRO I 199 -71.77 38.41 -55.84
N SER I 200 -72.66 38.60 -56.85
CA SER I 200 -73.96 37.92 -56.97
C SER I 200 -74.39 37.76 -58.44
N GLY J 1 -23.72 7.74 -56.47
CA GLY J 1 -24.30 6.82 -55.52
C GLY J 1 -25.51 7.40 -54.83
N GLY J 2 -26.21 6.58 -54.03
CA GLY J 2 -27.37 7.03 -53.28
C GLY J 2 -27.98 6.14 -52.22
N ILE J 3 -29.03 6.65 -51.57
CA ILE J 3 -29.81 5.97 -50.55
C ILE J 3 -31.24 5.87 -51.00
N THR J 4 -31.75 4.64 -51.11
CA THR J 4 -33.13 4.36 -51.58
C THR J 4 -33.99 3.67 -50.51
N GLN J 5 -35.32 3.97 -50.52
CA GLN J 5 -36.32 3.42 -49.60
C GLN J 5 -37.60 3.01 -50.32
N SER J 6 -37.53 2.01 -51.19
CA SER J 6 -38.74 1.55 -51.88
C SER J 6 -39.59 0.66 -50.93
N PRO J 7 -40.94 0.84 -50.86
CA PRO J 7 -41.78 1.80 -51.59
C PRO J 7 -42.02 3.11 -50.83
N LYS J 8 -42.59 4.10 -51.53
CA LYS J 8 -42.88 5.42 -50.96
C LYS J 8 -44.09 5.34 -49.98
N TYR J 9 -45.09 4.51 -50.33
CA TYR J 9 -46.29 4.30 -49.53
C TYR J 9 -46.48 2.82 -49.24
N LEU J 10 -46.68 2.50 -47.95
CA LEU J 10 -46.89 1.14 -47.44
C LEU J 10 -48.20 1.07 -46.67
N PHE J 11 -48.97 0.01 -46.88
CA PHE J 11 -50.25 -0.14 -46.22
C PHE J 11 -50.44 -1.53 -45.64
N ARG J 12 -50.75 -1.59 -44.35
CA ARG J 12 -50.99 -2.85 -43.65
C ARG J 12 -52.14 -2.74 -42.68
N LYS J 13 -52.70 -3.90 -42.28
CA LYS J 13 -53.75 -4.02 -41.27
C LYS J 13 -53.02 -4.25 -39.96
N GLU J 14 -53.56 -3.73 -38.84
CA GLU J 14 -53.01 -3.91 -37.48
C GLU J 14 -52.74 -5.40 -37.22
N GLY J 15 -51.57 -5.70 -36.65
CA GLY J 15 -51.18 -7.08 -36.36
C GLY J 15 -50.27 -7.78 -37.35
N GLN J 16 -50.11 -7.25 -38.57
CA GLN J 16 -49.21 -7.87 -39.54
C GLN J 16 -47.79 -7.27 -39.41
N ASN J 17 -46.76 -8.12 -39.52
CA ASN J 17 -45.36 -7.69 -39.51
C ASN J 17 -45.08 -7.09 -40.89
N VAL J 18 -44.27 -6.00 -40.92
CA VAL J 18 -43.86 -5.35 -42.16
C VAL J 18 -42.36 -5.01 -42.20
N THR J 19 -41.70 -5.22 -43.35
CA THR J 19 -40.28 -4.93 -43.55
C THR J 19 -40.06 -3.72 -44.46
N LEU J 20 -39.42 -2.68 -43.90
CA LEU J 20 -39.06 -1.43 -44.58
C LEU J 20 -37.61 -1.60 -45.04
N SER J 21 -37.40 -1.53 -46.36
CA SER J 21 -36.05 -1.69 -46.88
C SER J 21 -35.25 -0.38 -46.99
N CYS J 22 -33.93 -0.50 -46.77
CA CYS J 22 -32.96 0.59 -46.92
C CYS J 22 -31.75 0.10 -47.65
N GLU J 23 -31.43 0.76 -48.75
CA GLU J 23 -30.34 0.40 -49.63
C GLU J 23 -29.48 1.58 -49.92
N GLN J 24 -28.16 1.35 -49.90
CA GLN J 24 -27.20 2.38 -50.23
C GLN J 24 -25.95 1.86 -50.96
N ASN J 25 -25.57 2.55 -52.06
CA ASN J 25 -24.34 2.22 -52.79
C ASN J 25 -23.29 3.31 -52.58
N LEU J 26 -23.38 4.04 -51.47
CA LEU J 26 -22.46 5.12 -51.16
C LEU J 26 -21.19 4.67 -50.45
N ASN J 27 -21.12 3.35 -50.13
CA ASN J 27 -20.01 2.66 -49.42
C ASN J 27 -19.90 3.18 -47.99
N HIS J 28 -21.07 3.48 -47.40
CA HIS J 28 -21.21 3.99 -46.04
C HIS J 28 -21.21 2.87 -45.00
N ASP J 29 -20.37 3.00 -43.99
CA ASP J 29 -20.34 1.98 -42.93
C ASP J 29 -21.57 1.96 -42.05
N ALA J 30 -22.13 3.16 -41.75
CA ALA J 30 -23.25 3.31 -40.86
C ALA J 30 -24.58 3.64 -41.45
N MET J 31 -25.63 3.04 -40.89
CA MET J 31 -27.03 3.24 -41.25
C MET J 31 -27.90 3.40 -39.98
N TYR J 32 -28.95 4.22 -40.07
CA TYR J 32 -29.89 4.64 -39.00
C TYR J 32 -31.33 4.57 -39.47
N TRP J 33 -32.27 4.32 -38.55
CA TRP J 33 -33.69 4.37 -38.86
C TRP J 33 -34.35 5.32 -37.90
N TYR J 34 -35.17 6.21 -38.39
CA TYR J 34 -35.91 7.16 -37.58
C TYR J 34 -37.38 7.04 -37.86
N ARG J 35 -38.22 7.47 -36.92
CA ARG J 35 -39.66 7.63 -37.19
C ARG J 35 -40.03 9.09 -36.99
N GLN J 36 -41.11 9.55 -37.62
CA GLN J 36 -41.52 10.96 -37.54
C GLN J 36 -42.98 11.09 -37.65
N ASP J 37 -43.56 11.78 -36.71
CA ASP J 37 -45.00 12.04 -36.70
C ASP J 37 -45.29 13.48 -37.22
N PRO J 38 -46.46 13.74 -37.88
CA PRO J 38 -46.73 15.09 -38.41
C PRO J 38 -46.50 16.23 -37.45
N GLY J 39 -45.86 17.30 -37.94
CA GLY J 39 -45.50 18.47 -37.15
C GLY J 39 -44.49 18.21 -36.04
N GLN J 40 -43.83 17.04 -36.08
CA GLN J 40 -42.84 16.59 -35.08
C GLN J 40 -41.41 16.39 -35.65
N GLY J 41 -40.51 15.94 -34.77
CA GLY J 41 -39.11 15.72 -35.13
C GLY J 41 -38.77 14.26 -35.35
N LEU J 42 -37.49 14.03 -35.67
CA LEU J 42 -36.91 12.72 -35.89
C LEU J 42 -36.77 11.99 -34.54
N ARG J 43 -37.13 10.71 -34.49
CA ARG J 43 -36.95 9.84 -33.31
C ARG J 43 -36.16 8.62 -33.78
N LEU J 44 -34.98 8.39 -33.23
CA LEU J 44 -34.11 7.28 -33.61
C LEU J 44 -34.61 5.96 -33.09
N ILE J 45 -34.78 5.01 -34.01
CA ILE J 45 -35.26 3.65 -33.75
C ILE J 45 -34.12 2.67 -33.39
N TYR J 46 -33.30 2.37 -34.40
CA TYR J 46 -32.15 1.46 -34.36
C TYR J 46 -31.12 2.04 -35.32
N TYR J 47 -29.86 1.80 -35.02
CA TYR J 47 -28.77 2.16 -35.89
C TYR J 47 -27.72 1.10 -35.90
N SER J 48 -26.84 1.15 -36.90
CA SER J 48 -25.73 0.22 -37.07
C SER J 48 -24.47 0.97 -37.54
N GLN J 49 -23.37 0.84 -36.80
CA GLN J 49 -22.12 1.54 -37.09
C GLN J 49 -21.19 0.77 -38.02
N ILE J 50 -21.45 -0.53 -38.15
CA ILE J 50 -20.64 -1.46 -38.94
C ILE J 50 -21.46 -2.71 -39.27
N VAL J 51 -21.16 -3.36 -40.41
CA VAL J 51 -21.79 -4.62 -40.80
C VAL J 51 -21.64 -5.66 -39.63
N ASN J 52 -22.74 -6.41 -39.36
CA ASN J 52 -22.90 -7.46 -38.34
C ASN J 52 -23.08 -6.95 -36.90
N ASP J 53 -23.37 -5.64 -36.78
CA ASP J 53 -23.62 -5.00 -35.51
C ASP J 53 -24.71 -3.96 -35.66
N PHE J 54 -25.65 -3.94 -34.71
CA PHE J 54 -26.72 -2.95 -34.62
C PHE J 54 -27.01 -2.59 -33.16
N GLN J 55 -27.65 -1.43 -32.91
CA GLN J 55 -27.92 -1.00 -31.54
C GLN J 55 -29.19 -0.17 -31.47
N LYS J 56 -29.92 -0.30 -30.35
CA LYS J 56 -31.19 0.34 -30.08
C LYS J 56 -31.03 1.82 -29.97
N GLY J 57 -32.03 2.53 -30.47
CA GLY J 57 -32.10 3.97 -30.37
C GLY J 57 -32.97 4.30 -29.18
N ASP J 58 -33.78 5.34 -29.32
CA ASP J 58 -34.66 5.80 -28.26
C ASP J 58 -36.05 5.16 -28.31
N ILE J 59 -36.58 4.94 -29.52
CA ILE J 59 -37.92 4.41 -29.76
C ILE J 59 -37.89 3.02 -30.42
N ALA J 60 -37.09 2.09 -29.84
CA ALA J 60 -36.88 0.71 -30.38
C ALA J 60 -37.88 -0.40 -30.06
N GLU J 61 -38.72 -0.24 -29.02
CA GLU J 61 -39.68 -1.30 -28.70
C GLU J 61 -40.70 -1.54 -29.81
N GLY J 62 -40.82 -2.82 -30.21
CA GLY J 62 -41.72 -3.27 -31.26
C GLY J 62 -41.12 -3.24 -32.65
N TYR J 63 -39.80 -2.99 -32.75
CA TYR J 63 -39.09 -2.94 -34.06
C TYR J 63 -37.93 -3.89 -33.97
N SER J 64 -37.44 -4.30 -35.13
CA SER J 64 -36.28 -5.17 -35.22
C SER J 64 -35.53 -4.89 -36.53
N VAL J 65 -34.22 -5.12 -36.51
CA VAL J 65 -33.30 -4.90 -37.63
C VAL J 65 -32.30 -6.02 -37.74
N SER J 66 -31.63 -6.08 -38.92
CA SER J 66 -30.53 -6.97 -39.26
C SER J 66 -29.51 -6.13 -40.06
N ARG J 67 -28.23 -6.54 -40.07
CA ARG J 67 -27.17 -5.89 -40.83
C ARG J 67 -26.21 -7.01 -41.28
N GLU J 68 -26.62 -7.75 -42.31
CA GLU J 68 -25.85 -8.87 -42.84
C GLU J 68 -24.88 -8.40 -43.88
N LYS J 69 -25.28 -7.33 -44.63
CA LYS J 69 -24.54 -6.67 -45.72
C LYS J 69 -24.37 -5.16 -45.41
N LYS J 70 -23.29 -4.56 -45.94
CA LYS J 70 -22.94 -3.15 -45.80
C LYS J 70 -23.97 -2.23 -46.44
N GLU J 71 -24.58 -2.66 -47.56
CA GLU J 71 -25.50 -1.87 -48.40
C GLU J 71 -26.97 -1.81 -47.95
N SER J 72 -27.34 -2.71 -47.06
CA SER J 72 -28.72 -2.89 -46.66
C SER J 72 -28.90 -2.80 -45.16
N PHE J 73 -30.04 -2.23 -44.72
CA PHE J 73 -30.36 -2.12 -43.30
C PHE J 73 -31.89 -2.21 -43.17
N PRO J 74 -32.45 -3.43 -43.19
CA PRO J 74 -33.92 -3.56 -43.22
C PRO J 74 -34.58 -3.43 -41.86
N LEU J 75 -35.66 -2.63 -41.78
CA LEU J 75 -36.39 -2.48 -40.54
C LEU J 75 -37.71 -3.19 -40.60
N THR J 76 -37.96 -4.03 -39.60
CA THR J 76 -39.22 -4.76 -39.47
C THR J 76 -40.08 -4.08 -38.43
N VAL J 77 -41.31 -3.72 -38.82
CA VAL J 77 -42.31 -3.21 -37.89
C VAL J 77 -43.18 -4.43 -37.45
N THR J 78 -43.14 -4.75 -36.14
CA THR J 78 -43.83 -5.88 -35.48
C THR J 78 -45.20 -5.47 -34.89
N SER J 79 -46.05 -6.47 -34.56
CA SER J 79 -47.38 -6.26 -33.93
C SER J 79 -47.23 -5.68 -32.54
N ALA J 80 -46.05 -5.83 -31.94
CA ALA J 80 -45.71 -5.31 -30.61
C ALA J 80 -45.52 -3.80 -30.66
N GLN J 81 -45.50 -3.21 -31.89
CA GLN J 81 -45.40 -1.76 -32.03
C GLN J 81 -46.77 -1.22 -31.71
N LYS J 82 -46.83 -0.31 -30.74
CA LYS J 82 -48.09 0.24 -30.23
C LYS J 82 -48.70 1.39 -31.01
N ASN J 83 -47.89 2.22 -31.70
CA ASN J 83 -48.34 3.31 -32.57
C ASN J 83 -47.54 3.25 -33.91
N PRO J 84 -47.78 2.20 -34.76
CA PRO J 84 -46.96 2.04 -35.98
C PRO J 84 -47.01 3.07 -37.10
N THR J 85 -48.16 3.74 -37.29
CA THR J 85 -48.33 4.73 -38.37
C THR J 85 -47.39 5.86 -38.17
N ALA J 86 -46.47 6.06 -39.12
CA ALA J 86 -45.47 7.12 -39.09
C ALA J 86 -44.81 7.26 -40.45
N PHE J 87 -44.00 8.30 -40.60
CA PHE J 87 -43.16 8.52 -41.75
C PHE J 87 -41.82 7.90 -41.32
N TYR J 88 -41.30 6.91 -42.06
CA TYR J 88 -40.05 6.27 -41.66
C TYR J 88 -38.86 6.75 -42.49
N LEU J 89 -37.78 7.18 -41.81
CA LEU J 89 -36.61 7.70 -42.50
C LEU J 89 -35.36 6.89 -42.25
N CYS J 90 -34.64 6.64 -43.31
CA CYS J 90 -33.39 5.91 -43.22
C CYS J 90 -32.30 6.81 -43.69
N ALA J 91 -31.10 6.60 -43.13
CA ALA J 91 -29.97 7.46 -43.43
C ALA J 91 -28.69 6.67 -43.39
N SER J 92 -27.62 7.20 -44.01
CA SER J 92 -26.34 6.54 -43.92
C SER J 92 -25.25 7.56 -43.82
N SER J 93 -24.15 7.23 -43.11
CA SER J 93 -22.97 8.07 -42.94
C SER J 93 -21.69 7.22 -43.21
N SER J 94 -20.57 7.83 -43.80
CA SER J 94 -19.32 7.13 -44.10
CA SER J 94 -19.35 7.08 -44.13
C SER J 94 -18.86 6.26 -42.95
N ARG J 95 -18.85 6.85 -41.76
CA ARG J 95 -18.54 6.32 -40.44
C ARG J 95 -19.66 6.85 -39.55
N SER J 96 -19.99 6.08 -38.53
CA SER J 96 -20.95 6.44 -37.48
C SER J 96 -20.54 7.80 -36.86
N SER J 97 -21.50 8.69 -36.56
CA SER J 97 -21.36 10.05 -35.95
C SER J 97 -21.07 11.21 -36.90
N TYR J 98 -20.66 10.94 -38.15
CA TYR J 98 -20.39 12.00 -39.15
C TYR J 98 -21.69 12.33 -39.91
N GLU J 99 -21.63 13.25 -40.89
CA GLU J 99 -22.79 13.65 -41.71
C GLU J 99 -23.66 12.52 -42.30
N GLN J 100 -24.96 12.61 -42.02
CA GLN J 100 -25.93 11.60 -42.47
C GLN J 100 -26.61 12.05 -43.73
N TYR J 101 -26.82 11.10 -44.62
CA TYR J 101 -27.51 11.30 -45.89
C TYR J 101 -28.79 10.51 -45.81
N PHE J 102 -29.93 11.20 -45.96
CA PHE J 102 -31.27 10.62 -45.85
C PHE J 102 -31.89 10.01 -47.09
N GLY J 103 -32.62 8.92 -46.90
CA GLY J 103 -33.39 8.31 -47.96
C GLY J 103 -34.66 9.12 -48.23
N PRO J 104 -35.43 8.82 -49.31
CA PRO J 104 -36.65 9.62 -49.59
C PRO J 104 -37.75 9.58 -48.53
N GLY J 105 -37.79 8.50 -47.75
CA GLY J 105 -38.81 8.26 -46.74
C GLY J 105 -39.92 7.39 -47.24
N THR J 106 -40.53 6.65 -46.30
CA THR J 106 -41.69 5.76 -46.55
C THR J 106 -42.77 6.19 -45.58
N ARG J 107 -43.97 6.38 -46.08
CA ARG J 107 -45.14 6.64 -45.27
C ARG J 107 -45.74 5.24 -44.97
N LEU J 108 -45.90 4.91 -43.70
CA LEU J 108 -46.52 3.64 -43.33
C LEU J 108 -47.83 3.93 -42.62
N THR J 109 -48.94 3.40 -43.15
CA THR J 109 -50.23 3.55 -42.50
C THR J 109 -50.74 2.20 -42.11
N VAL J 110 -51.00 2.04 -40.83
CA VAL J 110 -51.51 0.78 -40.26
C VAL J 110 -52.98 1.00 -39.85
N THR J 111 -53.91 0.26 -40.49
CA THR J 111 -55.38 0.38 -40.30
C THR J 111 -55.98 -0.69 -39.37
N GLU J 112 -57.15 -0.39 -38.75
CA GLU J 112 -57.82 -1.35 -37.87
C GLU J 112 -58.46 -2.46 -38.70
N ASP J 113 -59.02 -2.10 -39.88
CA ASP J 113 -59.71 -3.02 -40.82
C ASP J 113 -59.58 -2.52 -42.28
N LEU J 114 -59.26 -3.42 -43.21
CA LEU J 114 -59.18 -3.07 -44.65
C LEU J 114 -60.49 -2.49 -45.24
N LYS J 115 -61.65 -2.66 -44.54
CA LYS J 115 -62.94 -2.09 -45.00
C LYS J 115 -62.94 -0.56 -44.87
N ASN J 116 -61.87 0.03 -44.28
CA ASN J 116 -61.70 1.47 -44.10
C ASN J 116 -61.00 2.09 -45.29
N VAL J 117 -60.53 1.28 -46.24
CA VAL J 117 -59.85 1.75 -47.46
C VAL J 117 -60.85 2.20 -48.52
N PHE J 118 -60.67 3.42 -49.02
CA PHE J 118 -61.52 4.00 -50.07
C PHE J 118 -60.65 4.82 -50.98
N PRO J 119 -60.88 4.72 -52.30
CA PRO J 119 -60.16 5.60 -53.23
C PRO J 119 -60.71 7.03 -53.17
N PRO J 120 -60.00 8.04 -53.70
CA PRO J 120 -60.57 9.39 -53.71
C PRO J 120 -61.62 9.60 -54.80
N GLU J 121 -62.53 10.52 -54.57
CA GLU J 121 -63.45 10.96 -55.61
C GLU J 121 -62.85 12.30 -55.99
N VAL J 122 -62.49 12.45 -57.26
CA VAL J 122 -61.83 13.65 -57.77
C VAL J 122 -62.83 14.49 -58.54
N ALA J 123 -62.77 15.81 -58.34
CA ALA J 123 -63.69 16.76 -58.96
C ALA J 123 -63.02 18.08 -59.27
N VAL J 124 -63.28 18.62 -60.48
CA VAL J 124 -62.81 19.93 -60.94
C VAL J 124 -63.94 20.98 -60.94
N PHE J 125 -63.69 22.09 -60.25
CA PHE J 125 -64.62 23.20 -60.11
C PHE J 125 -64.11 24.33 -60.99
N GLU J 126 -64.83 24.55 -62.12
CA GLU J 126 -64.57 25.57 -63.15
C GLU J 126 -64.55 26.99 -62.54
N PRO J 127 -63.60 27.88 -62.95
CA PRO J 127 -63.52 29.21 -62.32
C PRO J 127 -64.76 30.06 -62.31
N SER J 128 -64.89 30.90 -61.27
CA SER J 128 -65.96 31.87 -61.07
C SER J 128 -65.90 32.94 -62.17
N GLU J 129 -67.07 33.42 -62.62
CA GLU J 129 -67.17 34.44 -63.67
C GLU J 129 -66.82 35.83 -63.11
N ALA J 130 -67.01 36.02 -61.79
CA ALA J 130 -66.69 37.28 -61.11
C ALA J 130 -65.17 37.47 -61.04
N GLU J 131 -64.44 36.35 -60.84
CA GLU J 131 -62.98 36.26 -60.77
C GLU J 131 -62.35 36.63 -62.13
N ILE J 132 -63.11 36.48 -63.22
CA ILE J 132 -62.67 36.82 -64.58
C ILE J 132 -62.85 38.35 -64.79
N SER J 133 -63.99 38.92 -64.31
CA SER J 133 -64.33 40.35 -64.42
C SER J 133 -63.69 41.23 -63.32
N HIS J 134 -63.03 40.62 -62.33
CA HIS J 134 -62.42 41.35 -61.22
C HIS J 134 -60.90 41.27 -61.20
N THR J 135 -60.30 40.23 -61.82
CA THR J 135 -58.84 40.04 -61.82
C THR J 135 -58.23 39.66 -63.17
N GLN J 136 -59.05 39.16 -64.13
CA GLN J 136 -58.64 38.68 -65.46
C GLN J 136 -57.80 37.39 -65.36
N LYS J 137 -58.02 36.67 -64.25
CA LYS J 137 -57.40 35.40 -63.87
C LYS J 137 -58.48 34.36 -63.56
N ALA J 138 -58.24 33.10 -63.94
CA ALA J 138 -59.14 31.96 -63.76
C ALA J 138 -58.55 30.89 -62.82
N THR J 139 -59.13 30.72 -61.60
CA THR J 139 -58.71 29.71 -60.64
C THR J 139 -59.60 28.46 -60.71
N LEU J 140 -59.03 27.35 -61.26
CA LEU J 140 -59.66 26.02 -61.33
C LEU J 140 -59.33 25.35 -60.01
N VAL J 141 -60.36 24.92 -59.27
CA VAL J 141 -60.16 24.30 -57.97
C VAL J 141 -60.40 22.82 -58.05
N CYS J 142 -59.45 22.04 -57.53
CA CYS J 142 -59.62 20.61 -57.46
C CYS J 142 -59.91 20.12 -56.05
N LEU J 143 -60.67 19.04 -55.97
CA LEU J 143 -61.06 18.43 -54.71
C LEU J 143 -60.99 16.92 -54.78
N ALA J 144 -60.17 16.33 -53.90
CA ALA J 144 -60.05 14.88 -53.75
C ALA J 144 -60.61 14.63 -52.38
N THR J 145 -61.76 13.97 -52.32
CA THR J 145 -62.43 13.69 -51.05
C THR J 145 -62.57 12.23 -50.81
N GLY J 146 -62.87 11.89 -49.57
CA GLY J 146 -63.20 10.56 -49.07
C GLY J 146 -62.17 9.47 -49.20
N PHE J 147 -60.86 9.84 -49.27
CA PHE J 147 -59.84 8.81 -49.39
C PHE J 147 -59.24 8.41 -48.06
N TYR J 148 -58.93 7.11 -47.95
CA TYR J 148 -58.24 6.51 -46.83
C TYR J 148 -57.49 5.32 -47.41
N PRO J 149 -56.17 5.17 -47.18
CA PRO J 149 -55.28 6.08 -46.44
C PRO J 149 -54.90 7.36 -47.23
N ASP J 150 -54.31 8.34 -46.51
CA ASP J 150 -53.77 9.65 -46.95
C ASP J 150 -52.45 9.35 -47.70
N HIS J 151 -52.55 8.56 -48.78
CA HIS J 151 -51.44 8.12 -49.58
C HIS J 151 -51.81 8.48 -50.99
N VAL J 152 -51.71 9.77 -51.31
CA VAL J 152 -52.08 10.30 -52.63
C VAL J 152 -51.03 11.27 -53.18
N GLU J 153 -50.99 11.40 -54.52
CA GLU J 153 -50.10 12.32 -55.25
C GLU J 153 -50.95 13.00 -56.30
N LEU J 154 -51.33 14.25 -56.02
CA LEU J 154 -52.12 15.06 -56.93
C LEU J 154 -51.23 15.82 -57.90
N SER J 155 -51.71 15.98 -59.11
CA SER J 155 -51.00 16.70 -60.15
C SER J 155 -52.01 17.25 -61.12
N TRP J 156 -51.69 18.40 -61.72
CA TRP J 156 -52.52 19.04 -62.74
C TRP J 156 -51.88 18.76 -64.09
N TRP J 157 -52.70 18.57 -65.13
CA TRP J 157 -52.22 18.35 -66.49
C TRP J 157 -52.88 19.38 -67.42
N VAL J 158 -52.07 20.11 -68.20
CA VAL J 158 -52.56 21.12 -69.16
C VAL J 158 -52.17 20.69 -70.58
N ASN J 159 -53.19 20.41 -71.43
CA ASN J 159 -53.06 19.93 -72.82
C ASN J 159 -52.27 18.60 -72.84
N GLY J 160 -52.49 17.77 -71.81
CA GLY J 160 -51.79 16.49 -71.66
C GLY J 160 -50.33 16.67 -71.24
N LYS J 161 -50.00 17.85 -70.67
CA LYS J 161 -48.67 18.21 -70.19
C LYS J 161 -48.78 18.79 -68.76
N GLU J 162 -48.24 18.05 -67.78
CA GLU J 162 -48.26 18.38 -66.35
C GLU J 162 -47.61 19.72 -66.06
N VAL J 163 -48.31 20.59 -65.32
CA VAL J 163 -47.78 21.92 -64.98
C VAL J 163 -47.54 22.11 -63.48
N HIS J 164 -46.62 23.02 -63.12
CA HIS J 164 -46.27 23.36 -61.75
C HIS J 164 -46.43 24.87 -61.52
N SER J 165 -46.54 25.63 -62.63
CA SER J 165 -46.72 27.09 -62.64
C SER J 165 -48.18 27.36 -62.41
N GLY J 166 -48.46 28.30 -61.51
CA GLY J 166 -49.81 28.65 -61.10
C GLY J 166 -50.51 27.53 -60.33
N VAL J 167 -49.76 26.59 -59.71
CA VAL J 167 -50.34 25.48 -58.95
C VAL J 167 -50.01 25.60 -57.46
N SER J 168 -50.96 25.25 -56.60
CA SER J 168 -50.76 25.20 -55.16
C SER J 168 -51.62 24.11 -54.53
N THR J 169 -51.03 22.93 -54.30
CA THR J 169 -51.71 21.80 -53.64
C THR J 169 -51.45 21.93 -52.15
N ASP J 170 -52.49 21.70 -51.32
CA ASP J 170 -52.45 21.76 -49.86
C ASP J 170 -51.25 20.97 -49.29
N PRO J 171 -50.57 21.49 -48.24
CA PRO J 171 -49.42 20.75 -47.69
C PRO J 171 -49.89 19.46 -47.03
N GLN J 172 -51.01 19.58 -46.28
CA GLN J 172 -51.61 18.52 -45.50
C GLN J 172 -53.10 18.33 -45.85
N PRO J 173 -53.59 17.08 -45.86
CA PRO J 173 -55.02 16.85 -46.12
C PRO J 173 -55.92 17.24 -44.92
N LEU J 174 -57.21 16.87 -44.96
CA LEU J 174 -58.18 17.16 -43.90
C LEU J 174 -58.90 15.89 -43.46
N LYS J 175 -59.10 15.71 -42.14
CA LYS J 175 -59.88 14.59 -41.61
C LYS J 175 -61.37 14.91 -41.78
N GLU J 176 -62.08 14.16 -42.66
CA GLU J 176 -63.51 14.32 -42.95
C GLU J 176 -64.41 14.04 -41.73
N GLN J 177 -63.97 13.08 -40.87
CA GLN J 177 -64.59 12.72 -39.60
C GLN J 177 -63.53 12.74 -38.51
N PRO J 178 -63.20 13.94 -37.93
CA PRO J 178 -62.09 14.01 -36.96
C PRO J 178 -62.17 13.09 -35.76
N ALA J 179 -63.37 12.77 -35.26
CA ALA J 179 -63.61 11.90 -34.11
C ALA J 179 -63.26 10.41 -34.36
N LEU J 180 -63.31 9.97 -35.63
CA LEU J 180 -63.04 8.61 -36.07
C LEU J 180 -61.54 8.41 -36.24
N ASN J 181 -61.02 7.30 -35.70
CA ASN J 181 -59.59 6.96 -35.75
C ASN J 181 -59.03 6.78 -37.17
N ASP J 182 -59.82 6.15 -38.07
CA ASP J 182 -59.43 5.91 -39.45
C ASP J 182 -60.37 6.69 -40.36
N SER J 183 -60.53 7.95 -40.03
CA SER J 183 -61.30 8.90 -40.80
C SER J 183 -60.70 9.03 -42.19
N ARG J 184 -61.56 9.26 -43.18
CA ARG J 184 -61.20 9.50 -44.56
C ARG J 184 -60.71 10.93 -44.73
N TYR J 185 -59.95 11.20 -45.79
CA TYR J 185 -59.33 12.50 -46.05
C TYR J 185 -59.91 13.29 -47.19
N SER J 186 -59.50 14.57 -47.25
CA SER J 186 -59.89 15.52 -48.28
C SER J 186 -58.64 16.32 -48.67
N LEU J 187 -58.45 16.60 -49.95
CA LEU J 187 -57.30 17.39 -50.40
C LEU J 187 -57.73 18.34 -51.51
N SER J 188 -57.34 19.61 -51.39
CA SER J 188 -57.65 20.58 -52.42
C SER J 188 -56.39 21.12 -53.06
N SER J 189 -56.52 21.50 -54.33
CA SER J 189 -55.45 22.04 -55.15
C SER J 189 -56.02 23.16 -56.00
N ARG J 190 -55.14 24.09 -56.39
CA ARG J 190 -55.51 25.24 -57.21
C ARG J 190 -54.61 25.41 -58.40
N LEU J 191 -55.22 25.76 -59.54
CA LEU J 191 -54.56 26.09 -60.81
C LEU J 191 -55.14 27.42 -61.25
N ARG J 192 -54.30 28.45 -61.41
CA ARG J 192 -54.72 29.79 -61.83
C ARG J 192 -54.05 30.11 -63.14
N VAL J 193 -54.86 30.49 -64.12
CA VAL J 193 -54.43 30.82 -65.48
C VAL J 193 -55.07 32.16 -65.91
N SER J 194 -54.49 32.86 -66.91
CA SER J 194 -55.08 34.09 -67.44
C SER J 194 -56.43 33.73 -68.06
N ALA J 195 -57.48 34.55 -67.81
CA ALA J 195 -58.83 34.33 -68.32
C ALA J 195 -58.81 33.90 -69.79
N THR J 196 -57.96 34.55 -70.62
CA THR J 196 -57.74 34.31 -72.05
C THR J 196 -57.32 32.87 -72.37
N PHE J 197 -56.57 32.22 -71.45
CA PHE J 197 -56.15 30.83 -71.63
C PHE J 197 -57.34 29.91 -71.34
N TRP J 198 -58.12 30.23 -70.29
CA TRP J 198 -59.33 29.53 -69.88
C TRP J 198 -60.45 29.75 -70.90
N GLN J 199 -60.70 31.03 -71.30
CA GLN J 199 -61.71 31.47 -72.28
C GLN J 199 -61.65 30.70 -73.59
N ASN J 200 -60.46 30.23 -73.95
CA ASN J 200 -60.23 29.45 -75.16
C ASN J 200 -60.61 27.95 -74.97
N PRO J 201 -61.62 27.47 -75.74
CA PRO J 201 -62.03 26.06 -75.62
C PRO J 201 -61.02 25.04 -76.16
N ARG J 202 -59.88 25.50 -76.73
CA ARG J 202 -58.83 24.62 -77.27
C ARG J 202 -58.03 23.97 -76.12
N ASN J 203 -58.13 24.55 -74.92
CA ASN J 203 -57.42 24.13 -73.73
C ASN J 203 -58.17 23.17 -72.80
N HIS J 204 -57.51 22.04 -72.49
CA HIS J 204 -57.97 20.95 -71.62
C HIS J 204 -57.30 21.03 -70.24
N PHE J 205 -58.09 20.87 -69.16
CA PHE J 205 -57.61 20.93 -67.77
C PHE J 205 -57.95 19.66 -66.97
N ARG J 206 -56.96 18.79 -66.77
CA ARG J 206 -57.13 17.54 -66.05
C ARG J 206 -56.47 17.58 -64.69
N CYS J 207 -57.13 16.95 -63.72
CA CYS J 207 -56.67 16.82 -62.37
C CYS J 207 -56.45 15.33 -62.07
N GLN J 208 -55.19 14.90 -61.91
CA GLN J 208 -54.82 13.50 -61.69
C GLN J 208 -54.51 13.20 -60.23
N VAL J 209 -55.12 12.15 -59.67
CA VAL J 209 -54.85 11.79 -58.28
C VAL J 209 -54.41 10.34 -58.19
N GLN J 210 -53.10 10.13 -58.00
CA GLN J 210 -52.57 8.81 -57.83
C GLN J 210 -52.85 8.41 -56.38
N PHE J 211 -53.56 7.30 -56.19
CA PHE J 211 -53.94 6.80 -54.88
C PHE J 211 -53.24 5.48 -54.69
N TYR J 212 -52.68 5.26 -53.51
CA TYR J 212 -52.01 3.99 -53.17
C TYR J 212 -52.85 3.28 -52.09
N GLY J 213 -53.48 2.18 -52.47
CA GLY J 213 -54.34 1.42 -51.58
C GLY J 213 -54.01 -0.04 -51.49
N LEU J 214 -55.00 -0.89 -51.71
CA LEU J 214 -54.85 -2.33 -51.59
C LEU J 214 -54.02 -2.94 -52.70
N SER J 215 -53.22 -3.94 -52.30
CA SER J 215 -52.32 -4.74 -53.12
C SER J 215 -53.08 -5.88 -53.80
N GLU J 216 -52.42 -6.52 -54.82
CA GLU J 216 -52.89 -7.69 -55.60
C GLU J 216 -53.21 -8.83 -54.63
N ASN J 217 -52.29 -9.03 -53.65
CA ASN J 217 -52.30 -10.05 -52.59
C ASN J 217 -53.37 -9.89 -51.53
N ASP J 218 -53.88 -8.66 -51.31
CA ASP J 218 -54.90 -8.37 -50.30
C ASP J 218 -56.26 -9.00 -50.62
N GLU J 219 -56.95 -9.47 -49.58
CA GLU J 219 -58.27 -10.09 -49.70
C GLU J 219 -59.33 -9.02 -49.69
N TRP J 220 -60.32 -9.18 -50.55
CA TRP J 220 -61.47 -8.27 -50.64
C TRP J 220 -62.72 -9.12 -50.76
N THR J 221 -63.68 -8.85 -49.89
CA THR J 221 -64.91 -9.61 -49.82
C THR J 221 -66.13 -8.69 -49.67
N GLN J 222 -66.15 -7.58 -50.46
CA GLN J 222 -67.24 -6.61 -50.42
C GLN J 222 -67.93 -6.36 -51.74
N ASP J 223 -69.16 -5.80 -51.66
CA ASP J 223 -70.00 -5.48 -52.82
C ASP J 223 -69.28 -4.45 -53.69
N ARG J 224 -68.79 -3.37 -53.06
CA ARG J 224 -68.06 -2.29 -53.72
C ARG J 224 -66.73 -2.75 -54.35
N ALA J 225 -66.23 -1.96 -55.31
CA ALA J 225 -64.98 -2.24 -56.00
C ALA J 225 -63.77 -2.23 -55.03
N LYS J 226 -62.83 -3.18 -55.21
CA LYS J 226 -61.61 -3.31 -54.41
C LYS J 226 -60.82 -2.01 -54.51
N PRO J 227 -60.59 -1.31 -53.37
CA PRO J 227 -59.87 -0.03 -53.41
C PRO J 227 -58.35 -0.22 -53.59
N VAL J 228 -57.98 -0.62 -54.80
CA VAL J 228 -56.59 -0.86 -55.21
C VAL J 228 -55.95 0.48 -55.53
N THR J 229 -54.60 0.45 -55.62
CA THR J 229 -53.73 1.51 -56.10
C THR J 229 -54.26 1.80 -57.48
N GLN J 230 -54.54 3.09 -57.78
CA GLN J 230 -55.16 3.51 -59.04
C GLN J 230 -55.04 5.01 -59.29
N ILE J 231 -55.45 5.43 -60.49
CA ILE J 231 -55.51 6.84 -60.89
C ILE J 231 -56.99 7.25 -61.01
N VAL J 232 -57.40 8.25 -60.25
CA VAL J 232 -58.74 8.81 -60.33
C VAL J 232 -58.54 10.23 -60.88
N SER J 233 -59.12 10.50 -62.06
CA SER J 233 -58.99 11.81 -62.68
C SER J 233 -60.32 12.52 -62.84
N ALA J 234 -60.23 13.83 -63.02
CA ALA J 234 -61.34 14.73 -63.23
C ALA J 234 -60.90 15.74 -64.29
N GLU J 235 -61.78 16.07 -65.25
CA GLU J 235 -61.43 17.02 -66.31
C GLU J 235 -62.43 18.15 -66.59
N ALA J 236 -61.99 19.13 -67.38
CA ALA J 236 -62.76 20.29 -67.79
C ALA J 236 -62.27 20.79 -69.16
N TRP J 237 -63.05 21.66 -69.80
CA TRP J 237 -62.72 22.29 -71.07
C TRP J 237 -62.98 23.79 -70.95
N GLY J 238 -62.24 24.58 -71.74
CA GLY J 238 -62.37 26.05 -71.77
C GLY J 238 -63.70 26.57 -72.30
N ARG J 239 -64.18 27.67 -71.73
CA ARG J 239 -65.45 28.31 -72.10
C ARG J 239 -65.29 29.83 -72.19
N ALA J 240 -65.87 30.45 -73.25
CA ALA J 240 -65.83 31.90 -73.46
C ALA J 240 -66.78 32.66 -72.53
#